data_1YWU
#
_entry.id   1YWU
#
_cell.length_a   1.000
_cell.length_b   1.000
_cell.length_c   1.000
_cell.angle_alpha   90.00
_cell.angle_beta   90.00
_cell.angle_gamma   90.00
#
_symmetry.space_group_name_H-M   'P 1'
#
_entity_poly.entity_id   1
_entity_poly.type   'polypeptide(L)'
_entity_poly.pdbx_seq_one_letter_code
;MGSSHHHHHHSSGRENLYFQGHMSDQHDERRRFHRIAFDADSEILQGERRWEVLLHDVSLHGILVGQPQDWNGDPQRPFE
ARLYLGLDVLIRMEISLAWARDGLLGFECQHIDLDSISHLRRLVELNLGDEELLERELALLVSAHDDGS
;
_entity_poly.pdbx_strand_id   A
#
# COMPACT_ATOMS: atom_id res chain seq x y z
N MET A 23 -4.18 -18.41 19.92
CA MET A 23 -3.05 -19.07 20.62
C MET A 23 -2.57 -18.17 21.76
N SER A 24 -1.91 -17.07 21.41
CA SER A 24 -1.44 -16.11 22.39
C SER A 24 -1.05 -14.79 21.72
N ASP A 25 -1.26 -13.68 22.42
CA ASP A 25 -0.88 -12.37 21.89
C ASP A 25 0.58 -12.08 22.19
N GLN A 26 0.93 -12.10 23.48
CA GLN A 26 2.29 -11.81 23.90
C GLN A 26 3.25 -12.86 23.36
N HIS A 27 4.02 -12.45 22.38
CA HIS A 27 4.92 -13.32 21.65
C HIS A 27 6.18 -12.57 21.26
N ASP A 28 6.03 -11.26 21.07
CA ASP A 28 7.13 -10.42 20.65
C ASP A 28 7.47 -9.42 21.76
N GLU A 29 8.69 -8.93 21.75
CA GLU A 29 9.10 -7.87 22.66
C GLU A 29 8.56 -6.55 22.13
N ARG A 30 8.57 -6.45 20.81
CA ARG A 30 7.97 -5.32 20.12
C ARG A 30 6.47 -5.54 20.00
N ARG A 31 5.79 -4.60 19.37
CA ARG A 31 4.40 -4.83 19.00
C ARG A 31 4.34 -5.09 17.50
N ARG A 32 3.69 -6.19 17.12
CA ARG A 32 3.55 -6.53 15.71
C ARG A 32 2.87 -5.38 15.00
N PHE A 33 3.27 -5.13 13.76
CA PHE A 33 2.79 -3.98 13.00
C PHE A 33 1.27 -3.89 13.00
N HIS A 34 0.76 -2.90 13.72
CA HIS A 34 -0.67 -2.61 13.75
C HIS A 34 -0.96 -1.52 12.73
N ARG A 35 -0.05 -1.42 11.77
CA ARG A 35 -0.16 -0.49 10.67
C ARG A 35 0.23 -1.24 9.40
N ILE A 36 -0.42 -0.92 8.29
CA ILE A 36 -0.17 -1.67 7.07
C ILE A 36 1.04 -1.11 6.33
N ALA A 37 2.20 -1.62 6.68
CA ALA A 37 3.45 -1.21 6.05
C ALA A 37 4.50 -2.29 6.30
N PHE A 38 4.78 -3.08 5.27
CA PHE A 38 5.67 -4.21 5.42
C PHE A 38 7.00 -3.94 4.76
N ASP A 39 8.02 -4.71 5.12
CA ASP A 39 9.31 -4.64 4.47
C ASP A 39 9.27 -5.49 3.21
N ALA A 40 8.72 -4.93 2.16
CA ALA A 40 8.54 -5.64 0.91
C ALA A 40 8.96 -4.78 -0.27
N ASP A 41 9.53 -5.39 -1.29
CA ASP A 41 9.89 -4.66 -2.50
C ASP A 41 8.62 -4.28 -3.26
N SER A 42 8.31 -3.01 -3.27
CA SER A 42 7.12 -2.52 -3.93
C SER A 42 7.47 -1.93 -5.28
N GLU A 43 7.10 -2.63 -6.35
CA GLU A 43 7.31 -2.12 -7.68
C GLU A 43 5.97 -1.77 -8.31
N ILE A 44 5.80 -0.51 -8.67
CA ILE A 44 4.65 -0.10 -9.44
C ILE A 44 5.08 0.06 -10.89
N LEU A 45 4.58 -0.82 -11.72
CA LEU A 45 5.00 -0.85 -13.11
C LEU A 45 3.81 -0.83 -14.04
N GLN A 46 4.10 -0.68 -15.31
CA GLN A 46 3.09 -0.75 -16.35
C GLN A 46 3.70 -1.48 -17.52
N GLY A 47 3.75 -2.81 -17.41
CA GLY A 47 4.34 -3.65 -18.43
C GLY A 47 5.83 -3.39 -18.63
N GLU A 48 6.13 -2.39 -19.45
CA GLU A 48 7.49 -2.09 -19.86
C GLU A 48 8.21 -1.18 -18.86
N ARG A 49 7.45 -0.34 -18.17
CA ARG A 49 8.05 0.70 -17.32
C ARG A 49 7.89 0.35 -15.85
N ARG A 50 9.00 0.30 -15.12
CA ARG A 50 8.98 -0.06 -13.71
C ARG A 50 9.37 1.13 -12.84
N TRP A 51 8.62 1.35 -11.77
CA TRP A 51 8.99 2.35 -10.77
C TRP A 51 8.94 1.74 -9.37
N GLU A 52 10.13 1.56 -8.79
CA GLU A 52 10.25 1.06 -7.43
C GLU A 52 9.83 2.14 -6.45
N VAL A 53 8.94 1.80 -5.52
CA VAL A 53 8.36 2.79 -4.63
C VAL A 53 8.27 2.24 -3.20
N LEU A 54 8.14 3.14 -2.23
CA LEU A 54 7.98 2.76 -0.83
C LEU A 54 6.50 2.75 -0.46
N LEU A 55 6.05 1.65 0.15
CA LEU A 55 4.67 1.50 0.55
C LEU A 55 4.44 2.20 1.90
N HIS A 56 3.31 2.89 2.01
CA HIS A 56 2.98 3.59 3.26
C HIS A 56 1.78 2.93 3.94
N ASP A 57 0.77 2.56 3.15
CA ASP A 57 -0.36 1.78 3.63
C ASP A 57 -1.14 1.21 2.45
N VAL A 58 -1.57 -0.03 2.56
CA VAL A 58 -2.31 -0.69 1.48
C VAL A 58 -3.56 -1.38 2.02
N SER A 59 -4.65 -1.32 1.28
CA SER A 59 -5.91 -1.86 1.74
C SER A 59 -6.72 -2.45 0.59
N LEU A 60 -7.97 -2.78 0.87
CA LEU A 60 -8.83 -3.46 -0.11
C LEU A 60 -9.49 -2.46 -1.05
N HIS A 61 -9.40 -1.18 -0.70
CA HIS A 61 -10.04 -0.13 -1.49
C HIS A 61 -9.00 0.70 -2.25
N GLY A 62 -7.76 0.64 -1.80
CA GLY A 62 -6.73 1.47 -2.39
C GLY A 62 -5.40 1.31 -1.69
N ILE A 63 -4.42 2.06 -2.15
CA ILE A 63 -3.08 1.98 -1.60
C ILE A 63 -2.39 3.34 -1.69
N LEU A 64 -1.76 3.74 -0.60
CA LEU A 64 -1.06 5.01 -0.56
C LEU A 64 0.44 4.78 -0.53
N VAL A 65 1.12 5.20 -1.58
CA VAL A 65 2.58 5.09 -1.65
C VAL A 65 3.20 6.48 -1.65
N GLY A 66 4.49 6.53 -1.45
CA GLY A 66 5.20 7.80 -1.44
C GLY A 66 6.32 7.82 -2.43
N GLN A 67 6.20 8.65 -3.46
CA GLN A 67 7.22 8.73 -4.49
C GLN A 67 7.98 10.04 -4.39
N PRO A 68 9.27 9.96 -4.05
CA PRO A 68 10.16 11.12 -4.02
C PRO A 68 10.62 11.51 -5.42
N GLN A 69 9.96 10.93 -6.41
CA GLN A 69 10.21 11.22 -7.81
C GLN A 69 8.91 11.07 -8.59
N ASP A 70 8.54 12.10 -9.34
CA ASP A 70 7.29 12.08 -10.09
C ASP A 70 7.50 11.47 -11.47
N TRP A 71 6.61 10.57 -11.85
CA TRP A 71 6.69 9.90 -13.15
C TRP A 71 5.92 10.69 -14.21
N ASN A 72 4.81 10.13 -14.70
CA ASN A 72 3.95 10.84 -15.64
C ASN A 72 2.83 11.50 -14.86
N GLY A 73 1.98 10.68 -14.26
CA GLY A 73 0.93 11.22 -13.42
C GLY A 73 -0.36 11.32 -14.20
N ASP A 74 -0.86 10.16 -14.60
CA ASP A 74 -2.04 10.10 -15.43
C ASP A 74 -3.00 9.06 -14.88
N PRO A 75 -4.13 9.50 -14.32
CA PRO A 75 -5.15 8.61 -13.74
C PRO A 75 -5.84 7.74 -14.79
N GLN A 76 -5.60 8.03 -16.07
CA GLN A 76 -6.18 7.25 -17.14
C GLN A 76 -5.29 6.03 -17.39
N ARG A 77 -4.09 6.08 -16.83
CA ARG A 77 -3.13 5.01 -16.94
C ARG A 77 -3.18 4.09 -15.72
N PRO A 78 -3.66 2.86 -15.91
CA PRO A 78 -3.70 1.86 -14.84
C PRO A 78 -2.30 1.38 -14.48
N PHE A 79 -2.08 1.12 -13.20
CA PHE A 79 -0.76 0.78 -12.71
C PHE A 79 -0.77 -0.58 -12.03
N GLU A 80 0.38 -1.25 -12.04
CA GLU A 80 0.51 -2.56 -11.43
C GLU A 80 1.29 -2.46 -10.13
N ALA A 81 0.75 -2.99 -9.06
CA ALA A 81 1.44 -2.99 -7.79
C ALA A 81 1.90 -4.39 -7.43
N ARG A 82 3.19 -4.62 -7.52
CA ARG A 82 3.75 -5.91 -7.20
C ARG A 82 4.55 -5.83 -5.91
N LEU A 83 4.08 -6.55 -4.90
CA LEU A 83 4.68 -6.51 -3.57
C LEU A 83 5.43 -7.80 -3.30
N TYR A 84 6.76 -7.73 -3.33
CA TYR A 84 7.57 -8.88 -3.00
C TYR A 84 7.77 -8.96 -1.49
N LEU A 85 6.92 -9.73 -0.83
CA LEU A 85 7.05 -9.92 0.60
C LEU A 85 8.17 -10.92 0.84
N GLY A 86 8.41 -11.72 -0.18
CA GLY A 86 9.51 -12.63 -0.22
C GLY A 86 9.64 -13.18 -1.61
N LEU A 87 10.74 -13.85 -1.91
CA LEU A 87 10.94 -14.44 -3.22
C LEU A 87 9.80 -15.41 -3.54
N ASP A 88 9.41 -16.20 -2.55
CA ASP A 88 8.35 -17.18 -2.72
C ASP A 88 7.00 -16.61 -2.31
N VAL A 89 7.00 -15.42 -1.71
CA VAL A 89 5.77 -14.81 -1.24
C VAL A 89 5.48 -13.54 -2.03
N LEU A 90 4.70 -13.68 -3.09
CA LEU A 90 4.42 -12.56 -3.97
C LEU A 90 2.96 -12.10 -3.84
N ILE A 91 2.79 -10.83 -3.51
CA ILE A 91 1.47 -10.23 -3.48
C ILE A 91 1.30 -9.35 -4.73
N ARG A 92 0.18 -9.50 -5.42
CA ARG A 92 -0.04 -8.77 -6.66
C ARG A 92 -1.44 -8.16 -6.71
N MET A 93 -1.54 -6.98 -7.30
CA MET A 93 -2.81 -6.28 -7.37
C MET A 93 -2.81 -5.25 -8.51
N GLU A 94 -3.82 -5.32 -9.36
CA GLU A 94 -3.99 -4.33 -10.43
C GLU A 94 -4.74 -3.12 -9.88
N ILE A 95 -4.16 -1.94 -10.05
CA ILE A 95 -4.72 -0.73 -9.50
C ILE A 95 -4.75 0.38 -10.55
N SER A 96 -5.38 1.49 -10.21
CA SER A 96 -5.34 2.68 -11.06
C SER A 96 -5.02 3.90 -10.22
N LEU A 97 -4.31 4.85 -10.80
CA LEU A 97 -3.93 6.06 -10.11
C LEU A 97 -5.16 6.93 -9.87
N ALA A 98 -5.54 7.08 -8.61
CA ALA A 98 -6.69 7.89 -8.26
C ALA A 98 -6.29 9.35 -8.09
N TRP A 99 -5.24 9.60 -7.31
CA TRP A 99 -4.75 10.94 -7.10
C TRP A 99 -3.28 10.95 -6.69
N ALA A 100 -2.54 11.92 -7.22
CA ALA A 100 -1.16 12.15 -6.82
C ALA A 100 -1.03 13.56 -6.26
N ARG A 101 -0.58 13.67 -5.02
CA ARG A 101 -0.58 14.96 -4.34
C ARG A 101 0.56 15.06 -3.31
N ASP A 102 1.51 15.95 -3.58
CA ASP A 102 2.60 16.27 -2.64
C ASP A 102 3.53 15.09 -2.41
N GLY A 103 3.62 14.20 -3.38
CA GLY A 103 4.50 13.05 -3.25
C GLY A 103 3.78 11.83 -2.74
N LEU A 104 2.55 12.03 -2.28
CA LEU A 104 1.70 10.93 -1.87
C LEU A 104 0.77 10.55 -3.00
N LEU A 105 0.84 9.30 -3.41
CA LEU A 105 0.01 8.83 -4.50
C LEU A 105 -0.96 7.77 -4.01
N GLY A 106 -2.23 8.11 -4.06
CA GLY A 106 -3.27 7.20 -3.66
C GLY A 106 -3.88 6.50 -4.85
N PHE A 107 -3.69 5.20 -4.91
CA PHE A 107 -4.25 4.41 -6.00
C PHE A 107 -5.52 3.73 -5.55
N GLU A 108 -6.40 3.45 -6.49
CA GLU A 108 -7.63 2.73 -6.21
C GLU A 108 -7.50 1.30 -6.69
N CYS A 109 -7.92 0.37 -5.85
CA CYS A 109 -7.81 -1.04 -6.16
C CYS A 109 -8.87 -1.47 -7.17
N GLN A 110 -8.45 -2.19 -8.19
CA GLN A 110 -9.37 -2.71 -9.19
C GLN A 110 -9.47 -4.22 -9.10
N HIS A 111 -8.32 -4.89 -9.15
CA HIS A 111 -8.30 -6.34 -9.13
C HIS A 111 -7.17 -6.86 -8.25
N ILE A 112 -7.49 -7.22 -7.04
CA ILE A 112 -6.52 -7.87 -6.17
C ILE A 112 -6.77 -9.37 -6.23
N ASP A 113 -5.73 -10.13 -6.57
CA ASP A 113 -5.86 -11.57 -6.74
C ASP A 113 -6.31 -12.23 -5.44
N LEU A 114 -7.09 -13.31 -5.58
CA LEU A 114 -7.63 -14.01 -4.42
C LEU A 114 -6.54 -14.53 -3.51
N ASP A 115 -5.52 -15.12 -4.10
CA ASP A 115 -4.40 -15.66 -3.34
C ASP A 115 -3.59 -14.52 -2.74
N SER A 116 -3.49 -13.44 -3.50
CA SER A 116 -2.87 -12.21 -3.04
C SER A 116 -3.56 -11.70 -1.77
N ILE A 117 -4.89 -11.59 -1.82
CA ILE A 117 -5.68 -11.19 -0.65
C ILE A 117 -5.47 -12.18 0.50
N SER A 118 -5.40 -13.45 0.15
CA SER A 118 -5.20 -14.50 1.13
C SER A 118 -3.89 -14.29 1.90
N HIS A 119 -2.85 -13.85 1.20
CA HIS A 119 -1.57 -13.55 1.85
C HIS A 119 -1.68 -12.30 2.70
N LEU A 120 -2.27 -11.26 2.11
CA LEU A 120 -2.41 -9.96 2.77
C LEU A 120 -3.18 -10.08 4.08
N ARG A 121 -4.37 -10.66 4.01
CA ARG A 121 -5.23 -10.78 5.18
C ARG A 121 -4.61 -11.70 6.22
N ARG A 122 -3.95 -12.77 5.77
CA ARG A 122 -3.28 -13.69 6.68
C ARG A 122 -2.17 -12.99 7.45
N LEU A 123 -1.44 -12.11 6.78
CA LEU A 123 -0.36 -11.36 7.43
C LEU A 123 -0.93 -10.41 8.48
N VAL A 124 -2.04 -9.75 8.15
CA VAL A 124 -2.71 -8.87 9.10
C VAL A 124 -3.22 -9.65 10.30
N GLU A 125 -3.84 -10.80 10.02
CA GLU A 125 -4.34 -11.70 11.06
C GLU A 125 -3.20 -12.16 11.97
N LEU A 126 -2.11 -12.56 11.35
CA LEU A 126 -0.93 -13.08 12.04
C LEU A 126 -0.41 -12.06 13.05
N ASN A 127 -0.30 -10.81 12.61
CA ASN A 127 0.24 -9.74 13.45
C ASN A 127 -0.81 -9.22 14.42
N LEU A 128 -2.08 -9.55 14.14
CA LEU A 128 -3.21 -8.97 14.85
C LEU A 128 -3.19 -7.46 14.70
N GLY A 129 -3.12 -7.02 13.45
CA GLY A 129 -3.10 -5.60 13.15
C GLY A 129 -4.48 -5.02 12.96
N ASP A 130 -5.50 -5.88 13.08
CA ASP A 130 -6.89 -5.50 12.89
C ASP A 130 -7.22 -5.24 11.43
N GLU A 131 -8.17 -6.01 10.92
CA GLU A 131 -8.64 -5.83 9.55
C GLU A 131 -9.35 -4.49 9.40
N GLU A 132 -9.56 -3.82 10.54
CA GLU A 132 -10.11 -2.47 10.58
C GLU A 132 -9.36 -1.53 9.64
N LEU A 133 -8.05 -1.73 9.55
CA LEU A 133 -7.20 -0.89 8.71
C LEU A 133 -7.58 -1.01 7.24
N LEU A 134 -8.04 -2.19 6.86
CA LEU A 134 -8.38 -2.46 5.47
C LEU A 134 -9.76 -1.89 5.14
N GLU A 135 -10.52 -1.55 6.18
CA GLU A 135 -11.92 -1.18 6.02
C GLU A 135 -12.15 0.34 6.07
N ARG A 136 -11.07 1.12 5.98
CA ARG A 136 -11.20 2.57 5.94
C ARG A 136 -11.66 3.01 4.54
N GLU A 137 -11.48 4.28 4.24
CA GLU A 137 -11.72 4.83 2.91
C GLU A 137 -10.42 5.49 2.45
N LEU A 138 -10.14 5.47 1.14
CA LEU A 138 -8.86 5.97 0.62
C LEU A 138 -8.56 7.40 1.09
N ALA A 139 -9.59 8.24 1.17
CA ALA A 139 -9.43 9.61 1.66
C ALA A 139 -9.06 9.64 3.15
N LEU A 140 -9.27 8.51 3.83
CA LEU A 140 -8.94 8.39 5.24
C LEU A 140 -7.51 7.88 5.41
N LEU A 141 -6.94 7.34 4.34
CA LEU A 141 -5.60 6.77 4.40
C LEU A 141 -4.53 7.83 4.19
N VAL A 142 -3.89 8.21 5.29
CA VAL A 142 -2.87 9.24 5.28
C VAL A 142 -1.53 8.61 5.63
N SER A 143 -0.44 9.33 5.41
CA SER A 143 0.89 8.83 5.71
C SER A 143 1.11 8.72 7.22
N ALA A 144 2.22 8.12 7.61
CA ALA A 144 2.56 7.90 9.01
C ALA A 144 2.63 9.23 9.77
N HIS A 145 2.95 10.30 9.05
CA HIS A 145 2.92 11.63 9.63
C HIS A 145 1.71 12.39 9.09
N ASP A 146 0.98 13.04 9.98
CA ASP A 146 -0.19 13.79 9.56
C ASP A 146 -0.04 15.24 9.97
N ASP A 147 -0.42 16.13 9.07
CA ASP A 147 -0.28 17.56 9.31
C ASP A 147 -1.64 18.17 9.61
N MET A 23 7.38 10.58 34.01
CA MET A 23 7.35 11.91 34.68
C MET A 23 8.71 12.58 34.58
N SER A 24 9.75 11.79 34.36
CA SER A 24 11.09 12.32 34.12
C SER A 24 11.30 12.58 32.63
N ASP A 25 10.19 12.64 31.91
CA ASP A 25 10.20 12.86 30.47
C ASP A 25 10.64 14.28 30.17
N GLN A 26 11.75 14.40 29.45
CA GLN A 26 12.28 15.72 29.11
C GLN A 26 11.45 16.34 28.00
N HIS A 27 11.41 15.69 26.86
CA HIS A 27 10.56 16.13 25.76
C HIS A 27 9.90 14.92 25.13
N ASP A 28 8.74 14.55 25.66
CA ASP A 28 8.02 13.37 25.17
C ASP A 28 7.26 13.67 23.90
N GLU A 29 7.69 13.05 22.81
CA GLU A 29 7.02 13.17 21.53
C GLU A 29 5.89 12.15 21.42
N ARG A 30 5.84 11.24 22.39
CA ARG A 30 4.83 10.19 22.46
C ARG A 30 4.99 9.17 21.33
N ARG A 31 5.14 7.91 21.73
CA ARG A 31 5.23 6.81 20.79
C ARG A 31 3.95 6.72 19.96
N ARG A 32 4.10 6.76 18.64
CA ARG A 32 2.95 6.78 17.76
C ARG A 32 2.60 5.37 17.29
N PHE A 33 1.43 5.23 16.68
CA PHE A 33 0.96 3.93 16.21
C PHE A 33 1.49 3.65 14.81
N HIS A 34 2.07 2.48 14.63
CA HIS A 34 2.63 2.08 13.34
C HIS A 34 1.52 1.78 12.33
N ARG A 35 1.52 2.52 11.23
CA ARG A 35 0.58 2.29 10.14
C ARG A 35 0.86 0.93 9.50
N ILE A 36 -0.06 0.47 8.64
CA ILE A 36 0.12 -0.81 7.99
C ILE A 36 1.14 -0.68 6.85
N ALA A 37 2.39 -0.87 7.21
CA ALA A 37 3.49 -0.77 6.27
C ALA A 37 4.47 -1.89 6.52
N PHE A 38 4.40 -2.91 5.69
CA PHE A 38 5.26 -4.08 5.84
C PHE A 38 6.65 -3.75 5.32
N ASP A 39 7.60 -4.63 5.62
CA ASP A 39 8.94 -4.53 5.05
C ASP A 39 8.90 -5.14 3.64
N ALA A 40 7.88 -4.73 2.90
CA ALA A 40 7.60 -5.28 1.59
C ALA A 40 8.19 -4.39 0.50
N ASP A 41 8.67 -5.00 -0.57
CA ASP A 41 9.17 -4.25 -1.71
C ASP A 41 8.04 -4.04 -2.71
N SER A 42 7.72 -2.78 -2.95
CA SER A 42 6.61 -2.44 -3.83
C SER A 42 7.13 -1.90 -5.15
N GLU A 43 6.89 -2.62 -6.23
CA GLU A 43 7.27 -2.14 -7.55
C GLU A 43 6.04 -1.70 -8.32
N ILE A 44 6.11 -0.50 -8.88
CA ILE A 44 5.06 -0.02 -9.76
C ILE A 44 5.48 -0.27 -11.20
N LEU A 45 4.73 -1.11 -11.87
CA LEU A 45 5.08 -1.52 -13.22
C LEU A 45 4.22 -0.77 -14.23
N GLN A 46 4.85 -0.28 -15.28
CA GLN A 46 4.12 0.28 -16.40
C GLN A 46 4.39 -0.56 -17.63
N GLY A 47 3.73 -1.71 -17.70
CA GLY A 47 3.96 -2.62 -18.81
C GLY A 47 5.27 -3.36 -18.68
N GLU A 48 6.37 -2.66 -18.92
CA GLU A 48 7.69 -3.26 -18.90
C GLU A 48 8.59 -2.61 -17.84
N ARG A 49 8.43 -1.30 -17.67
CA ARG A 49 9.33 -0.56 -16.81
C ARG A 49 8.81 -0.53 -15.38
N ARG A 50 9.68 -0.86 -14.42
CA ARG A 50 9.29 -0.93 -13.02
C ARG A 50 9.96 0.16 -12.19
N TRP A 51 9.21 0.72 -11.26
CA TRP A 51 9.73 1.69 -10.32
C TRP A 51 9.45 1.25 -8.89
N GLU A 52 10.49 0.88 -8.16
CA GLU A 52 10.35 0.55 -6.75
C GLU A 52 9.98 1.80 -5.96
N VAL A 53 8.84 1.74 -5.29
CA VAL A 53 8.30 2.87 -4.56
C VAL A 53 8.24 2.57 -3.06
N LEU A 54 8.14 3.61 -2.25
CA LEU A 54 8.05 3.43 -0.80
C LEU A 54 6.61 3.30 -0.35
N LEU A 55 6.28 2.16 0.25
CA LEU A 55 4.95 1.93 0.78
C LEU A 55 4.72 2.79 2.03
N HIS A 56 3.49 3.24 2.23
CA HIS A 56 3.13 3.99 3.43
C HIS A 56 1.90 3.39 4.10
N ASP A 57 0.90 3.06 3.29
CA ASP A 57 -0.31 2.42 3.79
C ASP A 57 -0.92 1.59 2.66
N VAL A 58 -1.40 0.40 2.99
CA VAL A 58 -2.00 -0.47 1.99
C VAL A 58 -3.27 -1.12 2.54
N SER A 59 -4.29 -1.25 1.71
CA SER A 59 -5.57 -1.75 2.18
C SER A 59 -6.35 -2.47 1.07
N LEU A 60 -7.61 -2.77 1.35
CA LEU A 60 -8.43 -3.61 0.46
C LEU A 60 -9.17 -2.75 -0.56
N HIS A 61 -8.78 -1.50 -0.63
CA HIS A 61 -9.44 -0.54 -1.52
C HIS A 61 -8.40 0.36 -2.19
N GLY A 62 -7.16 -0.10 -2.20
CA GLY A 62 -6.11 0.68 -2.83
C GLY A 62 -4.83 0.68 -2.04
N ILE A 63 -3.95 1.61 -2.36
CA ILE A 63 -2.62 1.65 -1.76
C ILE A 63 -2.04 3.06 -1.87
N LEU A 64 -1.38 3.50 -0.81
CA LEU A 64 -0.81 4.83 -0.73
C LEU A 64 0.72 4.75 -0.65
N VAL A 65 1.40 5.29 -1.65
CA VAL A 65 2.86 5.24 -1.68
C VAL A 65 3.45 6.64 -1.86
N GLY A 66 4.77 6.72 -1.71
CA GLY A 66 5.46 7.99 -1.92
C GLY A 66 6.38 7.92 -3.11
N GLN A 67 5.99 8.57 -4.21
CA GLN A 67 6.72 8.44 -5.46
C GLN A 67 7.18 9.81 -5.98
N PRO A 68 8.49 10.05 -5.97
CA PRO A 68 9.08 11.27 -6.53
C PRO A 68 9.16 11.23 -8.06
N GLN A 69 8.05 10.84 -8.68
CA GLN A 69 8.01 10.69 -10.13
C GLN A 69 6.73 11.30 -10.67
N ASP A 70 6.85 12.17 -11.67
CA ASP A 70 5.71 12.90 -12.23
C ASP A 70 4.88 12.01 -13.16
N TRP A 71 5.05 10.70 -13.02
CA TRP A 71 4.40 9.71 -13.86
C TRP A 71 4.97 9.72 -15.27
N ASN A 72 5.03 8.54 -15.88
CA ASN A 72 5.64 8.36 -17.20
C ASN A 72 4.83 9.06 -18.29
N GLY A 73 3.54 9.22 -18.05
CA GLY A 73 2.71 9.91 -19.01
C GLY A 73 1.68 10.79 -18.34
N ASP A 74 0.61 10.17 -17.87
CA ASP A 74 -0.50 10.89 -17.28
C ASP A 74 -1.22 9.99 -16.28
N PRO A 75 -1.93 10.60 -15.32
CA PRO A 75 -2.59 9.87 -14.23
C PRO A 75 -3.99 9.34 -14.58
N GLN A 76 -4.16 8.81 -15.79
CA GLN A 76 -5.44 8.22 -16.17
C GLN A 76 -5.17 6.82 -16.69
N ARG A 77 -3.91 6.47 -16.61
CA ARG A 77 -3.37 5.29 -17.21
C ARG A 77 -3.23 4.18 -16.17
N PRO A 78 -3.60 2.95 -16.52
CA PRO A 78 -3.53 1.80 -15.62
C PRO A 78 -2.12 1.59 -15.06
N PHE A 79 -2.04 1.41 -13.75
CA PHE A 79 -0.77 1.21 -13.08
C PHE A 79 -0.74 -0.19 -12.46
N GLU A 80 0.44 -0.77 -12.31
CA GLU A 80 0.58 -2.11 -11.77
C GLU A 80 1.35 -2.10 -10.47
N ALA A 81 0.86 -2.84 -9.48
CA ALA A 81 1.54 -2.93 -8.19
C ALA A 81 1.98 -4.36 -7.92
N ARG A 82 3.27 -4.53 -7.65
CA ARG A 82 3.82 -5.84 -7.34
C ARG A 82 4.54 -5.80 -5.99
N LEU A 83 3.97 -6.50 -5.01
CA LEU A 83 4.48 -6.49 -3.65
C LEU A 83 5.26 -7.75 -3.31
N TYR A 84 6.49 -7.57 -2.84
CA TYR A 84 7.32 -8.69 -2.42
C TYR A 84 7.32 -8.83 -0.91
N LEU A 85 6.72 -9.91 -0.41
CA LEU A 85 6.77 -10.22 1.01
C LEU A 85 7.75 -11.36 1.24
N GLY A 86 7.94 -12.18 0.22
CA GLY A 86 8.85 -13.29 0.30
C GLY A 86 8.98 -13.98 -1.04
N LEU A 87 9.59 -15.14 -1.04
CA LEU A 87 9.76 -15.91 -2.27
C LEU A 87 8.47 -16.61 -2.64
N ASP A 88 7.68 -16.96 -1.64
CA ASP A 88 6.40 -17.61 -1.86
C ASP A 88 5.28 -16.57 -1.89
N VAL A 89 5.47 -15.51 -1.12
CA VAL A 89 4.43 -14.49 -0.98
C VAL A 89 4.65 -13.34 -1.96
N LEU A 90 4.03 -13.46 -3.12
CA LEU A 90 4.08 -12.41 -4.12
C LEU A 90 2.67 -11.87 -4.36
N ILE A 91 2.49 -10.58 -4.10
CA ILE A 91 1.18 -9.96 -4.22
C ILE A 91 1.09 -9.11 -5.48
N ARG A 92 0.02 -9.27 -6.22
CA ARG A 92 -0.21 -8.52 -7.45
C ARG A 92 -1.60 -7.89 -7.42
N MET A 93 -1.71 -6.67 -7.94
CA MET A 93 -3.00 -5.98 -7.97
C MET A 93 -3.05 -4.95 -9.10
N GLU A 94 -4.16 -4.95 -9.84
CA GLU A 94 -4.37 -3.97 -10.89
C GLU A 94 -4.92 -2.70 -10.27
N ILE A 95 -4.30 -1.57 -10.54
CA ILE A 95 -4.69 -0.33 -9.88
C ILE A 95 -4.74 0.85 -10.85
N SER A 96 -5.64 1.77 -10.59
CA SER A 96 -5.70 3.03 -11.32
C SER A 96 -5.52 4.19 -10.35
N LEU A 97 -4.64 5.12 -10.65
CA LEU A 97 -4.40 6.24 -9.76
C LEU A 97 -5.65 7.11 -9.63
N ALA A 98 -6.20 7.16 -8.43
CA ALA A 98 -7.39 7.96 -8.17
C ALA A 98 -7.09 9.02 -7.13
N TRP A 99 -5.90 8.95 -6.56
CA TRP A 99 -5.50 9.86 -5.49
C TRP A 99 -4.12 10.37 -5.77
N ALA A 100 -3.93 11.60 -5.39
CA ALA A 100 -2.67 12.31 -5.62
C ALA A 100 -2.59 13.52 -4.71
N ARG A 101 -1.78 13.39 -3.66
CA ARG A 101 -1.59 14.47 -2.71
C ARG A 101 -0.11 14.77 -2.51
N ASP A 102 0.38 15.72 -3.31
CA ASP A 102 1.76 16.19 -3.23
C ASP A 102 2.76 15.11 -3.62
N GLY A 103 3.14 14.27 -2.66
CA GLY A 103 4.05 13.18 -2.93
C GLY A 103 3.44 11.84 -2.57
N LEU A 104 2.26 11.88 -1.98
CA LEU A 104 1.55 10.67 -1.60
C LEU A 104 0.54 10.33 -2.69
N LEU A 105 0.76 9.18 -3.32
CA LEU A 105 -0.08 8.76 -4.43
C LEU A 105 -0.94 7.59 -4.02
N GLY A 106 -2.24 7.71 -4.28
CA GLY A 106 -3.17 6.68 -3.89
C GLY A 106 -3.81 6.03 -5.09
N PHE A 107 -3.72 4.72 -5.15
CA PHE A 107 -4.29 3.98 -6.26
C PHE A 107 -5.58 3.29 -5.83
N GLU A 108 -6.52 3.21 -6.73
CA GLU A 108 -7.74 2.46 -6.52
C GLU A 108 -7.57 1.07 -7.09
N CYS A 109 -7.80 0.05 -6.28
CA CYS A 109 -7.64 -1.32 -6.71
C CYS A 109 -8.79 -1.74 -7.63
N GLN A 110 -8.45 -2.00 -8.88
CA GLN A 110 -9.45 -2.46 -9.83
C GLN A 110 -9.65 -3.96 -9.66
N HIS A 111 -8.57 -4.66 -9.38
CA HIS A 111 -8.64 -6.09 -9.10
C HIS A 111 -7.40 -6.55 -8.37
N ILE A 112 -7.59 -7.08 -7.17
CA ILE A 112 -6.50 -7.70 -6.45
C ILE A 112 -6.66 -9.21 -6.57
N ASP A 113 -5.57 -9.90 -6.89
CA ASP A 113 -5.60 -11.34 -6.98
C ASP A 113 -6.07 -11.96 -5.67
N LEU A 114 -7.06 -12.84 -5.76
CA LEU A 114 -7.72 -13.40 -4.58
C LEU A 114 -6.74 -14.16 -3.69
N ASP A 115 -5.78 -14.84 -4.31
CA ASP A 115 -4.78 -15.58 -3.56
C ASP A 115 -3.86 -14.60 -2.84
N SER A 116 -3.51 -13.53 -3.55
CA SER A 116 -2.71 -12.46 -2.99
C SER A 116 -3.43 -11.80 -1.80
N ILE A 117 -4.74 -11.60 -1.95
CA ILE A 117 -5.56 -11.06 -0.87
C ILE A 117 -5.49 -11.94 0.38
N SER A 118 -5.58 -13.24 0.15
CA SER A 118 -5.52 -14.21 1.24
C SER A 118 -4.19 -14.08 1.99
N HIS A 119 -3.09 -14.03 1.25
CA HIS A 119 -1.76 -13.91 1.85
C HIS A 119 -1.62 -12.58 2.58
N LEU A 120 -2.18 -11.53 1.99
CA LEU A 120 -2.13 -10.20 2.56
C LEU A 120 -2.76 -10.17 3.94
N ARG A 121 -4.03 -10.54 4.03
CA ARG A 121 -4.75 -10.48 5.29
C ARG A 121 -4.18 -11.50 6.28
N ARG A 122 -3.75 -12.65 5.77
CA ARG A 122 -3.20 -13.69 6.62
C ARG A 122 -1.94 -13.20 7.34
N LEU A 123 -1.12 -12.43 6.63
CA LEU A 123 0.08 -11.85 7.20
C LEU A 123 -0.29 -10.80 8.25
N VAL A 124 -1.38 -10.08 8.00
CA VAL A 124 -1.88 -9.10 8.94
C VAL A 124 -2.36 -9.78 10.22
N GLU A 125 -3.07 -10.89 10.04
CA GLU A 125 -3.55 -11.72 11.16
C GLU A 125 -2.37 -12.16 12.01
N LEU A 126 -1.31 -12.64 11.36
CA LEU A 126 -0.11 -13.12 12.05
C LEU A 126 0.51 -12.02 12.90
N ASN A 127 0.43 -10.78 12.43
CA ASN A 127 1.06 -9.67 13.13
C ASN A 127 0.08 -8.97 14.06
N LEU A 128 -1.13 -9.53 14.18
CA LEU A 128 -2.17 -8.97 15.04
C LEU A 128 -2.50 -7.55 14.64
N GLY A 129 -2.40 -7.27 13.35
CA GLY A 129 -2.74 -5.96 12.85
C GLY A 129 -4.23 -5.77 12.79
N ASP A 130 -4.76 -4.98 13.72
CA ASP A 130 -6.16 -4.56 13.69
C ASP A 130 -6.65 -4.32 12.26
N GLU A 131 -7.63 -5.12 11.87
CA GLU A 131 -8.10 -5.14 10.49
C GLU A 131 -8.89 -3.88 10.13
N GLU A 132 -9.00 -2.96 11.09
CA GLU A 132 -9.66 -1.69 10.87
C GLU A 132 -8.98 -0.96 9.71
N LEU A 133 -7.67 -1.18 9.58
CA LEU A 133 -6.86 -0.54 8.56
C LEU A 133 -7.26 -1.01 7.17
N LEU A 134 -7.86 -2.19 7.09
CA LEU A 134 -8.21 -2.78 5.81
C LEU A 134 -9.60 -2.36 5.34
N GLU A 135 -10.42 -1.90 6.28
CA GLU A 135 -11.82 -1.62 5.97
C GLU A 135 -12.09 -0.13 5.93
N ARG A 136 -11.04 0.67 5.76
CA ARG A 136 -11.19 2.12 5.68
C ARG A 136 -11.53 2.52 4.24
N GLU A 137 -11.49 3.81 3.97
CA GLU A 137 -11.63 4.32 2.62
C GLU A 137 -10.31 4.98 2.23
N LEU A 138 -10.00 5.06 0.94
CA LEU A 138 -8.78 5.74 0.49
C LEU A 138 -8.74 7.17 1.01
N ALA A 139 -9.90 7.81 1.09
CA ALA A 139 -10.00 9.16 1.68
C ALA A 139 -9.56 9.17 3.14
N LEU A 140 -9.55 8.00 3.77
CA LEU A 140 -9.16 7.88 5.17
C LEU A 140 -7.72 7.40 5.29
N LEU A 141 -7.10 7.09 4.15
CA LEU A 141 -5.73 6.63 4.14
C LEU A 141 -4.78 7.79 3.90
N VAL A 142 -4.38 8.42 4.99
CA VAL A 142 -3.50 9.56 4.93
C VAL A 142 -2.05 9.10 5.10
N SER A 143 -1.11 9.99 4.82
CA SER A 143 0.31 9.70 4.96
C SER A 143 0.68 9.37 6.41
N ALA A 144 1.92 8.93 6.63
CA ALA A 144 2.38 8.52 7.97
C ALA A 144 2.02 9.57 9.01
N HIS A 145 2.14 10.83 8.63
CA HIS A 145 1.60 11.91 9.42
C HIS A 145 0.66 12.72 8.55
N ASP A 146 -0.28 13.40 9.17
CA ASP A 146 -1.13 14.32 8.45
C ASP A 146 -0.54 15.72 8.57
N ASP A 147 0.07 15.97 9.71
CA ASP A 147 0.76 17.22 9.97
C ASP A 147 1.71 17.04 11.15
N MET A 23 26.13 18.68 24.24
CA MET A 23 26.38 17.22 24.29
C MET A 23 25.20 16.47 23.70
N SER A 24 25.37 15.99 22.48
CA SER A 24 24.35 15.18 21.84
C SER A 24 24.65 13.71 22.02
N ASP A 25 24.30 13.19 23.19
CA ASP A 25 24.47 11.78 23.49
C ASP A 25 23.10 11.11 23.44
N GLN A 26 22.12 11.87 22.97
CA GLN A 26 20.73 11.42 22.95
C GLN A 26 20.58 10.09 22.22
N HIS A 27 19.94 9.14 22.88
CA HIS A 27 19.80 7.80 22.33
C HIS A 27 18.34 7.43 22.17
N ASP A 28 17.45 8.26 22.69
CA ASP A 28 16.02 8.01 22.55
C ASP A 28 15.53 8.53 21.21
N GLU A 29 15.58 7.67 20.21
CA GLU A 29 15.03 7.98 18.90
C GLU A 29 13.56 7.62 18.87
N ARG A 30 13.25 6.45 19.43
CA ARG A 30 11.87 5.94 19.52
C ARG A 30 11.20 6.01 18.16
N ARG A 31 11.35 4.95 17.38
CA ARG A 31 10.89 4.92 16.00
C ARG A 31 9.36 4.89 15.92
N ARG A 32 8.72 4.48 17.02
CA ARG A 32 7.26 4.34 17.10
C ARG A 32 6.77 3.20 16.20
N PHE A 33 5.53 2.80 16.43
CA PHE A 33 4.84 1.90 15.52
C PHE A 33 3.86 2.73 14.71
N HIS A 34 4.19 2.96 13.45
CA HIS A 34 3.46 3.91 12.62
C HIS A 34 2.15 3.30 12.09
N ARG A 35 2.21 2.74 10.89
CA ARG A 35 1.01 2.27 10.22
C ARG A 35 1.36 1.08 9.32
N ILE A 36 0.56 0.85 8.29
CA ILE A 36 0.80 -0.27 7.38
C ILE A 36 2.10 -0.09 6.61
N ALA A 37 3.15 -0.68 7.13
CA ALA A 37 4.46 -0.64 6.49
C ALA A 37 5.26 -1.88 6.90
N PHE A 38 5.35 -2.83 5.98
CA PHE A 38 6.06 -4.07 6.25
C PHE A 38 7.19 -4.26 5.25
N ASP A 39 8.08 -5.21 5.53
CA ASP A 39 9.24 -5.43 4.68
C ASP A 39 8.88 -6.22 3.44
N ALA A 40 8.38 -5.53 2.45
CA ALA A 40 8.10 -6.11 1.16
C ALA A 40 8.60 -5.19 0.06
N ASP A 41 9.21 -5.77 -0.96
CA ASP A 41 9.72 -4.98 -2.07
C ASP A 41 8.54 -4.52 -2.93
N SER A 42 8.31 -3.22 -2.97
CA SER A 42 7.16 -2.68 -3.65
C SER A 42 7.53 -1.98 -4.95
N GLU A 43 7.10 -2.55 -6.06
CA GLU A 43 7.32 -1.96 -7.37
C GLU A 43 5.99 -1.66 -8.06
N ILE A 44 5.85 -0.45 -8.57
CA ILE A 44 4.69 -0.10 -9.38
C ILE A 44 5.11 -0.06 -10.84
N LEU A 45 4.66 -1.06 -11.59
CA LEU A 45 5.01 -1.17 -12.99
C LEU A 45 3.80 -0.94 -13.87
N GLN A 46 4.06 -0.46 -15.07
CA GLN A 46 3.01 -0.20 -16.05
C GLN A 46 3.37 -0.93 -17.33
N GLY A 47 4.29 -1.88 -17.22
CA GLY A 47 4.80 -2.56 -18.39
C GLY A 47 5.86 -1.75 -19.11
N GLU A 48 5.60 -0.45 -19.23
CA GLU A 48 6.55 0.49 -19.81
C GLU A 48 7.82 0.54 -18.98
N ARG A 49 7.64 0.52 -17.66
CA ARG A 49 8.75 0.58 -16.71
C ARG A 49 8.25 0.11 -15.35
N ARG A 50 9.18 -0.27 -14.47
CA ARG A 50 8.82 -0.60 -13.09
C ARG A 50 9.45 0.40 -12.14
N TRP A 51 8.61 1.12 -11.41
CA TRP A 51 9.09 2.15 -10.49
C TRP A 51 9.17 1.60 -9.08
N GLU A 52 10.34 1.68 -8.48
CA GLU A 52 10.51 1.30 -7.08
C GLU A 52 9.83 2.33 -6.20
N VAL A 53 8.80 1.90 -5.48
CA VAL A 53 8.03 2.80 -4.65
C VAL A 53 8.12 2.35 -3.19
N LEU A 54 7.86 3.25 -2.27
CA LEU A 54 7.88 2.90 -0.86
C LEU A 54 6.46 2.77 -0.32
N LEU A 55 6.20 1.67 0.37
CA LEU A 55 4.91 1.43 1.00
C LEU A 55 4.68 2.40 2.14
N HIS A 56 3.46 2.92 2.24
CA HIS A 56 3.12 3.87 3.29
C HIS A 56 1.82 3.49 4.01
N ASP A 57 0.86 2.97 3.26
CA ASP A 57 -0.40 2.48 3.82
C ASP A 57 -1.19 1.73 2.74
N VAL A 58 -1.33 0.41 2.88
CA VAL A 58 -2.02 -0.39 1.88
C VAL A 58 -3.31 -0.98 2.45
N SER A 59 -4.25 -1.30 1.58
CA SER A 59 -5.54 -1.80 2.02
C SER A 59 -6.20 -2.61 0.89
N LEU A 60 -7.40 -3.12 1.14
CA LEU A 60 -8.11 -3.97 0.18
C LEU A 60 -8.82 -3.14 -0.87
N HIS A 61 -8.75 -1.82 -0.72
CA HIS A 61 -9.43 -0.91 -1.63
C HIS A 61 -8.42 0.03 -2.30
N GLY A 62 -7.17 -0.39 -2.32
CA GLY A 62 -6.16 0.41 -2.96
C GLY A 62 -4.92 0.55 -2.10
N ILE A 63 -4.13 1.56 -2.39
CA ILE A 63 -2.84 1.71 -1.72
C ILE A 63 -2.35 3.16 -1.78
N LEU A 64 -1.76 3.59 -0.69
CA LEU A 64 -1.16 4.92 -0.60
C LEU A 64 0.36 4.77 -0.49
N VAL A 65 1.06 5.24 -1.50
CA VAL A 65 2.51 5.10 -1.55
C VAL A 65 3.19 6.43 -1.77
N GLY A 66 4.51 6.42 -1.62
CA GLY A 66 5.30 7.61 -1.88
C GLY A 66 6.16 7.43 -3.11
N GLN A 67 5.74 8.06 -4.21
CA GLN A 67 6.44 7.91 -5.47
C GLN A 67 7.23 9.17 -5.78
N PRO A 68 8.57 9.10 -5.65
CA PRO A 68 9.45 10.26 -5.83
C PRO A 68 9.56 10.71 -7.29
N GLN A 69 9.43 9.76 -8.21
CA GLN A 69 9.62 10.07 -9.61
C GLN A 69 8.31 10.47 -10.28
N ASP A 70 8.42 10.85 -11.55
CA ASP A 70 7.25 11.22 -12.32
C ASP A 70 6.79 10.05 -13.18
N TRP A 71 5.58 10.12 -13.68
CA TRP A 71 4.99 9.01 -14.43
C TRP A 71 5.32 9.10 -15.90
N ASN A 72 4.90 8.08 -16.64
CA ASN A 72 5.24 7.98 -18.06
C ASN A 72 4.24 8.75 -18.91
N GLY A 73 2.96 8.60 -18.62
CA GLY A 73 1.95 9.26 -19.41
C GLY A 73 0.82 9.82 -18.57
N ASP A 74 -0.17 8.99 -18.30
CA ASP A 74 -1.38 9.44 -17.64
C ASP A 74 -1.74 8.55 -16.47
N PRO A 75 -2.48 9.08 -15.48
CA PRO A 75 -2.86 8.34 -14.27
C PRO A 75 -4.03 7.38 -14.47
N GLN A 76 -4.42 7.17 -15.72
CA GLN A 76 -5.51 6.25 -16.03
C GLN A 76 -4.97 5.02 -16.74
N ARG A 77 -3.66 4.85 -16.64
CA ARG A 77 -3.02 3.65 -17.10
C ARG A 77 -3.02 2.62 -15.99
N PRO A 78 -3.27 1.35 -16.32
CA PRO A 78 -3.28 0.27 -15.33
C PRO A 78 -1.95 0.14 -14.61
N PHE A 79 -1.92 0.55 -13.36
CA PHE A 79 -0.72 0.47 -12.55
C PHE A 79 -0.75 -0.81 -11.74
N GLU A 80 0.37 -1.51 -11.70
CA GLU A 80 0.45 -2.75 -10.96
C GLU A 80 1.39 -2.61 -9.78
N ALA A 81 0.86 -2.80 -8.59
CA ALA A 81 1.67 -2.75 -7.38
C ALA A 81 2.07 -4.15 -6.98
N ARG A 82 3.34 -4.48 -7.18
CA ARG A 82 3.87 -5.77 -6.80
C ARG A 82 4.56 -5.67 -5.44
N LEU A 83 3.97 -6.30 -4.44
CA LEU A 83 4.58 -6.37 -3.12
C LEU A 83 5.25 -7.73 -2.94
N TYR A 84 6.56 -7.76 -3.12
CA TYR A 84 7.33 -8.99 -2.96
C TYR A 84 7.55 -9.25 -1.48
N LEU A 85 6.69 -10.05 -0.88
CA LEU A 85 6.81 -10.38 0.52
C LEU A 85 7.67 -11.62 0.67
N GLY A 86 7.63 -12.47 -0.34
CA GLY A 86 8.45 -13.66 -0.37
C GLY A 86 8.69 -14.13 -1.78
N LEU A 87 9.36 -15.26 -1.94
CA LEU A 87 9.65 -15.79 -3.27
C LEU A 87 8.36 -16.21 -3.97
N ASP A 88 7.49 -16.90 -3.25
CA ASP A 88 6.20 -17.30 -3.79
C ASP A 88 5.08 -16.47 -3.18
N VAL A 89 5.46 -15.50 -2.37
CA VAL A 89 4.49 -14.63 -1.73
C VAL A 89 4.49 -13.27 -2.41
N LEU A 90 3.74 -13.16 -3.49
CA LEU A 90 3.66 -11.93 -4.23
C LEU A 90 2.28 -11.31 -4.07
N ILE A 91 2.23 -10.14 -3.49
CA ILE A 91 0.99 -9.41 -3.38
C ILE A 91 0.86 -8.44 -4.54
N ARG A 92 0.22 -8.90 -5.61
CA ARG A 92 0.07 -8.08 -6.80
C ARG A 92 -1.36 -7.56 -6.90
N MET A 93 -1.48 -6.26 -6.98
CA MET A 93 -2.78 -5.62 -7.04
C MET A 93 -2.86 -4.67 -8.23
N GLU A 94 -3.83 -4.94 -9.11
CA GLU A 94 -4.07 -4.09 -10.25
C GLU A 94 -4.84 -2.86 -9.79
N ILE A 95 -4.26 -1.69 -9.97
CA ILE A 95 -4.82 -0.47 -9.43
C ILE A 95 -4.84 0.66 -10.45
N SER A 96 -5.66 1.66 -10.17
CA SER A 96 -5.70 2.87 -10.97
C SER A 96 -5.35 4.06 -10.08
N LEU A 97 -4.56 4.98 -10.61
CA LEU A 97 -4.12 6.13 -9.84
C LEU A 97 -5.24 7.16 -9.75
N ALA A 98 -5.72 7.38 -8.53
CA ALA A 98 -6.84 8.28 -8.31
C ALA A 98 -6.36 9.70 -8.04
N TRP A 99 -5.42 9.85 -7.12
CA TRP A 99 -4.92 11.17 -6.74
C TRP A 99 -3.47 11.12 -6.29
N ALA A 100 -2.77 12.23 -6.50
CA ALA A 100 -1.40 12.38 -6.06
C ALA A 100 -1.23 13.72 -5.35
N ARG A 101 -0.93 13.68 -4.06
CA ARG A 101 -0.81 14.90 -3.27
C ARG A 101 0.57 14.98 -2.63
N ASP A 102 1.32 16.02 -3.00
CA ASP A 102 2.69 16.25 -2.52
C ASP A 102 3.61 15.11 -2.94
N GLY A 103 3.66 14.06 -2.14
CA GLY A 103 4.45 12.89 -2.46
C GLY A 103 3.70 11.61 -2.15
N LEU A 104 2.46 11.78 -1.71
CA LEU A 104 1.61 10.64 -1.36
C LEU A 104 0.59 10.40 -2.46
N LEU A 105 0.64 9.23 -3.07
CA LEU A 105 -0.25 8.91 -4.16
C LEU A 105 -1.20 7.79 -3.77
N GLY A 106 -2.49 8.03 -3.97
CA GLY A 106 -3.50 7.07 -3.61
C GLY A 106 -4.10 6.37 -4.81
N PHE A 107 -4.05 5.05 -4.80
CA PHE A 107 -4.56 4.26 -5.90
C PHE A 107 -5.83 3.52 -5.47
N GLU A 108 -6.78 3.39 -6.37
CA GLU A 108 -8.01 2.63 -6.13
C GLU A 108 -7.86 1.25 -6.75
N CYS A 109 -8.38 0.22 -6.07
CA CYS A 109 -8.15 -1.15 -6.49
C CYS A 109 -9.08 -1.54 -7.64
N GLN A 110 -8.52 -2.24 -8.61
CA GLN A 110 -9.28 -2.77 -9.73
C GLN A 110 -9.33 -4.29 -9.65
N HIS A 111 -8.19 -4.90 -9.31
CA HIS A 111 -8.14 -6.34 -9.13
C HIS A 111 -7.01 -6.73 -8.18
N ILE A 112 -7.36 -6.97 -6.94
CA ILE A 112 -6.46 -7.60 -6.01
C ILE A 112 -6.72 -9.09 -6.03
N ASP A 113 -5.77 -9.85 -6.54
CA ASP A 113 -5.99 -11.28 -6.77
C ASP A 113 -6.20 -12.01 -5.45
N LEU A 114 -7.00 -13.07 -5.47
CA LEU A 114 -7.31 -13.83 -4.25
C LEU A 114 -6.03 -14.34 -3.60
N ASP A 115 -5.05 -14.67 -4.41
CA ASP A 115 -3.74 -15.06 -3.93
C ASP A 115 -3.14 -13.94 -3.09
N SER A 116 -3.07 -12.75 -3.68
CA SER A 116 -2.52 -11.61 -3.00
C SER A 116 -3.36 -11.22 -1.78
N ILE A 117 -4.67 -11.37 -1.90
CA ILE A 117 -5.58 -11.12 -0.78
C ILE A 117 -5.26 -12.06 0.38
N SER A 118 -5.08 -13.34 0.07
CA SER A 118 -4.81 -14.33 1.10
C SER A 118 -3.48 -14.03 1.80
N HIS A 119 -2.50 -13.57 1.03
CA HIS A 119 -1.19 -13.20 1.59
C HIS A 119 -1.35 -11.98 2.50
N LEU A 120 -1.98 -10.94 1.97
CA LEU A 120 -2.12 -9.67 2.67
C LEU A 120 -2.95 -9.83 3.95
N ARG A 121 -4.08 -10.51 3.86
CA ARG A 121 -4.95 -10.72 5.01
C ARG A 121 -4.20 -11.41 6.13
N ARG A 122 -3.63 -12.57 5.83
CA ARG A 122 -2.94 -13.36 6.85
C ARG A 122 -1.78 -12.59 7.45
N LEU A 123 -1.13 -11.77 6.64
CA LEU A 123 -0.01 -10.96 7.11
C LEU A 123 -0.46 -10.00 8.21
N VAL A 124 -1.47 -9.20 7.92
CA VAL A 124 -1.96 -8.21 8.87
C VAL A 124 -2.65 -8.89 10.06
N GLU A 125 -3.42 -9.92 9.75
CA GLU A 125 -4.23 -10.60 10.76
C GLU A 125 -3.36 -11.37 11.75
N LEU A 126 -2.23 -11.90 11.27
CA LEU A 126 -1.31 -12.62 12.14
C LEU A 126 -0.45 -11.66 12.96
N ASN A 127 -0.47 -10.38 12.60
CA ASN A 127 0.26 -9.37 13.34
C ASN A 127 -0.66 -8.60 14.28
N LEU A 128 -1.97 -8.82 14.11
CA LEU A 128 -2.98 -8.23 15.00
C LEU A 128 -2.91 -6.71 14.98
N GLY A 129 -2.68 -6.14 13.81
CA GLY A 129 -2.54 -4.71 13.69
C GLY A 129 -3.80 -4.04 13.18
N ASP A 130 -4.95 -4.48 13.70
CA ASP A 130 -6.27 -3.95 13.33
C ASP A 130 -6.64 -4.30 11.90
N GLU A 131 -7.69 -5.10 11.75
CA GLU A 131 -8.23 -5.44 10.44
C GLU A 131 -8.90 -4.23 9.82
N GLU A 132 -9.25 -3.26 10.67
CA GLU A 132 -9.93 -2.03 10.23
C GLU A 132 -9.07 -1.28 9.22
N LEU A 133 -7.76 -1.48 9.29
CA LEU A 133 -6.84 -0.83 8.37
C LEU A 133 -7.08 -1.33 6.95
N LEU A 134 -7.71 -2.48 6.82
CA LEU A 134 -8.05 -3.02 5.50
C LEU A 134 -9.49 -2.66 5.14
N GLU A 135 -10.22 -2.14 6.12
CA GLU A 135 -11.66 -1.91 5.97
C GLU A 135 -11.99 -0.42 5.91
N ARG A 136 -10.99 0.40 5.58
CA ARG A 136 -11.20 1.83 5.47
C ARG A 136 -11.59 2.22 4.04
N GLU A 137 -11.51 3.50 3.74
CA GLU A 137 -11.73 3.99 2.38
C GLU A 137 -10.50 4.76 1.94
N LEU A 138 -10.18 4.75 0.64
CA LEU A 138 -8.98 5.45 0.15
C LEU A 138 -8.92 6.89 0.65
N ALA A 139 -10.07 7.56 0.65
CA ALA A 139 -10.17 8.93 1.15
C ALA A 139 -9.74 9.02 2.62
N LEU A 140 -9.89 7.93 3.35
CA LEU A 140 -9.58 7.90 4.78
C LEU A 140 -8.11 7.58 5.01
N LEU A 141 -7.46 7.02 3.99
CA LEU A 141 -6.09 6.54 4.14
C LEU A 141 -5.08 7.68 4.13
N VAL A 142 -4.49 7.91 5.29
CA VAL A 142 -3.38 8.84 5.43
C VAL A 142 -2.10 8.04 5.62
N SER A 143 -0.96 8.65 5.40
CA SER A 143 0.29 7.92 5.38
C SER A 143 0.88 7.82 6.77
N ALA A 144 1.87 6.92 6.93
CA ALA A 144 2.68 6.87 8.14
C ALA A 144 3.31 8.23 8.35
N HIS A 145 3.59 8.91 7.24
CA HIS A 145 3.91 10.32 7.27
C HIS A 145 2.62 11.10 7.48
N ASP A 146 2.24 11.26 8.73
CA ASP A 146 1.06 12.04 9.06
C ASP A 146 1.44 13.49 9.16
N ASP A 147 1.02 14.26 8.17
CA ASP A 147 1.44 15.64 8.04
C ASP A 147 0.66 16.52 8.98
N MET A 23 -12.55 13.20 12.16
CA MET A 23 -13.84 13.82 12.55
C MET A 23 -13.82 14.08 14.05
N SER A 24 -13.84 13.00 14.83
CA SER A 24 -13.64 13.11 16.27
C SER A 24 -12.14 13.07 16.54
N ASP A 25 -11.63 14.11 17.17
CA ASP A 25 -10.19 14.26 17.33
C ASP A 25 -9.63 13.37 18.42
N GLN A 26 -9.39 12.13 18.06
CA GLN A 26 -8.72 11.19 18.92
C GLN A 26 -7.44 10.73 18.23
N HIS A 27 -6.31 11.27 18.67
CA HIS A 27 -5.04 11.00 18.02
C HIS A 27 -4.66 9.52 18.14
N ASP A 28 -3.79 9.06 17.25
CA ASP A 28 -3.37 7.67 17.25
C ASP A 28 -2.65 7.36 18.57
N GLU A 29 -2.99 6.24 19.18
CA GLU A 29 -2.62 6.00 20.56
C GLU A 29 -1.35 5.17 20.72
N ARG A 30 -1.35 4.30 21.72
CA ARG A 30 -0.12 3.68 22.23
C ARG A 30 0.22 2.37 21.52
N ARG A 31 -0.59 1.97 20.55
CA ARG A 31 -0.27 0.80 19.74
C ARG A 31 0.65 1.21 18.59
N ARG A 32 1.89 0.75 18.63
CA ARG A 32 2.87 1.11 17.62
C ARG A 32 2.59 0.39 16.30
N PHE A 33 1.58 -0.47 16.31
CA PHE A 33 1.23 -1.27 15.15
C PHE A 33 0.34 -0.50 14.19
N HIS A 34 0.15 0.79 14.45
CA HIS A 34 -0.66 1.63 13.57
C HIS A 34 0.13 1.97 12.31
N ARG A 35 -0.60 2.15 11.20
CA ARG A 35 0.00 2.33 9.87
C ARG A 35 0.66 1.03 9.41
N ILE A 36 -0.02 0.29 8.56
CA ILE A 36 0.51 -1.00 8.11
C ILE A 36 1.41 -0.81 6.89
N ALA A 37 2.69 -0.60 7.16
CA ALA A 37 3.68 -0.39 6.12
C ALA A 37 4.85 -1.32 6.31
N PHE A 38 4.68 -2.57 5.91
CA PHE A 38 5.72 -3.57 6.01
C PHE A 38 6.83 -3.29 5.01
N ASP A 39 8.07 -3.51 5.44
CA ASP A 39 9.22 -3.23 4.61
C ASP A 39 9.46 -4.36 3.62
N ALA A 40 8.86 -4.23 2.44
CA ALA A 40 9.03 -5.20 1.39
C ALA A 40 9.25 -4.49 0.07
N ASP A 41 9.75 -5.20 -0.94
CA ASP A 41 9.93 -4.63 -2.26
C ASP A 41 8.58 -4.24 -2.83
N SER A 42 8.35 -2.96 -2.96
CA SER A 42 7.08 -2.47 -3.49
C SER A 42 7.30 -1.81 -4.85
N GLU A 43 7.08 -2.56 -5.91
CA GLU A 43 7.25 -2.02 -7.25
C GLU A 43 5.90 -1.72 -7.87
N ILE A 44 5.77 -0.51 -8.40
CA ILE A 44 4.66 -0.16 -9.24
C ILE A 44 5.09 -0.33 -10.69
N LEU A 45 4.64 -1.40 -11.30
CA LEU A 45 5.06 -1.75 -12.64
C LEU A 45 4.09 -1.21 -13.66
N GLN A 46 4.62 -0.58 -14.69
CA GLN A 46 3.80 -0.19 -15.82
C GLN A 46 4.35 -0.84 -17.08
N GLY A 47 3.84 -2.04 -17.35
CA GLY A 47 4.28 -2.79 -18.51
C GLY A 47 5.66 -3.38 -18.33
N GLU A 48 6.67 -2.52 -18.39
CA GLU A 48 8.06 -2.96 -18.37
C GLU A 48 8.93 -2.07 -17.47
N ARG A 49 8.41 -0.91 -17.10
CA ARG A 49 9.19 0.04 -16.32
C ARG A 49 8.90 -0.12 -14.82
N ARG A 50 9.93 0.08 -14.01
CA ARG A 50 9.82 -0.13 -12.57
C ARG A 50 9.62 1.19 -11.83
N TRP A 51 8.77 1.18 -10.82
CA TRP A 51 8.73 2.26 -9.84
C TRP A 51 8.82 1.68 -8.43
N GLU A 52 10.03 1.58 -7.90
CA GLU A 52 10.24 1.01 -6.58
C GLU A 52 10.03 2.08 -5.51
N VAL A 53 8.97 1.91 -4.73
CA VAL A 53 8.58 2.92 -3.76
C VAL A 53 8.48 2.32 -2.35
N LEU A 54 8.51 3.20 -1.35
CA LEU A 54 8.32 2.79 0.04
C LEU A 54 6.83 2.74 0.35
N LEU A 55 6.40 1.69 1.03
CA LEU A 55 5.00 1.52 1.39
C LEU A 55 4.59 2.53 2.46
N HIS A 56 3.34 3.01 2.37
CA HIS A 56 2.79 3.92 3.36
C HIS A 56 1.64 3.25 4.10
N ASP A 57 0.67 2.78 3.34
CA ASP A 57 -0.50 2.10 3.90
C ASP A 57 -1.19 1.30 2.80
N VAL A 58 -1.56 0.07 3.09
CA VAL A 58 -2.20 -0.79 2.11
C VAL A 58 -3.50 -1.37 2.67
N SER A 59 -4.53 -1.48 1.83
CA SER A 59 -5.83 -1.87 2.32
C SER A 59 -6.64 -2.64 1.28
N LEU A 60 -7.92 -2.83 1.58
CA LEU A 60 -8.83 -3.61 0.75
C LEU A 60 -9.43 -2.76 -0.38
N HIS A 61 -9.03 -1.50 -0.42
CA HIS A 61 -9.58 -0.55 -1.39
C HIS A 61 -8.47 0.14 -2.16
N GLY A 62 -7.27 -0.39 -2.06
CA GLY A 62 -6.15 0.19 -2.77
C GLY A 62 -4.93 0.33 -1.89
N ILE A 63 -4.14 1.36 -2.15
CA ILE A 63 -2.87 1.53 -1.49
C ILE A 63 -2.38 2.97 -1.59
N LEU A 64 -1.68 3.43 -0.56
CA LEU A 64 -1.10 4.76 -0.56
C LEU A 64 0.42 4.65 -0.55
N VAL A 65 1.05 5.33 -1.50
CA VAL A 65 2.51 5.33 -1.58
C VAL A 65 3.04 6.75 -1.59
N GLY A 66 4.35 6.89 -1.66
CA GLY A 66 4.98 8.19 -1.73
C GLY A 66 6.19 8.17 -2.65
N GLN A 67 5.95 8.48 -3.91
CA GLN A 67 6.99 8.36 -4.93
C GLN A 67 7.71 9.68 -5.15
N PRO A 68 9.04 9.66 -5.06
CA PRO A 68 9.88 10.82 -5.38
C PRO A 68 10.05 10.99 -6.88
N GLN A 69 9.64 9.98 -7.63
CA GLN A 69 9.73 10.00 -9.08
C GLN A 69 8.34 10.16 -9.68
N ASP A 70 8.23 11.02 -10.68
CA ASP A 70 6.96 11.29 -11.33
C ASP A 70 6.51 10.11 -12.18
N TRP A 71 5.28 10.19 -12.69
CA TRP A 71 4.63 9.06 -13.34
C TRP A 71 5.11 8.81 -14.75
N ASN A 72 4.56 7.77 -15.35
CA ASN A 72 4.89 7.38 -16.73
C ASN A 72 4.52 8.47 -17.73
N GLY A 73 3.38 9.11 -17.52
CA GLY A 73 2.95 10.17 -18.41
C GLY A 73 1.52 10.58 -18.14
N ASP A 74 0.61 9.63 -18.24
CA ASP A 74 -0.80 9.88 -17.96
C ASP A 74 -1.39 8.75 -17.13
N PRO A 75 -2.40 9.07 -16.31
CA PRO A 75 -3.04 8.08 -15.44
C PRO A 75 -4.07 7.22 -16.15
N GLN A 76 -3.89 7.00 -17.45
CA GLN A 76 -4.81 6.16 -18.21
C GLN A 76 -4.18 4.78 -18.28
N ARG A 77 -2.88 4.79 -18.09
CA ARG A 77 -2.11 3.58 -18.00
C ARG A 77 -2.31 2.91 -16.65
N PRO A 78 -2.75 1.65 -16.64
CA PRO A 78 -2.96 0.88 -15.41
C PRO A 78 -1.65 0.62 -14.67
N PHE A 79 -1.68 0.71 -13.36
CA PHE A 79 -0.50 0.50 -12.54
C PHE A 79 -0.64 -0.80 -11.76
N GLU A 80 0.45 -1.52 -11.56
CA GLU A 80 0.42 -2.71 -10.73
C GLU A 80 1.34 -2.53 -9.53
N ALA A 81 0.79 -2.69 -8.33
CA ALA A 81 1.59 -2.65 -7.13
C ALA A 81 1.92 -4.07 -6.72
N ARG A 82 3.16 -4.46 -6.93
CA ARG A 82 3.58 -5.81 -6.68
C ARG A 82 4.40 -5.87 -5.39
N LEU A 83 3.85 -6.51 -4.39
CA LEU A 83 4.47 -6.57 -3.08
C LEU A 83 5.20 -7.90 -2.89
N TYR A 84 6.50 -7.80 -2.65
CA TYR A 84 7.33 -8.99 -2.49
C TYR A 84 7.44 -9.39 -1.03
N LEU A 85 6.64 -10.36 -0.63
CA LEU A 85 6.72 -10.90 0.71
C LEU A 85 7.60 -12.15 0.71
N GLY A 86 8.08 -12.49 -0.48
CA GLY A 86 8.97 -13.61 -0.64
C GLY A 86 9.30 -13.83 -2.10
N LEU A 87 10.01 -14.90 -2.39
CA LEU A 87 10.33 -15.26 -3.77
C LEU A 87 9.08 -15.83 -4.43
N ASP A 88 8.34 -16.63 -3.67
CA ASP A 88 7.16 -17.30 -4.18
C ASP A 88 5.90 -16.50 -3.90
N VAL A 89 5.96 -15.61 -2.91
CA VAL A 89 4.80 -14.87 -2.47
C VAL A 89 4.79 -13.46 -3.05
N LEU A 90 3.94 -13.25 -4.03
CA LEU A 90 3.73 -11.92 -4.59
C LEU A 90 2.30 -11.47 -4.36
N ILE A 91 2.14 -10.29 -3.79
CA ILE A 91 0.83 -9.68 -3.67
C ILE A 91 0.68 -8.64 -4.76
N ARG A 92 -0.08 -8.98 -5.80
CA ARG A 92 -0.26 -8.08 -6.91
C ARG A 92 -1.63 -7.43 -6.85
N MET A 93 -1.67 -6.14 -7.09
CA MET A 93 -2.93 -5.44 -7.20
C MET A 93 -2.92 -4.53 -8.42
N GLU A 94 -3.72 -4.87 -9.39
CA GLU A 94 -3.90 -4.06 -10.57
C GLU A 94 -4.78 -2.88 -10.19
N ILE A 95 -4.19 -1.71 -10.13
CA ILE A 95 -4.82 -0.57 -9.50
C ILE A 95 -4.94 0.62 -10.44
N SER A 96 -5.97 1.42 -10.20
CA SER A 96 -6.16 2.65 -10.95
C SER A 96 -5.87 3.85 -10.06
N LEU A 97 -4.91 4.66 -10.47
CA LEU A 97 -4.56 5.85 -9.71
C LEU A 97 -5.65 6.91 -9.88
N ALA A 98 -6.46 7.10 -8.86
CA ALA A 98 -7.46 8.14 -8.86
C ALA A 98 -7.10 9.20 -7.83
N TRP A 99 -6.01 8.95 -7.11
CA TRP A 99 -5.58 9.84 -6.05
C TRP A 99 -4.16 10.31 -6.31
N ALA A 100 -3.97 11.54 -5.98
CA ALA A 100 -2.71 12.22 -6.19
C ALA A 100 -2.64 13.48 -5.33
N ARG A 101 -1.84 13.42 -4.29
CA ARG A 101 -1.75 14.50 -3.33
C ARG A 101 -0.30 14.94 -3.17
N ASP A 102 0.16 15.77 -4.11
CA ASP A 102 1.54 16.27 -4.13
C ASP A 102 2.56 15.15 -4.28
N GLY A 103 2.87 14.48 -3.18
CA GLY A 103 3.82 13.37 -3.22
C GLY A 103 3.18 12.07 -2.77
N LEU A 104 1.99 12.18 -2.17
CA LEU A 104 1.27 11.01 -1.71
C LEU A 104 0.37 10.49 -2.83
N LEU A 105 0.66 9.30 -3.30
CA LEU A 105 -0.06 8.74 -4.44
C LEU A 105 -0.98 7.62 -3.98
N GLY A 106 -2.26 7.73 -4.33
CA GLY A 106 -3.23 6.75 -3.89
C GLY A 106 -3.89 6.04 -5.04
N PHE A 107 -4.04 4.74 -4.90
CA PHE A 107 -4.64 3.92 -5.95
C PHE A 107 -5.91 3.26 -5.47
N GLU A 108 -6.89 3.14 -6.34
CA GLU A 108 -8.08 2.37 -6.06
C GLU A 108 -7.90 0.97 -6.63
N CYS A 109 -8.40 -0.02 -5.91
CA CYS A 109 -8.24 -1.41 -6.32
C CYS A 109 -9.14 -1.73 -7.52
N GLN A 110 -8.51 -2.02 -8.64
CA GLN A 110 -9.24 -2.37 -9.84
C GLN A 110 -9.33 -3.88 -9.98
N HIS A 111 -8.22 -4.56 -9.71
CA HIS A 111 -8.19 -6.02 -9.72
C HIS A 111 -7.14 -6.52 -8.73
N ILE A 112 -7.60 -6.92 -7.56
CA ILE A 112 -6.76 -7.62 -6.62
C ILE A 112 -7.10 -9.10 -6.68
N ASP A 113 -6.15 -9.91 -7.13
CA ASP A 113 -6.39 -11.33 -7.30
C ASP A 113 -6.67 -12.00 -5.96
N LEU A 114 -7.56 -13.00 -6.00
CA LEU A 114 -7.99 -13.69 -4.80
C LEU A 114 -6.80 -14.26 -4.04
N ASP A 115 -5.81 -14.74 -4.78
CA ASP A 115 -4.56 -15.22 -4.21
C ASP A 115 -3.90 -14.12 -3.37
N SER A 116 -3.74 -12.96 -3.96
CA SER A 116 -3.10 -11.85 -3.29
C SER A 116 -3.93 -11.39 -2.08
N ILE A 117 -5.25 -11.48 -2.20
CA ILE A 117 -6.13 -11.16 -1.08
C ILE A 117 -5.88 -12.13 0.07
N SER A 118 -5.76 -13.41 -0.26
CA SER A 118 -5.52 -14.43 0.74
C SER A 118 -4.17 -14.21 1.44
N HIS A 119 -3.17 -13.77 0.68
CA HIS A 119 -1.87 -13.47 1.26
C HIS A 119 -1.96 -12.25 2.17
N LEU A 120 -2.65 -11.22 1.69
CA LEU A 120 -2.82 -9.97 2.45
C LEU A 120 -3.55 -10.25 3.76
N ARG A 121 -4.63 -11.01 3.67
CA ARG A 121 -5.43 -11.40 4.82
C ARG A 121 -4.55 -12.04 5.89
N ARG A 122 -3.72 -12.99 5.48
CA ARG A 122 -2.85 -13.69 6.41
C ARG A 122 -1.76 -12.76 6.94
N LEU A 123 -1.18 -11.98 6.04
CA LEU A 123 -0.10 -11.07 6.39
C LEU A 123 -0.50 -10.09 7.50
N VAL A 124 -1.62 -9.41 7.30
CA VAL A 124 -2.10 -8.43 8.27
C VAL A 124 -2.40 -9.09 9.61
N GLU A 125 -3.20 -10.15 9.57
CA GLU A 125 -3.62 -10.86 10.77
C GLU A 125 -2.41 -11.42 11.53
N LEU A 126 -1.42 -11.88 10.78
CA LEU A 126 -0.21 -12.46 11.34
C LEU A 126 0.64 -11.43 12.07
N ASN A 127 0.61 -10.19 11.57
CA ASN A 127 1.40 -9.12 12.15
C ASN A 127 0.58 -8.28 13.12
N LEU A 128 -0.62 -8.77 13.46
CA LEU A 128 -1.47 -8.11 14.45
C LEU A 128 -1.99 -6.78 13.91
N GLY A 129 -2.10 -6.71 12.59
CA GLY A 129 -2.62 -5.53 11.96
C GLY A 129 -4.10 -5.37 12.23
N ASP A 130 -4.40 -4.43 13.13
CA ASP A 130 -5.79 -4.02 13.39
C ASP A 130 -6.58 -3.90 12.10
N GLU A 131 -7.63 -4.70 11.98
CA GLU A 131 -8.37 -4.87 10.73
C GLU A 131 -9.07 -3.58 10.30
N GLU A 132 -9.33 -2.68 11.24
CA GLU A 132 -10.03 -1.44 10.95
C GLU A 132 -9.19 -0.56 10.02
N LEU A 133 -7.89 -0.80 10.01
CA LEU A 133 -6.99 -0.10 9.10
C LEU A 133 -7.35 -0.45 7.66
N LEU A 134 -7.79 -1.67 7.45
CA LEU A 134 -8.17 -2.14 6.12
C LEU A 134 -9.57 -1.66 5.76
N GLU A 135 -10.37 -1.36 6.78
CA GLU A 135 -11.78 -1.07 6.58
C GLU A 135 -12.06 0.44 6.51
N ARG A 136 -10.99 1.23 6.39
CA ARG A 136 -11.14 2.67 6.23
C ARG A 136 -11.45 3.00 4.77
N GLU A 137 -11.40 4.26 4.43
CA GLU A 137 -11.51 4.70 3.04
C GLU A 137 -10.16 5.25 2.61
N LEU A 138 -9.87 5.26 1.31
CA LEU A 138 -8.62 5.84 0.82
C LEU A 138 -8.44 7.28 1.33
N ALA A 139 -9.53 8.04 1.40
CA ALA A 139 -9.48 9.39 1.94
C ALA A 139 -9.21 9.39 3.45
N LEU A 140 -9.31 8.22 4.08
CA LEU A 140 -9.08 8.09 5.51
C LEU A 140 -7.70 7.47 5.78
N LEU A 141 -7.02 7.06 4.72
CA LEU A 141 -5.70 6.46 4.85
C LEU A 141 -4.63 7.54 4.89
N VAL A 142 -4.26 7.93 6.09
CA VAL A 142 -3.26 8.97 6.30
C VAL A 142 -1.86 8.36 6.34
N SER A 143 -0.90 9.10 5.82
CA SER A 143 0.49 8.65 5.77
C SER A 143 1.09 8.54 7.18
N ALA A 144 2.30 7.98 7.25
CA ALA A 144 3.03 7.84 8.52
C ALA A 144 3.00 9.14 9.33
N HIS A 145 3.22 10.26 8.66
CA HIS A 145 3.11 11.56 9.32
C HIS A 145 1.68 12.08 9.22
N ASP A 146 0.93 11.87 10.29
CA ASP A 146 -0.46 12.30 10.33
C ASP A 146 -0.59 13.66 10.98
N ASP A 147 -1.21 14.58 10.27
CA ASP A 147 -1.42 15.93 10.78
C ASP A 147 -2.38 16.67 9.86
N MET A 23 -22.50 10.30 29.04
CA MET A 23 -21.25 10.64 29.75
C MET A 23 -20.55 11.78 29.02
N SER A 24 -19.92 12.68 29.79
CA SER A 24 -19.25 13.85 29.23
C SER A 24 -18.30 13.48 28.08
N ASP A 25 -17.40 12.54 28.34
CA ASP A 25 -16.43 12.15 27.32
C ASP A 25 -16.18 10.65 27.38
N GLN A 26 -15.83 10.06 26.24
CA GLN A 26 -15.67 8.62 26.15
C GLN A 26 -14.60 8.21 25.13
N HIS A 27 -14.78 8.61 23.86
CA HIS A 27 -13.91 8.16 22.77
C HIS A 27 -13.85 6.64 22.74
N ASP A 28 -12.64 6.11 22.85
CA ASP A 28 -12.40 4.68 22.96
C ASP A 28 -10.93 4.43 23.27
N GLU A 29 -10.56 3.18 23.48
CA GLU A 29 -9.22 2.83 23.91
C GLU A 29 -8.16 3.05 22.82
N ARG A 30 -8.59 3.20 21.57
CA ARG A 30 -7.65 3.34 20.47
C ARG A 30 -7.26 4.81 20.30
N ARG A 31 -6.53 5.34 21.27
CA ARG A 31 -6.08 6.72 21.22
C ARG A 31 -4.88 6.86 20.29
N ARG A 32 -4.38 5.73 19.81
CA ARG A 32 -3.32 5.71 18.84
C ARG A 32 -3.62 4.67 17.77
N PHE A 33 -3.59 5.07 16.52
CA PHE A 33 -3.93 4.19 15.41
C PHE A 33 -2.69 3.48 14.89
N HIS A 34 -2.67 2.16 15.07
CA HIS A 34 -1.55 1.33 14.64
C HIS A 34 -1.70 0.95 13.17
N ARG A 35 -0.81 1.45 12.34
CA ARG A 35 -0.86 1.17 10.90
C ARG A 35 -0.20 -0.17 10.58
N ILE A 36 -0.50 -0.67 9.38
CA ILE A 36 0.12 -1.89 8.88
C ILE A 36 1.11 -1.58 7.77
N ALA A 37 2.36 -1.36 8.14
CA ALA A 37 3.39 -1.02 7.18
C ALA A 37 4.51 -2.03 7.19
N PHE A 38 4.56 -2.87 6.18
CA PHE A 38 5.59 -3.88 6.05
C PHE A 38 6.58 -3.48 4.95
N ASP A 39 7.85 -3.43 5.32
CA ASP A 39 8.89 -3.00 4.39
C ASP A 39 9.25 -4.13 3.44
N ALA A 40 8.70 -4.05 2.24
CA ALA A 40 8.97 -5.04 1.21
C ALA A 40 9.28 -4.35 -0.10
N ASP A 41 9.84 -5.11 -1.04
CA ASP A 41 10.15 -4.56 -2.36
C ASP A 41 8.85 -4.35 -3.14
N SER A 42 8.53 -3.09 -3.39
CA SER A 42 7.30 -2.75 -4.07
C SER A 42 7.61 -2.10 -5.42
N GLU A 43 7.29 -2.79 -6.50
CA GLU A 43 7.55 -2.27 -7.82
C GLU A 43 6.26 -1.85 -8.50
N ILE A 44 6.20 -0.59 -8.91
CA ILE A 44 5.10 -0.09 -9.72
C ILE A 44 5.54 -0.10 -11.17
N LEU A 45 4.84 -0.85 -11.99
CA LEU A 45 5.24 -1.02 -13.37
C LEU A 45 4.05 -1.05 -14.31
N GLN A 46 4.33 -0.80 -15.57
CA GLN A 46 3.36 -0.94 -16.63
C GLN A 46 3.99 -1.76 -17.75
N GLY A 47 4.04 -3.07 -17.54
CA GLY A 47 4.64 -3.96 -18.51
C GLY A 47 6.15 -3.83 -18.58
N GLU A 48 6.61 -2.91 -19.42
CA GLU A 48 8.04 -2.75 -19.70
C GLU A 48 8.70 -1.78 -18.74
N ARG A 49 7.93 -0.80 -18.28
CA ARG A 49 8.48 0.27 -17.46
C ARG A 49 8.22 -0.03 -15.99
N ARG A 50 9.28 -0.06 -15.20
CA ARG A 50 9.18 -0.47 -13.79
C ARG A 50 9.98 0.47 -12.89
N TRP A 51 9.35 0.92 -11.82
CA TRP A 51 10.02 1.74 -10.84
C TRP A 51 9.51 1.37 -9.43
N GLU A 52 10.43 1.21 -8.50
CA GLU A 52 10.06 0.78 -7.17
C GLU A 52 9.70 1.97 -6.28
N VAL A 53 8.82 1.70 -5.32
CA VAL A 53 8.31 2.74 -4.43
C VAL A 53 8.32 2.24 -2.99
N LEU A 54 8.33 3.18 -2.05
CA LEU A 54 8.32 2.84 -0.64
C LEU A 54 6.88 2.68 -0.16
N LEU A 55 6.57 1.54 0.43
CA LEU A 55 5.23 1.26 0.91
C LEU A 55 4.93 2.02 2.19
N HIS A 56 3.69 2.47 2.33
CA HIS A 56 3.26 3.19 3.53
C HIS A 56 2.00 2.54 4.10
N ASP A 57 0.88 2.71 3.41
CA ASP A 57 -0.40 2.17 3.87
C ASP A 57 -1.08 1.40 2.74
N VAL A 58 -1.99 0.51 3.11
CA VAL A 58 -2.69 -0.34 2.14
C VAL A 58 -4.03 -0.80 2.71
N SER A 59 -4.99 -1.11 1.84
CA SER A 59 -6.32 -1.55 2.27
C SER A 59 -6.98 -2.38 1.18
N LEU A 60 -8.26 -2.71 1.38
CA LEU A 60 -9.02 -3.46 0.39
C LEU A 60 -9.61 -2.50 -0.63
N HIS A 61 -9.19 -1.24 -0.52
CA HIS A 61 -9.71 -0.18 -1.37
C HIS A 61 -8.62 0.28 -2.32
N GLY A 62 -7.41 -0.13 -2.03
CA GLY A 62 -6.28 0.30 -2.80
C GLY A 62 -5.02 0.34 -1.98
N ILE A 63 -4.23 1.39 -2.16
CA ILE A 63 -2.92 1.47 -1.53
C ILE A 63 -2.43 2.91 -1.52
N LEU A 64 -1.64 3.27 -0.52
CA LEU A 64 -1.14 4.63 -0.37
C LEU A 64 0.38 4.62 -0.21
N VAL A 65 1.07 5.22 -1.15
CA VAL A 65 2.53 5.27 -1.12
C VAL A 65 2.99 6.71 -1.25
N GLY A 66 4.30 6.90 -1.34
CA GLY A 66 4.83 8.24 -1.47
C GLY A 66 6.23 8.24 -2.05
N GLN A 67 6.57 9.37 -2.71
CA GLN A 67 7.93 9.67 -3.21
C GLN A 67 8.07 9.64 -4.75
N PRO A 68 7.30 8.83 -5.53
CA PRO A 68 7.34 8.91 -7.00
C PRO A 68 7.12 10.36 -7.48
N GLN A 69 8.18 10.95 -8.01
CA GLN A 69 8.19 12.36 -8.34
C GLN A 69 7.29 12.69 -9.54
N ASP A 70 7.14 11.75 -10.45
CA ASP A 70 6.32 11.96 -11.62
C ASP A 70 5.72 10.63 -12.08
N TRP A 71 4.94 10.66 -13.15
CA TRP A 71 4.29 9.47 -13.66
C TRP A 71 4.43 9.38 -15.17
N ASN A 72 3.61 10.14 -15.87
CA ASN A 72 3.62 10.17 -17.33
C ASN A 72 2.72 11.30 -17.82
N GLY A 73 1.42 11.16 -17.61
CA GLY A 73 0.49 12.21 -17.97
C GLY A 73 -0.95 11.79 -17.84
N ASP A 74 -1.20 10.50 -17.97
CA ASP A 74 -2.55 9.97 -17.90
C ASP A 74 -2.70 8.97 -16.76
N PRO A 75 -3.38 9.39 -15.68
CA PRO A 75 -3.67 8.52 -14.53
C PRO A 75 -4.63 7.37 -14.85
N GLN A 76 -5.15 7.37 -16.08
CA GLN A 76 -6.02 6.28 -16.53
C GLN A 76 -5.16 5.11 -17.00
N ARG A 77 -3.85 5.34 -17.06
CA ARG A 77 -2.91 4.30 -17.39
C ARG A 77 -2.74 3.37 -16.18
N PRO A 78 -3.08 2.08 -16.36
CA PRO A 78 -3.05 1.10 -15.27
C PRO A 78 -1.67 0.95 -14.65
N PHE A 79 -1.63 1.12 -13.33
CA PHE A 79 -0.39 0.97 -12.59
C PHE A 79 -0.41 -0.38 -11.89
N GLU A 80 0.67 -1.14 -12.01
CA GLU A 80 0.73 -2.44 -11.36
C GLU A 80 1.62 -2.40 -10.14
N ALA A 81 1.06 -2.69 -8.98
CA ALA A 81 1.81 -2.74 -7.76
C ALA A 81 2.06 -4.18 -7.34
N ARG A 82 3.31 -4.58 -7.36
CA ARG A 82 3.68 -5.93 -6.98
C ARG A 82 4.54 -5.91 -5.72
N LEU A 83 4.03 -6.54 -4.67
CA LEU A 83 4.70 -6.56 -3.38
C LEU A 83 5.43 -7.89 -3.21
N TYR A 84 6.74 -7.84 -3.29
CA TYR A 84 7.55 -9.05 -3.15
C TYR A 84 7.81 -9.34 -1.68
N LEU A 85 7.05 -10.27 -1.13
CA LEU A 85 7.23 -10.66 0.26
C LEU A 85 8.06 -11.94 0.31
N GLY A 86 8.18 -12.57 -0.84
CA GLY A 86 8.99 -13.74 -1.00
C GLY A 86 9.29 -13.98 -2.47
N LEU A 87 9.72 -15.19 -2.81
CA LEU A 87 9.99 -15.51 -4.20
C LEU A 87 8.71 -15.93 -4.91
N ASP A 88 7.82 -16.57 -4.15
CA ASP A 88 6.52 -16.97 -4.67
C ASP A 88 5.41 -16.23 -3.93
N VAL A 89 5.75 -15.58 -2.84
CA VAL A 89 4.79 -14.79 -2.09
C VAL A 89 4.72 -13.38 -2.67
N LEU A 90 3.92 -13.23 -3.71
CA LEU A 90 3.79 -11.97 -4.40
C LEU A 90 2.39 -11.41 -4.25
N ILE A 91 2.29 -10.25 -3.63
CA ILE A 91 1.02 -9.56 -3.54
C ILE A 91 0.87 -8.65 -4.75
N ARG A 92 0.15 -9.13 -5.76
CA ARG A 92 -0.01 -8.39 -6.99
C ARG A 92 -1.38 -7.74 -7.05
N MET A 93 -1.41 -6.44 -7.26
CA MET A 93 -2.66 -5.70 -7.34
C MET A 93 -2.61 -4.69 -8.48
N GLU A 94 -3.54 -4.82 -9.40
CA GLU A 94 -3.68 -3.88 -10.48
C GLU A 94 -4.48 -2.69 -9.99
N ILE A 95 -3.90 -1.51 -10.09
CA ILE A 95 -4.49 -0.33 -9.47
C ILE A 95 -4.55 0.85 -10.44
N SER A 96 -5.45 1.77 -10.15
CA SER A 96 -5.58 2.99 -10.91
C SER A 96 -5.40 4.18 -9.97
N LEU A 97 -4.47 5.07 -10.29
CA LEU A 97 -4.19 6.19 -9.42
C LEU A 97 -5.41 7.11 -9.33
N ALA A 98 -6.08 7.09 -8.19
CA ALA A 98 -7.26 7.92 -7.98
C ALA A 98 -6.95 9.03 -6.97
N TRP A 99 -5.75 8.98 -6.42
CA TRP A 99 -5.33 9.95 -5.42
C TRP A 99 -3.99 10.52 -5.80
N ALA A 100 -3.81 11.75 -5.41
CA ALA A 100 -2.61 12.50 -5.73
C ALA A 100 -2.45 13.69 -4.81
N ARG A 101 -1.37 13.70 -4.06
CA ARG A 101 -1.07 14.78 -3.13
C ARG A 101 0.44 15.05 -3.13
N ASP A 102 0.93 15.66 -4.21
CA ASP A 102 2.35 15.99 -4.38
C ASP A 102 3.23 14.75 -4.27
N GLY A 103 3.70 14.46 -3.06
CA GLY A 103 4.56 13.31 -2.84
C GLY A 103 3.78 12.07 -2.45
N LEU A 104 2.61 12.26 -1.86
CA LEU A 104 1.77 11.16 -1.44
C LEU A 104 0.85 10.75 -2.59
N LEU A 105 0.74 9.45 -2.83
CA LEU A 105 -0.01 8.96 -3.97
C LEU A 105 -0.90 7.79 -3.57
N GLY A 106 -2.16 7.85 -3.98
CA GLY A 106 -3.09 6.82 -3.59
C GLY A 106 -3.73 6.15 -4.79
N PHE A 107 -3.88 4.85 -4.71
CA PHE A 107 -4.41 4.08 -5.81
C PHE A 107 -5.71 3.40 -5.42
N GLU A 108 -6.62 3.31 -6.38
CA GLU A 108 -7.83 2.55 -6.22
C GLU A 108 -7.61 1.14 -6.77
N CYS A 109 -7.96 0.13 -5.99
CA CYS A 109 -7.77 -1.25 -6.41
C CYS A 109 -8.73 -1.57 -7.55
N GLN A 110 -8.17 -2.08 -8.64
CA GLN A 110 -8.97 -2.39 -9.81
C GLN A 110 -9.03 -3.89 -10.05
N HIS A 111 -7.98 -4.60 -9.64
CA HIS A 111 -7.93 -6.04 -9.80
C HIS A 111 -6.90 -6.64 -8.84
N ILE A 112 -7.37 -7.16 -7.72
CA ILE A 112 -6.48 -7.83 -6.76
C ILE A 112 -6.67 -9.34 -6.84
N ASP A 113 -5.58 -10.07 -6.91
CA ASP A 113 -5.64 -11.53 -7.02
C ASP A 113 -6.02 -12.15 -5.68
N LEU A 114 -6.76 -13.25 -5.73
CA LEU A 114 -7.25 -13.91 -4.52
C LEU A 114 -6.11 -14.36 -3.62
N ASP A 115 -5.03 -14.86 -4.23
CA ASP A 115 -3.87 -15.33 -3.48
C ASP A 115 -3.23 -14.17 -2.73
N SER A 116 -3.18 -13.02 -3.38
CA SER A 116 -2.63 -11.82 -2.79
C SER A 116 -3.51 -11.35 -1.63
N ILE A 117 -4.83 -11.48 -1.80
CA ILE A 117 -5.78 -11.12 -0.75
C ILE A 117 -5.58 -12.01 0.48
N SER A 118 -5.43 -13.31 0.23
CA SER A 118 -5.23 -14.27 1.30
C SER A 118 -3.94 -13.97 2.06
N HIS A 119 -2.88 -13.60 1.34
CA HIS A 119 -1.63 -13.21 1.98
C HIS A 119 -1.82 -11.96 2.83
N LEU A 120 -2.52 -10.98 2.26
CA LEU A 120 -2.69 -9.69 2.89
C LEU A 120 -3.39 -9.79 4.23
N ARG A 121 -4.58 -10.38 4.26
CA ARG A 121 -5.36 -10.45 5.49
C ARG A 121 -4.69 -11.34 6.52
N ARG A 122 -4.15 -12.47 6.08
CA ARG A 122 -3.44 -13.37 7.00
C ARG A 122 -2.22 -12.67 7.61
N LEU A 123 -1.55 -11.86 6.81
CA LEU A 123 -0.41 -11.08 7.30
C LEU A 123 -0.86 -10.11 8.37
N VAL A 124 -1.87 -9.30 8.05
CA VAL A 124 -2.41 -8.31 9.00
C VAL A 124 -2.93 -8.99 10.27
N GLU A 125 -3.48 -10.19 10.09
CA GLU A 125 -4.02 -10.96 11.21
C GLU A 125 -2.91 -11.31 12.21
N LEU A 126 -1.84 -11.90 11.72
CA LEU A 126 -0.71 -12.27 12.57
C LEU A 126 0.10 -11.03 12.96
N ASN A 127 -0.03 -9.98 12.17
CA ASN A 127 0.67 -8.73 12.41
C ASN A 127 0.03 -7.96 13.55
N LEU A 128 -1.23 -8.31 13.84
CA LEU A 128 -2.03 -7.66 14.88
C LEU A 128 -2.24 -6.18 14.52
N GLY A 129 -2.50 -5.93 13.25
CA GLY A 129 -2.71 -4.57 12.78
C GLY A 129 -4.17 -4.17 12.78
N ASP A 130 -5.04 -5.15 13.01
CA ASP A 130 -6.50 -4.95 13.02
C ASP A 130 -7.03 -4.72 11.60
N GLU A 131 -8.24 -5.19 11.33
CA GLU A 131 -8.78 -5.16 9.97
C GLU A 131 -9.45 -3.82 9.64
N GLU A 132 -9.53 -2.93 10.63
CA GLU A 132 -10.18 -1.64 10.43
C GLU A 132 -9.47 -0.86 9.33
N LEU A 133 -8.15 -0.92 9.33
CA LEU A 133 -7.33 -0.20 8.35
C LEU A 133 -7.70 -0.62 6.93
N LEU A 134 -7.99 -1.91 6.77
CA LEU A 134 -8.28 -2.46 5.46
C LEU A 134 -9.66 -2.05 4.98
N GLU A 135 -10.56 -1.75 5.91
CA GLU A 135 -11.96 -1.54 5.57
C GLU A 135 -12.50 -0.22 6.13
N ARG A 136 -11.67 0.81 6.11
CA ARG A 136 -12.17 2.16 6.34
C ARG A 136 -12.49 2.82 5.00
N GLU A 137 -11.54 3.54 4.43
CA GLU A 137 -11.70 4.14 3.10
C GLU A 137 -10.36 4.74 2.69
N LEU A 138 -10.19 5.09 1.42
CA LEU A 138 -8.96 5.72 0.97
C LEU A 138 -8.85 7.13 1.54
N ALA A 139 -9.96 7.87 1.53
CA ALA A 139 -10.00 9.18 2.16
C ALA A 139 -9.87 9.06 3.67
N LEU A 140 -10.11 7.87 4.19
CA LEU A 140 -9.98 7.60 5.61
C LEU A 140 -8.63 6.97 5.91
N LEU A 141 -7.78 6.91 4.90
CA LEU A 141 -6.45 6.34 5.04
C LEU A 141 -5.39 7.38 4.72
N VAL A 142 -4.57 7.70 5.70
CA VAL A 142 -3.46 8.62 5.51
C VAL A 142 -2.18 7.97 5.99
N SER A 143 -1.10 8.20 5.25
CA SER A 143 0.19 7.57 5.53
C SER A 143 0.70 7.94 6.92
N ALA A 144 1.74 7.24 7.37
CA ALA A 144 2.36 7.47 8.67
C ALA A 144 2.50 8.96 8.98
N HIS A 145 2.91 9.73 8.00
CA HIS A 145 2.93 11.18 8.13
C HIS A 145 1.56 11.75 7.74
N ASP A 146 0.65 11.78 8.70
CA ASP A 146 -0.66 12.39 8.46
C ASP A 146 -0.65 13.82 8.97
N ASP A 147 -0.05 14.03 10.13
CA ASP A 147 0.12 15.36 10.70
C ASP A 147 0.95 15.27 11.97
N MET A 23 -10.76 5.78 34.57
CA MET A 23 -9.36 6.25 34.59
C MET A 23 -8.41 5.18 34.06
N SER A 24 -8.99 4.09 33.55
CA SER A 24 -8.17 2.98 33.07
C SER A 24 -8.49 2.65 31.62
N ASP A 25 -7.44 2.38 30.85
CA ASP A 25 -7.59 1.97 29.45
C ASP A 25 -8.37 0.68 29.35
N GLN A 26 -8.06 -0.25 30.26
CA GLN A 26 -8.69 -1.58 30.35
C GLN A 26 -8.22 -2.47 29.20
N HIS A 27 -8.21 -1.93 27.99
CA HIS A 27 -7.71 -2.65 26.83
C HIS A 27 -6.20 -2.62 26.84
N ASP A 28 -5.58 -3.79 26.76
CA ASP A 28 -4.14 -3.90 26.91
C ASP A 28 -3.39 -3.58 25.62
N GLU A 29 -4.13 -3.42 24.54
CA GLU A 29 -3.51 -3.05 23.26
C GLU A 29 -3.19 -1.55 23.27
N ARG A 30 -2.22 -1.19 24.08
CA ARG A 30 -1.82 0.20 24.25
C ARG A 30 -0.58 0.50 23.40
N ARG A 31 -0.23 1.78 23.31
CA ARG A 31 0.82 2.24 22.39
C ARG A 31 0.52 1.78 20.97
N ARG A 32 1.35 0.88 20.45
CA ARG A 32 1.15 0.31 19.12
C ARG A 32 1.01 1.41 18.06
N PHE A 33 1.77 2.48 18.21
CA PHE A 33 1.69 3.60 17.28
C PHE A 33 2.45 3.28 15.99
N HIS A 34 1.84 2.43 15.19
CA HIS A 34 2.37 2.05 13.89
C HIS A 34 1.26 1.40 13.08
N ARG A 35 0.66 2.16 12.18
CA ARG A 35 -0.42 1.66 11.35
C ARG A 35 0.10 0.75 10.25
N ILE A 36 -0.73 0.52 9.24
CA ILE A 36 -0.36 -0.34 8.13
C ILE A 36 0.87 0.20 7.42
N ALA A 37 1.98 -0.53 7.58
CA ALA A 37 3.24 -0.24 6.92
C ALA A 37 4.28 -1.25 7.35
N PHE A 38 4.49 -2.26 6.52
CA PHE A 38 5.44 -3.32 6.80
C PHE A 38 6.58 -3.29 5.79
N ASP A 39 7.73 -3.82 6.17
CA ASP A 39 8.88 -3.84 5.28
C ASP A 39 8.68 -4.85 4.16
N ALA A 40 8.25 -4.34 3.03
CA ALA A 40 8.10 -5.15 1.83
C ALA A 40 8.68 -4.39 0.63
N ASP A 41 9.16 -5.12 -0.35
CA ASP A 41 9.69 -4.50 -1.55
C ASP A 41 8.54 -4.29 -2.53
N SER A 42 8.42 -3.08 -3.05
CA SER A 42 7.28 -2.74 -3.87
C SER A 42 7.66 -2.08 -5.19
N GLU A 43 7.19 -2.68 -6.28
CA GLU A 43 7.33 -2.09 -7.61
C GLU A 43 5.98 -1.61 -8.10
N ILE A 44 5.91 -0.36 -8.50
CA ILE A 44 4.73 0.18 -9.17
C ILE A 44 5.08 0.42 -10.63
N LEU A 45 4.50 -0.37 -11.52
CA LEU A 45 4.88 -0.34 -12.92
C LEU A 45 3.67 -0.22 -13.84
N GLN A 46 3.88 0.44 -14.96
CA GLN A 46 2.88 0.50 -16.00
C GLN A 46 3.42 -0.16 -17.26
N GLY A 47 3.01 -1.40 -17.48
CA GLY A 47 3.47 -2.15 -18.63
C GLY A 47 4.95 -2.52 -18.54
N GLU A 48 5.79 -1.68 -19.14
CA GLU A 48 7.21 -1.97 -19.23
C GLU A 48 8.04 -1.04 -18.36
N ARG A 49 7.41 0.01 -17.83
CA ARG A 49 8.11 0.98 -16.99
C ARG A 49 7.79 0.75 -15.52
N ARG A 50 8.79 0.41 -14.74
CA ARG A 50 8.60 0.06 -13.34
C ARG A 50 9.32 1.02 -12.41
N TRP A 51 8.66 1.37 -11.32
CA TRP A 51 9.25 2.22 -10.29
C TRP A 51 9.34 1.46 -8.98
N GLU A 52 10.56 1.09 -8.61
CA GLU A 52 10.82 0.51 -7.30
C GLU A 52 10.68 1.61 -6.24
N VAL A 53 9.59 1.57 -5.50
CA VAL A 53 9.24 2.68 -4.62
C VAL A 53 8.88 2.19 -3.22
N LEU A 54 8.49 3.11 -2.34
CA LEU A 54 8.25 2.81 -0.94
C LEU A 54 6.76 2.57 -0.65
N LEU A 55 6.45 1.37 -0.18
CA LEU A 55 5.12 1.03 0.30
C LEU A 55 4.85 1.72 1.63
N HIS A 56 3.61 2.13 1.88
CA HIS A 56 3.24 2.74 3.13
C HIS A 56 1.94 2.13 3.68
N ASP A 57 0.79 2.67 3.28
CA ASP A 57 -0.50 2.26 3.85
C ASP A 57 -1.38 1.65 2.76
N VAL A 58 -2.42 0.93 3.15
CA VAL A 58 -3.26 0.24 2.17
C VAL A 58 -4.60 -0.20 2.78
N SER A 59 -5.64 -0.14 1.97
CA SER A 59 -6.95 -0.65 2.34
C SER A 59 -7.42 -1.64 1.28
N LEU A 60 -8.63 -2.14 1.42
CA LEU A 60 -9.19 -3.06 0.43
C LEU A 60 -9.83 -2.28 -0.71
N HIS A 61 -9.75 -0.95 -0.64
CA HIS A 61 -10.35 -0.10 -1.67
C HIS A 61 -9.27 0.65 -2.43
N GLY A 62 -8.10 0.74 -1.83
CA GLY A 62 -7.06 1.56 -2.40
C GLY A 62 -5.78 1.49 -1.58
N ILE A 63 -4.68 1.86 -2.22
CA ILE A 63 -3.37 1.80 -1.58
C ILE A 63 -2.72 3.18 -1.59
N LEU A 64 -1.97 3.49 -0.54
CA LEU A 64 -1.28 4.77 -0.43
C LEU A 64 0.23 4.54 -0.35
N VAL A 65 0.93 4.95 -1.39
CA VAL A 65 2.38 4.83 -1.40
C VAL A 65 3.02 6.21 -1.37
N GLY A 66 4.29 6.25 -1.04
CA GLY A 66 4.99 7.51 -1.01
C GLY A 66 5.98 7.62 -2.15
N GLN A 67 5.50 8.15 -3.26
CA GLN A 67 6.30 8.23 -4.47
C GLN A 67 6.55 9.67 -4.86
N PRO A 68 7.76 10.19 -4.58
CA PRO A 68 8.17 11.52 -4.99
C PRO A 68 8.77 11.48 -6.40
N GLN A 69 8.47 10.40 -7.11
CA GLN A 69 9.00 10.16 -8.45
C GLN A 69 7.92 10.45 -9.48
N ASP A 70 8.16 11.47 -10.30
CA ASP A 70 7.18 11.88 -11.30
C ASP A 70 7.09 10.88 -12.43
N TRP A 71 5.95 10.87 -13.10
CA TRP A 71 5.73 10.00 -14.24
C TRP A 71 4.79 10.69 -15.23
N ASN A 72 4.28 9.92 -16.20
CA ASN A 72 3.36 10.47 -17.19
C ASN A 72 2.10 11.02 -16.52
N GLY A 73 1.65 10.32 -15.48
CA GLY A 73 0.62 10.87 -14.63
C GLY A 73 -0.75 10.89 -15.28
N ASP A 74 -1.10 9.80 -15.94
CA ASP A 74 -2.41 9.67 -16.55
C ASP A 74 -3.21 8.60 -15.83
N PRO A 75 -4.38 8.97 -15.29
CA PRO A 75 -5.21 8.05 -14.50
C PRO A 75 -5.73 6.86 -15.32
N GLN A 76 -5.63 6.96 -16.64
CA GLN A 76 -6.11 5.91 -17.52
C GLN A 76 -5.00 4.91 -17.82
N ARG A 77 -3.88 5.06 -17.13
CA ARG A 77 -2.76 4.16 -17.28
C ARG A 77 -2.72 3.21 -16.10
N PRO A 78 -3.03 1.93 -16.35
CA PRO A 78 -3.05 0.89 -15.33
C PRO A 78 -1.71 0.75 -14.60
N PHE A 79 -1.73 0.90 -13.30
CA PHE A 79 -0.52 0.76 -12.51
C PHE A 79 -0.55 -0.53 -11.71
N GLU A 80 0.55 -1.25 -11.71
CA GLU A 80 0.65 -2.52 -11.01
C GLU A 80 1.45 -2.36 -9.72
N ALA A 81 0.88 -2.82 -8.62
CA ALA A 81 1.59 -2.82 -7.35
C ALA A 81 2.01 -4.23 -7.03
N ARG A 82 3.30 -4.51 -7.13
CA ARG A 82 3.81 -5.84 -6.90
C ARG A 82 4.64 -5.85 -5.62
N LEU A 83 4.13 -6.55 -4.61
CA LEU A 83 4.76 -6.59 -3.31
C LEU A 83 5.56 -7.88 -3.13
N TYR A 84 6.84 -7.73 -2.82
CA TYR A 84 7.71 -8.87 -2.65
C TYR A 84 7.99 -9.13 -1.19
N LEU A 85 7.51 -10.25 -0.69
CA LEU A 85 7.91 -10.74 0.62
C LEU A 85 8.93 -11.86 0.40
N GLY A 86 8.97 -12.33 -0.84
CA GLY A 86 9.91 -13.33 -1.26
C GLY A 86 9.65 -13.71 -2.70
N LEU A 87 10.44 -14.60 -3.25
CA LEU A 87 10.19 -15.08 -4.61
C LEU A 87 9.04 -16.09 -4.61
N ASP A 88 8.71 -16.57 -3.42
CA ASP A 88 7.58 -17.48 -3.25
C ASP A 88 6.31 -16.70 -2.93
N VAL A 89 6.40 -15.83 -1.93
CA VAL A 89 5.27 -15.04 -1.51
C VAL A 89 5.22 -13.73 -2.27
N LEU A 90 4.36 -13.69 -3.29
CA LEU A 90 4.23 -12.50 -4.12
C LEU A 90 2.83 -11.93 -4.00
N ILE A 91 2.73 -10.66 -3.65
CA ILE A 91 1.45 -9.99 -3.59
C ILE A 91 1.26 -9.16 -4.85
N ARG A 92 0.11 -9.30 -5.48
CA ARG A 92 -0.13 -8.72 -6.80
C ARG A 92 -1.51 -8.07 -6.87
N MET A 93 -1.53 -6.78 -7.15
CA MET A 93 -2.78 -6.04 -7.24
C MET A 93 -2.69 -4.96 -8.32
N GLU A 94 -3.68 -4.95 -9.22
CA GLU A 94 -3.74 -3.94 -10.26
C GLU A 94 -4.56 -2.75 -9.77
N ILE A 95 -4.01 -1.56 -9.93
CA ILE A 95 -4.61 -0.36 -9.39
C ILE A 95 -4.64 0.77 -10.42
N SER A 96 -5.59 1.66 -10.27
CA SER A 96 -5.71 2.82 -11.14
C SER A 96 -5.29 4.08 -10.39
N LEU A 97 -4.68 5.02 -11.08
CA LEU A 97 -4.25 6.26 -10.44
C LEU A 97 -5.43 7.15 -10.13
N ALA A 98 -5.73 7.32 -8.85
CA ALA A 98 -6.84 8.15 -8.42
C ALA A 98 -6.37 9.59 -8.17
N TRP A 99 -5.34 9.72 -7.34
CA TRP A 99 -4.82 11.04 -7.01
C TRP A 99 -3.34 10.97 -6.62
N ALA A 100 -2.58 11.97 -7.06
CA ALA A 100 -1.17 12.09 -6.72
C ALA A 100 -0.94 13.38 -5.94
N ARG A 101 -0.84 13.27 -4.63
CA ARG A 101 -0.69 14.45 -3.78
C ARG A 101 0.78 14.69 -3.43
N ASP A 102 1.53 15.19 -4.43
CA ASP A 102 2.95 15.51 -4.29
C ASP A 102 3.80 14.29 -3.95
N GLY A 103 3.77 13.88 -2.70
CA GLY A 103 4.57 12.75 -2.27
C GLY A 103 3.72 11.53 -1.95
N LEU A 104 2.46 11.75 -1.65
CA LEU A 104 1.56 10.66 -1.30
C LEU A 104 0.59 10.37 -2.45
N LEU A 105 0.67 9.18 -3.00
CA LEU A 105 -0.19 8.81 -4.11
C LEU A 105 -1.18 7.73 -3.69
N GLY A 106 -2.45 8.00 -3.93
CA GLY A 106 -3.50 7.05 -3.61
C GLY A 106 -4.06 6.40 -4.86
N PHE A 107 -4.12 5.08 -4.85
CA PHE A 107 -4.58 4.35 -6.01
C PHE A 107 -5.89 3.62 -5.73
N GLU A 108 -6.68 3.48 -6.76
CA GLU A 108 -7.95 2.75 -6.72
C GLU A 108 -7.68 1.27 -7.00
N CYS A 109 -8.10 0.40 -6.09
CA CYS A 109 -7.89 -1.03 -6.26
C CYS A 109 -8.92 -1.62 -7.22
N GLN A 110 -8.44 -2.22 -8.31
CA GLN A 110 -9.32 -2.73 -9.35
C GLN A 110 -9.31 -4.26 -9.38
N HIS A 111 -8.17 -4.83 -9.76
CA HIS A 111 -8.04 -6.27 -9.93
C HIS A 111 -7.04 -6.83 -8.94
N ILE A 112 -7.54 -7.42 -7.87
CA ILE A 112 -6.70 -8.03 -6.86
C ILE A 112 -6.82 -9.55 -6.92
N ASP A 113 -5.69 -10.22 -6.91
CA ASP A 113 -5.67 -11.68 -6.98
C ASP A 113 -6.05 -12.31 -5.64
N LEU A 114 -6.73 -13.44 -5.69
CA LEU A 114 -7.24 -14.10 -4.48
C LEU A 114 -6.09 -14.59 -3.59
N ASP A 115 -5.08 -15.18 -4.21
CA ASP A 115 -3.90 -15.62 -3.47
C ASP A 115 -3.19 -14.43 -2.85
N SER A 116 -3.13 -13.34 -3.61
CA SER A 116 -2.63 -12.06 -3.13
C SER A 116 -3.39 -11.62 -1.88
N ILE A 117 -4.72 -11.68 -1.95
CA ILE A 117 -5.57 -11.33 -0.82
C ILE A 117 -5.25 -12.20 0.39
N SER A 118 -5.10 -13.50 0.14
CA SER A 118 -4.76 -14.46 1.18
C SER A 118 -3.47 -14.05 1.89
N HIS A 119 -2.46 -13.67 1.12
CA HIS A 119 -1.18 -13.25 1.68
C HIS A 119 -1.36 -11.99 2.51
N LEU A 120 -2.02 -11.00 1.93
CA LEU A 120 -2.16 -9.69 2.55
C LEU A 120 -2.96 -9.75 3.84
N ARG A 121 -4.18 -10.29 3.78
CA ARG A 121 -5.08 -10.26 4.92
C ARG A 121 -4.57 -11.15 6.06
N ARG A 122 -3.96 -12.29 5.71
CA ARG A 122 -3.44 -13.19 6.72
C ARG A 122 -2.21 -12.60 7.39
N LEU A 123 -1.47 -11.78 6.65
CA LEU A 123 -0.32 -11.06 7.20
C LEU A 123 -0.78 -10.08 8.27
N VAL A 124 -1.90 -9.42 8.00
CA VAL A 124 -2.48 -8.49 8.96
C VAL A 124 -2.95 -9.25 10.20
N GLU A 125 -3.56 -10.42 9.99
CA GLU A 125 -3.97 -11.30 11.07
C GLU A 125 -2.77 -11.65 11.96
N LEU A 126 -1.68 -12.08 11.33
CA LEU A 126 -0.48 -12.49 12.05
C LEU A 126 0.12 -11.35 12.88
N ASN A 127 -0.08 -10.12 12.41
CA ASN A 127 0.46 -8.95 13.09
C ASN A 127 -0.55 -8.36 14.07
N LEU A 128 -1.82 -8.76 13.90
CA LEU A 128 -2.92 -8.22 14.72
C LEU A 128 -2.98 -6.71 14.61
N GLY A 129 -2.74 -6.21 13.40
CA GLY A 129 -2.67 -4.78 13.19
C GLY A 129 -4.00 -4.15 12.84
N ASP A 130 -5.08 -4.78 13.29
CA ASP A 130 -6.45 -4.26 13.12
C ASP A 130 -6.91 -4.35 11.66
N GLU A 131 -8.11 -4.88 11.44
CA GLU A 131 -8.64 -5.06 10.10
C GLU A 131 -9.37 -3.81 9.62
N GLU A 132 -9.76 -2.95 10.55
CA GLU A 132 -10.47 -1.73 10.18
C GLU A 132 -9.52 -0.76 9.49
N LEU A 133 -8.23 -0.97 9.67
CA LEU A 133 -7.24 -0.18 8.94
C LEU A 133 -7.26 -0.56 7.46
N LEU A 134 -7.73 -1.76 7.17
CA LEU A 134 -7.91 -2.17 5.78
C LEU A 134 -9.27 -1.73 5.28
N GLU A 135 -10.09 -1.28 6.21
CA GLU A 135 -11.48 -0.95 5.91
C GLU A 135 -11.80 0.51 6.25
N ARG A 136 -10.81 1.38 6.16
CA ARG A 136 -11.08 2.81 6.32
C ARG A 136 -11.69 3.33 5.02
N GLU A 137 -10.85 3.92 4.19
CA GLU A 137 -11.23 4.34 2.85
C GLU A 137 -10.00 5.00 2.23
N LEU A 138 -9.93 5.07 0.92
CA LEU A 138 -8.77 5.67 0.26
C LEU A 138 -8.59 7.11 0.72
N ALA A 139 -9.71 7.82 0.88
CA ALA A 139 -9.68 9.20 1.35
C ALA A 139 -9.42 9.25 2.86
N LEU A 140 -9.46 8.09 3.51
CA LEU A 140 -9.21 8.01 4.94
C LEU A 140 -7.83 7.45 5.22
N LEU A 141 -7.10 7.13 4.16
CA LEU A 141 -5.77 6.55 4.31
C LEU A 141 -4.70 7.64 4.38
N VAL A 142 -4.21 7.86 5.59
CA VAL A 142 -3.09 8.76 5.82
C VAL A 142 -1.81 7.92 5.86
N SER A 143 -0.70 8.49 6.30
CA SER A 143 0.56 7.76 6.36
C SER A 143 0.61 6.89 7.62
N ALA A 144 1.62 6.03 7.71
CA ALA A 144 1.78 5.12 8.86
C ALA A 144 1.68 5.88 10.17
N HIS A 145 2.28 7.07 10.21
CA HIS A 145 2.08 7.98 11.33
C HIS A 145 1.09 9.07 10.92
N ASP A 146 0.29 9.54 11.86
CA ASP A 146 -0.66 10.60 11.57
C ASP A 146 -0.19 11.90 12.20
N ASP A 147 0.11 12.87 11.36
CA ASP A 147 0.65 14.14 11.82
C ASP A 147 -0.40 15.23 11.72
N MET A 23 15.50 -8.84 27.52
CA MET A 23 15.34 -10.12 26.78
C MET A 23 13.87 -10.43 26.59
N SER A 24 13.43 -10.53 25.34
CA SER A 24 12.03 -10.78 24.98
C SER A 24 11.16 -9.63 25.48
N ASP A 25 11.77 -8.47 25.65
CA ASP A 25 11.11 -7.31 26.19
C ASP A 25 10.89 -6.26 25.11
N GLN A 26 9.87 -5.43 25.30
CA GLN A 26 9.50 -4.38 24.37
C GLN A 26 8.46 -3.47 25.00
N HIS A 27 8.46 -2.21 24.61
CA HIS A 27 7.54 -1.23 25.18
C HIS A 27 6.11 -1.48 24.70
N ASP A 28 5.15 -1.26 25.59
CA ASP A 28 3.74 -1.43 25.25
C ASP A 28 3.17 -0.11 24.72
N GLU A 29 1.85 -0.02 24.67
CA GLU A 29 1.17 1.14 24.11
C GLU A 29 1.43 2.40 24.94
N ARG A 30 1.67 3.50 24.23
CA ARG A 30 1.70 4.84 24.85
C ARG A 30 0.95 5.81 23.95
N ARG A 31 1.46 5.98 22.73
CA ARG A 31 0.83 6.83 21.74
C ARG A 31 -0.10 5.99 20.86
N ARG A 32 -1.33 6.43 20.67
CA ARG A 32 -2.28 5.67 19.88
C ARG A 32 -2.04 5.89 18.39
N PHE A 33 -1.61 4.83 17.70
CA PHE A 33 -1.38 4.87 16.27
C PHE A 33 -0.86 3.52 15.79
N HIS A 34 -1.71 2.77 15.13
CA HIS A 34 -1.30 1.49 14.56
C HIS A 34 -0.87 1.73 13.12
N ARG A 35 0.43 1.69 12.88
CA ARG A 35 0.96 2.05 11.57
C ARG A 35 0.91 0.88 10.60
N ILE A 36 0.17 1.06 9.51
CA ILE A 36 0.16 0.10 8.44
C ILE A 36 1.17 0.49 7.38
N ALA A 37 2.38 -0.01 7.53
CA ALA A 37 3.45 0.25 6.59
C ALA A 37 4.55 -0.78 6.80
N PHE A 38 4.85 -1.53 5.76
CA PHE A 38 5.87 -2.56 5.84
C PHE A 38 7.14 -2.10 5.13
N ASP A 39 8.25 -2.71 5.46
CA ASP A 39 9.50 -2.46 4.75
C ASP A 39 9.70 -3.52 3.67
N ALA A 40 8.57 -4.02 3.17
CA ALA A 40 8.58 -4.97 2.07
C ALA A 40 8.89 -4.25 0.77
N ASP A 41 9.61 -4.92 -0.12
CA ASP A 41 9.93 -4.34 -1.41
C ASP A 41 8.69 -4.17 -2.27
N SER A 42 8.44 -2.95 -2.69
CA SER A 42 7.27 -2.66 -3.50
C SER A 42 7.70 -2.02 -4.82
N GLU A 43 7.17 -2.55 -5.91
CA GLU A 43 7.47 -2.01 -7.23
C GLU A 43 6.17 -1.66 -7.95
N ILE A 44 6.04 -0.40 -8.35
CA ILE A 44 4.88 0.04 -9.10
C ILE A 44 5.21 0.03 -10.58
N LEU A 45 4.34 -0.55 -11.37
CA LEU A 45 4.61 -0.77 -12.78
C LEU A 45 3.56 -0.11 -13.66
N GLN A 46 4.01 0.48 -14.74
CA GLN A 46 3.13 0.91 -15.80
C GLN A 46 3.58 0.19 -17.06
N GLY A 47 3.17 -1.06 -17.21
CA GLY A 47 3.60 -1.87 -18.33
C GLY A 47 5.10 -2.10 -18.31
N GLU A 48 5.82 -1.31 -19.08
CA GLU A 48 7.27 -1.44 -19.18
C GLU A 48 7.98 -0.60 -18.13
N ARG A 49 7.30 0.43 -17.63
CA ARG A 49 7.92 1.36 -16.68
C ARG A 49 7.87 0.79 -15.27
N ARG A 50 9.04 0.48 -14.73
CA ARG A 50 9.12 -0.10 -13.40
C ARG A 50 9.68 0.91 -12.40
N TRP A 51 8.96 1.13 -11.32
CA TRP A 51 9.42 2.04 -10.28
C TRP A 51 9.54 1.31 -8.94
N GLU A 52 10.73 1.33 -8.37
CA GLU A 52 10.91 0.77 -7.05
C GLU A 52 10.47 1.81 -6.02
N VAL A 53 9.29 1.59 -5.43
CA VAL A 53 8.63 2.60 -4.64
C VAL A 53 8.70 2.30 -3.14
N LEU A 54 8.54 3.34 -2.33
CA LEU A 54 8.49 3.17 -0.88
C LEU A 54 7.05 2.87 -0.46
N LEU A 55 6.83 1.64 -0.02
CA LEU A 55 5.50 1.19 0.39
C LEU A 55 5.04 1.93 1.65
N HIS A 56 3.76 2.27 1.69
CA HIS A 56 3.20 2.92 2.86
C HIS A 56 1.95 2.19 3.36
N ASP A 57 0.78 2.66 2.93
CA ASP A 57 -0.48 2.17 3.50
C ASP A 57 -1.32 1.53 2.41
N VAL A 58 -2.11 0.53 2.78
CA VAL A 58 -2.88 -0.23 1.81
C VAL A 58 -4.28 -0.56 2.34
N SER A 59 -5.23 -0.70 1.43
CA SER A 59 -6.59 -1.08 1.79
C SER A 59 -7.17 -2.00 0.72
N LEU A 60 -8.42 -2.36 0.88
CA LEU A 60 -9.13 -3.14 -0.12
C LEU A 60 -9.68 -2.21 -1.21
N HIS A 61 -9.51 -0.91 -0.98
CA HIS A 61 -10.03 0.11 -1.87
C HIS A 61 -8.94 0.59 -2.80
N GLY A 62 -7.72 0.28 -2.40
CA GLY A 62 -6.56 0.74 -3.13
C GLY A 62 -5.34 0.82 -2.25
N ILE A 63 -4.43 1.73 -2.57
CA ILE A 63 -3.16 1.81 -1.87
C ILE A 63 -2.58 3.22 -1.93
N LEU A 64 -1.82 3.60 -0.91
CA LEU A 64 -1.17 4.89 -0.84
C LEU A 64 0.34 4.72 -0.69
N VAL A 65 1.09 5.30 -1.62
CA VAL A 65 2.54 5.15 -1.60
C VAL A 65 3.24 6.50 -1.68
N GLY A 66 4.58 6.46 -1.63
CA GLY A 66 5.37 7.67 -1.82
C GLY A 66 6.28 7.52 -3.02
N GLN A 67 5.97 8.23 -4.08
CA GLN A 67 6.66 8.06 -5.36
C GLN A 67 7.70 9.15 -5.59
N PRO A 68 8.91 8.78 -6.02
CA PRO A 68 9.93 9.74 -6.43
C PRO A 68 9.57 10.43 -7.75
N GLN A 69 10.35 11.43 -8.14
CA GLN A 69 10.05 12.20 -9.34
C GLN A 69 10.39 11.43 -10.62
N ASP A 70 9.43 10.65 -11.09
CA ASP A 70 9.52 9.98 -12.39
C ASP A 70 8.14 9.46 -12.77
N TRP A 71 7.12 10.05 -12.15
CA TRP A 71 5.76 9.60 -12.33
C TRP A 71 5.24 9.93 -13.72
N ASN A 72 4.69 8.93 -14.39
CA ASN A 72 4.16 9.11 -15.74
C ASN A 72 3.09 8.08 -16.02
N GLY A 73 2.08 8.48 -16.78
CA GLY A 73 1.00 7.58 -17.14
C GLY A 73 -0.36 8.22 -16.97
N ASP A 74 -0.48 9.03 -15.92
CA ASP A 74 -1.74 9.69 -15.57
C ASP A 74 -2.81 8.67 -15.21
N PRO A 75 -4.00 9.12 -14.75
CA PRO A 75 -5.14 8.22 -14.49
C PRO A 75 -5.73 7.62 -15.77
N GLN A 76 -4.90 7.48 -16.80
CA GLN A 76 -5.31 6.91 -18.07
C GLN A 76 -4.59 5.58 -18.27
N ARG A 77 -3.53 5.37 -17.50
CA ARG A 77 -2.74 4.15 -17.59
C ARG A 77 -2.92 3.29 -16.36
N PRO A 78 -3.24 2.01 -16.57
CA PRO A 78 -3.27 1.01 -15.50
C PRO A 78 -1.95 0.94 -14.76
N PHE A 79 -2.03 0.93 -13.44
CA PHE A 79 -0.84 0.86 -12.61
C PHE A 79 -0.82 -0.45 -11.83
N GLU A 80 0.36 -0.99 -11.61
CA GLU A 80 0.49 -2.26 -10.91
C GLU A 80 1.30 -2.09 -9.64
N ALA A 81 0.89 -2.78 -8.59
CA ALA A 81 1.63 -2.78 -7.33
C ALA A 81 2.14 -4.18 -7.03
N ARG A 82 3.45 -4.33 -7.06
CA ARG A 82 4.10 -5.62 -6.79
C ARG A 82 4.72 -5.61 -5.40
N LEU A 83 4.20 -6.45 -4.52
CA LEU A 83 4.67 -6.51 -3.13
C LEU A 83 5.42 -7.80 -2.86
N TYR A 84 6.69 -7.67 -2.47
CA TYR A 84 7.50 -8.83 -2.13
C TYR A 84 7.46 -9.10 -0.63
N LEU A 85 6.81 -10.20 -0.24
CA LEU A 85 6.78 -10.60 1.16
C LEU A 85 7.58 -11.88 1.35
N GLY A 86 8.06 -12.42 0.24
CA GLY A 86 8.88 -13.61 0.28
C GLY A 86 9.23 -14.05 -1.12
N LEU A 87 9.95 -15.16 -1.24
CA LEU A 87 10.30 -15.69 -2.56
C LEU A 87 9.07 -16.30 -3.22
N ASP A 88 8.21 -16.90 -2.41
CA ASP A 88 6.98 -17.48 -2.90
C ASP A 88 5.79 -16.55 -2.65
N VAL A 89 5.89 -15.74 -1.60
CA VAL A 89 4.80 -14.86 -1.22
C VAL A 89 4.88 -13.55 -1.99
N LEU A 90 4.25 -13.56 -3.16
CA LEU A 90 4.19 -12.37 -4.00
C LEU A 90 2.77 -11.84 -4.02
N ILE A 91 2.59 -10.61 -3.58
CA ILE A 91 1.28 -10.00 -3.54
C ILE A 91 1.15 -8.96 -4.64
N ARG A 92 0.28 -9.22 -5.60
CA ARG A 92 0.05 -8.28 -6.69
C ARG A 92 -1.34 -7.69 -6.58
N MET A 93 -1.50 -6.46 -7.05
CA MET A 93 -2.80 -5.82 -7.11
C MET A 93 -2.84 -4.84 -8.27
N GLU A 94 -3.78 -5.04 -9.17
CA GLU A 94 -3.95 -4.16 -10.31
C GLU A 94 -4.76 -2.94 -9.90
N ILE A 95 -4.21 -1.77 -10.16
CA ILE A 95 -4.79 -0.53 -9.70
C ILE A 95 -4.75 0.55 -10.78
N SER A 96 -5.28 1.71 -10.49
CA SER A 96 -5.12 2.88 -11.34
C SER A 96 -5.07 4.12 -10.47
N LEU A 97 -4.55 5.21 -10.99
CA LEU A 97 -4.38 6.40 -10.18
C LEU A 97 -5.71 7.12 -10.00
N ALA A 98 -6.09 7.32 -8.75
CA ALA A 98 -7.32 8.05 -8.44
C ALA A 98 -7.07 9.06 -7.31
N TRP A 99 -5.80 9.28 -7.03
CA TRP A 99 -5.39 10.16 -5.95
C TRP A 99 -3.97 10.59 -6.15
N ALA A 100 -3.70 11.78 -5.73
CA ALA A 100 -2.39 12.40 -5.87
C ALA A 100 -2.24 13.57 -4.92
N ARG A 101 -1.33 13.46 -3.98
CA ARG A 101 -1.03 14.56 -3.07
C ARG A 101 0.46 14.76 -2.87
N ASP A 102 1.06 15.49 -3.79
CA ASP A 102 2.43 16.01 -3.66
C ASP A 102 3.46 14.94 -3.26
N GLY A 103 3.30 13.74 -3.79
CA GLY A 103 4.22 12.68 -3.47
C GLY A 103 3.49 11.44 -2.98
N LEU A 104 2.44 11.66 -2.20
CA LEU A 104 1.60 10.57 -1.74
C LEU A 104 0.61 10.21 -2.83
N LEU A 105 0.76 9.02 -3.39
CA LEU A 105 -0.09 8.60 -4.49
C LEU A 105 -1.11 7.58 -4.02
N GLY A 106 -2.37 7.86 -4.33
CA GLY A 106 -3.43 6.94 -3.98
C GLY A 106 -4.00 6.27 -5.20
N PHE A 107 -4.15 4.97 -5.13
CA PHE A 107 -4.63 4.19 -6.26
C PHE A 107 -5.96 3.55 -5.96
N GLU A 108 -6.83 3.55 -6.94
CA GLU A 108 -8.10 2.86 -6.88
C GLU A 108 -7.90 1.43 -7.34
N CYS A 109 -8.40 0.47 -6.59
CA CYS A 109 -8.18 -0.93 -6.89
C CYS A 109 -9.04 -1.39 -8.06
N GLN A 110 -8.43 -2.18 -8.94
CA GLN A 110 -9.15 -2.79 -10.04
C GLN A 110 -9.28 -4.28 -9.82
N HIS A 111 -8.15 -4.97 -9.81
CA HIS A 111 -8.13 -6.41 -9.66
C HIS A 111 -7.14 -6.84 -8.59
N ILE A 112 -7.68 -7.24 -7.45
CA ILE A 112 -6.86 -7.86 -6.42
C ILE A 112 -7.26 -9.32 -6.30
N ASP A 113 -6.34 -10.21 -6.68
CA ASP A 113 -6.61 -11.65 -6.66
C ASP A 113 -6.94 -12.10 -5.24
N LEU A 114 -7.90 -13.00 -5.13
CA LEU A 114 -8.29 -13.53 -3.82
C LEU A 114 -7.10 -14.20 -3.16
N ASP A 115 -6.18 -14.69 -3.98
CA ASP A 115 -4.97 -15.31 -3.50
C ASP A 115 -4.08 -14.28 -2.80
N SER A 116 -3.88 -13.14 -3.46
CA SER A 116 -3.06 -12.07 -2.90
C SER A 116 -3.77 -11.42 -1.72
N ILE A 117 -5.10 -11.36 -1.79
CA ILE A 117 -5.91 -10.90 -0.66
C ILE A 117 -5.65 -11.78 0.55
N SER A 118 -5.71 -13.09 0.35
CA SER A 118 -5.47 -14.04 1.42
C SER A 118 -4.09 -13.83 2.04
N HIS A 119 -3.07 -13.67 1.19
CA HIS A 119 -1.70 -13.50 1.66
C HIS A 119 -1.56 -12.23 2.49
N LEU A 120 -2.11 -11.13 1.97
CA LEU A 120 -1.96 -9.83 2.63
C LEU A 120 -2.78 -9.76 3.91
N ARG A 121 -4.01 -10.24 3.86
CA ARG A 121 -4.89 -10.17 5.02
C ARG A 121 -4.35 -11.03 6.16
N ARG A 122 -3.88 -12.23 5.83
CA ARG A 122 -3.38 -13.15 6.85
C ARG A 122 -2.07 -12.64 7.43
N LEU A 123 -1.33 -11.85 6.64
CA LEU A 123 -0.12 -11.21 7.12
C LEU A 123 -0.46 -10.27 8.27
N VAL A 124 -1.51 -9.48 8.07
CA VAL A 124 -2.02 -8.57 9.09
C VAL A 124 -2.59 -9.35 10.27
N GLU A 125 -3.25 -10.46 9.96
CA GLU A 125 -3.83 -11.34 10.97
C GLU A 125 -2.76 -11.88 11.91
N LEU A 126 -1.73 -12.50 11.34
CA LEU A 126 -0.67 -13.15 12.11
C LEU A 126 0.14 -12.13 12.91
N ASN A 127 0.15 -10.89 12.46
CA ASN A 127 0.87 -9.83 13.15
C ASN A 127 -0.06 -9.05 14.06
N LEU A 128 -1.33 -9.44 14.09
CA LEU A 128 -2.34 -8.75 14.89
C LEU A 128 -2.33 -7.25 14.62
N GLY A 129 -2.20 -6.90 13.34
CA GLY A 129 -2.11 -5.51 12.95
C GLY A 129 -3.45 -4.85 12.81
N ASP A 130 -4.51 -5.61 13.09
CA ASP A 130 -5.89 -5.14 12.98
C ASP A 130 -6.25 -4.83 11.53
N GLU A 131 -7.03 -5.71 10.93
CA GLU A 131 -7.40 -5.57 9.52
C GLU A 131 -8.43 -4.45 9.34
N GLU A 132 -8.76 -3.80 10.44
CA GLU A 132 -9.64 -2.63 10.43
C GLU A 132 -9.07 -1.56 9.52
N LEU A 133 -7.75 -1.37 9.61
CA LEU A 133 -7.07 -0.31 8.90
C LEU A 133 -6.93 -0.63 7.42
N LEU A 134 -7.27 -1.85 7.05
CA LEU A 134 -7.24 -2.28 5.66
C LEU A 134 -8.58 -1.92 5.00
N GLU A 135 -9.52 -1.51 5.82
CA GLU A 135 -10.84 -1.13 5.35
C GLU A 135 -11.00 0.39 5.39
N ARG A 136 -9.89 1.10 5.59
CA ARG A 136 -9.89 2.55 5.53
C ARG A 136 -10.07 2.97 4.08
N GLU A 137 -11.01 3.87 3.84
CA GLU A 137 -11.26 4.38 2.50
C GLU A 137 -10.01 5.11 2.00
N LEU A 138 -9.88 5.31 0.70
CA LEU A 138 -8.76 6.07 0.16
C LEU A 138 -8.72 7.47 0.77
N ALA A 139 -9.90 8.09 0.89
CA ALA A 139 -10.03 9.36 1.60
C ALA A 139 -9.65 9.23 3.08
N LEU A 140 -9.74 8.02 3.62
CA LEU A 140 -9.37 7.76 5.01
C LEU A 140 -7.94 7.26 5.11
N LEU A 141 -7.35 6.99 3.95
CA LEU A 141 -6.08 6.31 3.90
C LEU A 141 -4.93 7.31 3.95
N VAL A 142 -4.62 7.75 5.16
CA VAL A 142 -3.47 8.58 5.39
C VAL A 142 -2.36 7.69 5.87
N SER A 143 -1.12 8.05 5.58
CA SER A 143 -0.02 7.16 5.82
C SER A 143 0.42 7.21 7.28
N ALA A 144 1.21 6.21 7.68
CA ALA A 144 1.88 6.20 8.97
C ALA A 144 2.66 7.49 9.18
N HIS A 145 3.02 8.13 8.06
CA HIS A 145 3.67 9.42 8.08
C HIS A 145 2.63 10.51 8.35
N ASP A 146 2.45 10.84 9.62
CA ASP A 146 1.54 11.91 10.01
C ASP A 146 2.25 12.90 10.94
N ASP A 147 2.55 14.07 10.43
CA ASP A 147 3.22 15.10 11.22
C ASP A 147 2.27 16.26 11.48
N MET A 23 13.35 14.15 20.48
CA MET A 23 12.59 14.29 19.22
C MET A 23 11.33 15.13 19.47
N SER A 24 10.42 14.59 20.27
CA SER A 24 9.23 15.31 20.68
C SER A 24 8.98 15.04 22.15
N ASP A 25 9.61 15.84 23.01
CA ASP A 25 9.55 15.62 24.45
C ASP A 25 8.24 16.10 25.05
N GLN A 26 7.16 15.48 24.59
CA GLN A 26 5.82 15.74 25.10
C GLN A 26 5.11 14.41 25.29
N HIS A 27 4.34 14.02 24.28
CA HIS A 27 3.72 12.70 24.20
C HIS A 27 3.53 12.35 22.74
N ASP A 28 2.70 13.14 22.06
CA ASP A 28 2.42 12.98 20.63
C ASP A 28 2.09 11.53 20.30
N GLU A 29 1.17 10.96 21.07
CA GLU A 29 0.77 9.58 20.88
C GLU A 29 -0.06 9.45 19.61
N ARG A 30 0.40 8.62 18.69
CA ARG A 30 -0.32 8.38 17.45
C ARG A 30 -0.87 6.96 17.45
N ARG A 31 -1.39 6.56 18.62
CA ARG A 31 -1.87 5.21 18.88
C ARG A 31 -0.71 4.22 18.93
N ARG A 32 -0.13 3.95 17.78
CA ARG A 32 1.03 3.07 17.67
C ARG A 32 1.42 2.92 16.21
N PHE A 33 2.33 3.78 15.77
CA PHE A 33 2.79 3.85 14.37
C PHE A 33 1.71 4.47 13.48
N HIS A 34 0.45 4.09 13.72
CA HIS A 34 -0.72 4.70 13.07
C HIS A 34 -0.91 4.17 11.64
N ARG A 35 0.13 3.56 11.08
CA ARG A 35 0.09 3.06 9.72
C ARG A 35 0.56 1.60 9.69
N ILE A 36 0.08 0.84 8.71
CA ILE A 36 0.57 -0.52 8.51
C ILE A 36 1.47 -0.57 7.28
N ALA A 37 2.75 -0.40 7.51
CA ALA A 37 3.72 -0.36 6.44
C ALA A 37 4.86 -1.32 6.71
N PHE A 38 4.65 -2.57 6.33
CA PHE A 38 5.69 -3.58 6.44
C PHE A 38 6.69 -3.41 5.31
N ASP A 39 7.96 -3.62 5.62
CA ASP A 39 9.02 -3.41 4.64
C ASP A 39 8.98 -4.45 3.53
N ALA A 40 8.24 -4.13 2.49
CA ALA A 40 8.17 -4.94 1.29
C ALA A 40 8.36 -4.04 0.09
N ASP A 41 9.44 -4.25 -0.64
CA ASP A 41 9.73 -3.44 -1.81
C ASP A 41 8.57 -3.48 -2.79
N SER A 42 8.00 -2.33 -3.07
CA SER A 42 6.85 -2.25 -3.96
C SER A 42 7.26 -1.66 -5.30
N GLU A 43 7.25 -2.48 -6.32
CA GLU A 43 7.52 -1.99 -7.66
C GLU A 43 6.21 -1.73 -8.39
N ILE A 44 6.02 -0.49 -8.79
CA ILE A 44 4.85 -0.12 -9.57
C ILE A 44 5.20 -0.11 -11.04
N LEU A 45 4.60 -1.02 -11.77
CA LEU A 45 4.87 -1.19 -13.18
C LEU A 45 3.80 -0.50 -14.02
N GLN A 46 4.24 0.17 -15.06
CA GLN A 46 3.34 0.70 -16.06
C GLN A 46 3.53 -0.11 -17.33
N GLY A 47 3.74 -1.41 -17.14
CA GLY A 47 4.07 -2.27 -18.25
C GLY A 47 5.56 -2.19 -18.60
N GLU A 48 5.99 -1.01 -19.00
CA GLU A 48 7.38 -0.79 -19.36
C GLU A 48 8.16 -0.12 -18.23
N ARG A 49 7.51 0.82 -17.54
CA ARG A 49 8.18 1.60 -16.51
C ARG A 49 8.14 0.90 -15.16
N ARG A 50 9.25 0.97 -14.44
CA ARG A 50 9.38 0.30 -13.15
C ARG A 50 9.70 1.31 -12.05
N TRP A 51 8.77 1.54 -11.16
CA TRP A 51 8.97 2.47 -10.06
C TRP A 51 9.06 1.75 -8.72
N GLU A 52 10.26 1.60 -8.18
CA GLU A 52 10.43 1.02 -6.86
C GLU A 52 10.13 2.09 -5.81
N VAL A 53 9.00 1.92 -5.13
CA VAL A 53 8.51 2.93 -4.21
C VAL A 53 8.31 2.35 -2.80
N LEU A 54 8.28 3.22 -1.80
CA LEU A 54 8.03 2.82 -0.43
C LEU A 54 6.55 2.78 -0.12
N LEU A 55 6.13 1.79 0.65
CA LEU A 55 4.74 1.62 1.03
C LEU A 55 4.43 2.50 2.24
N HIS A 56 3.34 3.25 2.17
CA HIS A 56 2.95 4.11 3.29
C HIS A 56 1.79 3.51 4.07
N ASP A 57 0.82 2.98 3.34
CA ASP A 57 -0.30 2.27 3.95
C ASP A 57 -0.96 1.38 2.90
N VAL A 58 -1.31 0.16 3.28
CA VAL A 58 -1.86 -0.81 2.34
C VAL A 58 -3.15 -1.40 2.88
N SER A 59 -4.06 -1.78 2.00
CA SER A 59 -5.35 -2.31 2.42
C SER A 59 -6.07 -3.00 1.26
N LEU A 60 -7.35 -3.30 1.45
CA LEU A 60 -8.13 -4.00 0.44
C LEU A 60 -8.81 -3.03 -0.51
N HIS A 61 -8.86 -1.76 -0.12
CA HIS A 61 -9.50 -0.72 -0.93
C HIS A 61 -8.45 0.05 -1.74
N GLY A 62 -7.21 -0.39 -1.67
CA GLY A 62 -6.15 0.30 -2.36
C GLY A 62 -4.90 0.45 -1.53
N ILE A 63 -4.06 1.40 -1.91
CA ILE A 63 -2.76 1.57 -1.27
C ILE A 63 -2.22 2.99 -1.52
N LEU A 64 -1.44 3.50 -0.57
CA LEU A 64 -0.81 4.80 -0.72
C LEU A 64 0.70 4.65 -0.73
N VAL A 65 1.34 5.25 -1.73
CA VAL A 65 2.79 5.22 -1.84
C VAL A 65 3.33 6.63 -1.99
N GLY A 66 4.65 6.77 -1.90
CA GLY A 66 5.26 8.08 -2.03
C GLY A 66 6.43 8.07 -2.99
N GLN A 67 6.20 8.51 -4.22
CA GLN A 67 7.24 8.53 -5.23
C GLN A 67 7.90 9.91 -5.29
N PRO A 68 9.20 9.94 -5.61
CA PRO A 68 9.98 11.19 -5.65
C PRO A 68 9.49 12.20 -6.69
N GLN A 69 9.81 11.96 -7.97
CA GLN A 69 9.47 12.92 -9.02
C GLN A 69 9.00 12.24 -10.30
N ASP A 70 9.65 11.14 -10.69
CA ASP A 70 9.33 10.48 -11.95
C ASP A 70 7.96 9.82 -11.89
N TRP A 71 7.01 10.40 -12.59
CA TRP A 71 5.63 9.93 -12.58
C TRP A 71 4.84 10.59 -13.70
N ASN A 72 4.02 9.82 -14.39
CA ASN A 72 3.18 10.37 -15.45
C ASN A 72 1.95 11.03 -14.83
N GLY A 73 0.97 10.21 -14.47
CA GLY A 73 -0.19 10.73 -13.79
C GLY A 73 -1.46 10.51 -14.56
N ASP A 74 -1.64 9.30 -15.06
CA ASP A 74 -2.85 8.96 -15.78
C ASP A 74 -3.78 8.19 -14.86
N PRO A 75 -4.84 8.83 -14.39
CA PRO A 75 -5.80 8.21 -13.47
C PRO A 75 -6.72 7.24 -14.19
N GLN A 76 -6.28 6.74 -15.34
CA GLN A 76 -7.05 5.82 -16.14
C GLN A 76 -6.11 4.74 -16.64
N ARG A 77 -4.93 4.75 -16.07
CA ARG A 77 -3.85 3.91 -16.52
C ARG A 77 -3.54 2.84 -15.48
N PRO A 78 -3.81 1.57 -15.82
CA PRO A 78 -3.54 0.44 -14.92
C PRO A 78 -2.10 0.42 -14.42
N PHE A 79 -1.94 0.62 -13.13
CA PHE A 79 -0.64 0.60 -12.49
C PHE A 79 -0.53 -0.69 -11.68
N GLU A 80 0.60 -1.37 -11.78
CA GLU A 80 0.73 -2.69 -11.16
C GLU A 80 1.65 -2.65 -9.96
N ALA A 81 1.10 -2.90 -8.79
CA ALA A 81 1.90 -2.88 -7.57
C ALA A 81 2.34 -4.29 -7.18
N ARG A 82 3.64 -4.49 -7.08
CA ARG A 82 4.19 -5.78 -6.69
C ARG A 82 4.81 -5.69 -5.32
N LEU A 83 4.22 -6.37 -4.35
CA LEU A 83 4.72 -6.40 -2.99
C LEU A 83 5.51 -7.68 -2.75
N TYR A 84 6.80 -7.54 -2.52
CA TYR A 84 7.67 -8.68 -2.32
C TYR A 84 7.83 -8.99 -0.83
N LEU A 85 7.15 -10.03 -0.38
CA LEU A 85 7.35 -10.53 0.97
C LEU A 85 8.31 -11.72 0.92
N GLY A 86 8.67 -12.06 -0.31
CA GLY A 86 9.60 -13.13 -0.56
C GLY A 86 9.74 -13.34 -2.05
N LEU A 87 10.19 -14.50 -2.46
CA LEU A 87 10.28 -14.82 -3.88
C LEU A 87 9.12 -15.71 -4.28
N ASP A 88 8.63 -16.47 -3.33
CA ASP A 88 7.46 -17.32 -3.54
C ASP A 88 6.20 -16.58 -3.13
N VAL A 89 6.38 -15.53 -2.35
CA VAL A 89 5.27 -14.71 -1.90
C VAL A 89 5.25 -13.39 -2.68
N LEU A 90 4.39 -13.32 -3.69
CA LEU A 90 4.33 -12.17 -4.56
C LEU A 90 2.93 -11.60 -4.62
N ILE A 91 2.69 -10.54 -3.88
CA ILE A 91 1.40 -9.88 -3.88
C ILE A 91 1.33 -8.90 -5.04
N ARG A 92 0.66 -9.30 -6.11
CA ARG A 92 0.52 -8.45 -7.28
C ARG A 92 -0.91 -7.95 -7.41
N MET A 93 -1.07 -6.64 -7.39
CA MET A 93 -2.37 -6.04 -7.56
C MET A 93 -2.34 -5.01 -8.68
N GLU A 94 -3.30 -5.11 -9.58
CA GLU A 94 -3.40 -4.18 -10.68
C GLU A 94 -4.42 -3.11 -10.31
N ILE A 95 -3.90 -1.95 -9.97
CA ILE A 95 -4.68 -0.89 -9.36
C ILE A 95 -4.87 0.28 -10.32
N SER A 96 -5.74 1.20 -9.95
CA SER A 96 -5.97 2.38 -10.75
C SER A 96 -5.64 3.62 -9.94
N LEU A 97 -4.97 4.57 -10.57
CA LEU A 97 -4.60 5.81 -9.92
C LEU A 97 -5.84 6.64 -9.62
N ALA A 98 -6.05 6.96 -8.36
CA ALA A 98 -7.20 7.77 -7.96
C ALA A 98 -6.82 9.24 -7.89
N TRP A 99 -5.81 9.54 -7.08
CA TRP A 99 -5.36 10.91 -6.92
C TRP A 99 -3.86 10.97 -6.75
N ALA A 100 -3.27 12.05 -7.24
CA ALA A 100 -1.83 12.26 -7.12
C ALA A 100 -1.57 13.66 -6.59
N ARG A 101 -0.87 13.75 -5.47
CA ARG A 101 -0.58 15.03 -4.85
C ARG A 101 0.90 15.14 -4.50
N ASP A 102 1.64 15.88 -5.32
CA ASP A 102 3.09 16.08 -5.16
C ASP A 102 3.85 14.77 -5.34
N GLY A 103 3.95 13.99 -4.27
CA GLY A 103 4.62 12.71 -4.34
C GLY A 103 3.76 11.60 -3.79
N LEU A 104 2.66 11.96 -3.15
CA LEU A 104 1.76 10.98 -2.57
C LEU A 104 0.78 10.50 -3.63
N LEU A 105 0.85 9.22 -3.94
CA LEU A 105 0.04 8.63 -4.98
C LEU A 105 -0.95 7.65 -4.39
N GLY A 106 -2.23 7.97 -4.50
CA GLY A 106 -3.27 7.11 -3.96
C GLY A 106 -3.91 6.26 -5.03
N PHE A 107 -3.85 4.95 -4.86
CA PHE A 107 -4.41 4.04 -5.85
C PHE A 107 -5.59 3.27 -5.27
N GLU A 108 -6.53 2.94 -6.13
CA GLU A 108 -7.66 2.11 -5.74
C GLU A 108 -7.54 0.74 -6.37
N CYS A 109 -8.07 -0.26 -5.68
CA CYS A 109 -7.97 -1.64 -6.13
C CYS A 109 -8.89 -1.90 -7.32
N GLN A 110 -8.30 -2.28 -8.45
CA GLN A 110 -9.08 -2.54 -9.66
C GLN A 110 -9.17 -4.04 -9.91
N HIS A 111 -8.02 -4.65 -10.13
CA HIS A 111 -7.93 -6.08 -10.33
C HIS A 111 -7.09 -6.68 -9.21
N ILE A 112 -7.77 -7.24 -8.22
CA ILE A 112 -7.09 -7.81 -7.07
C ILE A 112 -6.93 -9.31 -7.25
N ASP A 113 -5.70 -9.78 -7.15
CA ASP A 113 -5.42 -11.21 -7.27
C ASP A 113 -5.97 -11.94 -6.04
N LEU A 114 -6.48 -13.14 -6.24
CA LEU A 114 -7.02 -13.94 -5.14
C LEU A 114 -5.97 -14.21 -4.08
N ASP A 115 -4.75 -14.47 -4.52
CA ASP A 115 -3.64 -14.72 -3.64
C ASP A 115 -3.25 -13.44 -2.91
N SER A 116 -3.39 -12.31 -3.59
CA SER A 116 -3.14 -11.01 -3.01
C SER A 116 -4.07 -10.78 -1.83
N ILE A 117 -5.36 -11.07 -2.03
CA ILE A 117 -6.36 -10.92 -0.98
C ILE A 117 -6.03 -11.81 0.20
N SER A 118 -5.65 -13.05 -0.10
CA SER A 118 -5.32 -14.03 0.91
C SER A 118 -4.19 -13.54 1.82
N HIS A 119 -3.04 -13.21 1.24
CA HIS A 119 -1.88 -12.82 2.02
C HIS A 119 -2.12 -11.51 2.78
N LEU A 120 -2.90 -10.63 2.18
CA LEU A 120 -3.19 -9.34 2.81
C LEU A 120 -3.88 -9.53 4.14
N ARG A 121 -5.04 -10.19 4.13
CA ARG A 121 -5.77 -10.40 5.37
C ARG A 121 -5.03 -11.36 6.28
N ARG A 122 -4.39 -12.37 5.71
CA ARG A 122 -3.68 -13.37 6.50
C ARG A 122 -2.60 -12.73 7.37
N LEU A 123 -1.87 -11.79 6.81
CA LEU A 123 -0.81 -11.12 7.55
C LEU A 123 -1.39 -10.23 8.65
N VAL A 124 -2.33 -9.36 8.29
CA VAL A 124 -2.90 -8.41 9.24
C VAL A 124 -3.68 -9.12 10.36
N GLU A 125 -4.35 -10.20 10.00
CA GLU A 125 -5.19 -10.94 10.94
C GLU A 125 -4.34 -11.66 12.00
N LEU A 126 -3.36 -12.42 11.54
CA LEU A 126 -2.50 -13.19 12.45
C LEU A 126 -1.58 -12.27 13.25
N ASN A 127 -1.26 -11.11 12.66
CA ASN A 127 -0.44 -10.11 13.35
C ASN A 127 -1.29 -9.37 14.38
N LEU A 128 -2.61 -9.56 14.27
CA LEU A 128 -3.58 -8.94 15.16
C LEU A 128 -3.55 -7.42 15.02
N GLY A 129 -3.50 -6.96 13.77
CA GLY A 129 -3.61 -5.55 13.49
C GLY A 129 -5.04 -5.13 13.31
N ASP A 130 -5.94 -6.12 13.37
CA ASP A 130 -7.38 -5.94 13.23
C ASP A 130 -7.76 -5.63 11.78
N GLU A 131 -8.91 -6.13 11.34
CA GLU A 131 -9.34 -5.93 9.96
C GLU A 131 -9.90 -4.53 9.77
N GLU A 132 -10.05 -3.80 10.87
CA GLU A 132 -10.50 -2.41 10.83
C GLU A 132 -9.58 -1.59 9.92
N LEU A 133 -8.29 -1.88 9.99
CA LEU A 133 -7.31 -1.17 9.19
C LEU A 133 -7.41 -1.53 7.72
N LEU A 134 -7.97 -2.69 7.43
CA LEU A 134 -8.13 -3.12 6.05
C LEU A 134 -9.37 -2.49 5.44
N GLU A 135 -10.29 -2.06 6.30
CA GLU A 135 -11.60 -1.59 5.87
C GLU A 135 -11.76 -0.09 6.07
N ARG A 136 -10.63 0.62 6.12
CA ARG A 136 -10.66 2.08 6.19
C ARG A 136 -10.98 2.65 4.81
N GLU A 137 -10.83 3.95 4.65
CA GLU A 137 -10.99 4.56 3.35
C GLU A 137 -9.65 5.04 2.82
N LEU A 138 -9.49 5.04 1.51
CA LEU A 138 -8.26 5.56 0.90
C LEU A 138 -7.98 6.99 1.37
N ALA A 139 -9.04 7.76 1.60
CA ALA A 139 -8.92 9.11 2.12
C ALA A 139 -8.45 9.11 3.58
N LEU A 140 -8.49 7.94 4.22
CA LEU A 140 -8.02 7.80 5.59
C LEU A 140 -6.59 7.28 5.61
N LEU A 141 -6.10 6.85 4.46
CA LEU A 141 -4.75 6.31 4.36
C LEU A 141 -3.77 7.40 3.95
N VAL A 142 -3.00 7.84 4.94
CA VAL A 142 -2.06 8.94 4.77
C VAL A 142 -0.63 8.41 5.02
N SER A 143 0.31 9.31 5.23
CA SER A 143 1.71 8.94 5.42
C SER A 143 2.02 8.73 6.90
N ALA A 144 3.23 8.23 7.17
CA ALA A 144 3.71 8.05 8.54
C ALA A 144 3.44 9.30 9.37
N HIS A 145 3.84 10.46 8.84
CA HIS A 145 3.43 11.72 9.45
C HIS A 145 2.04 12.08 8.99
N ASP A 146 1.06 11.65 9.78
CA ASP A 146 -0.35 11.82 9.46
C ASP A 146 -0.75 13.28 9.55
N ASP A 147 -0.28 13.94 10.60
CA ASP A 147 -0.52 15.35 10.81
C ASP A 147 0.38 15.86 11.93
N MET A 23 -11.39 1.80 17.26
CA MET A 23 -10.92 0.87 18.31
C MET A 23 -11.79 1.00 19.56
N SER A 24 -12.13 -0.14 20.16
CA SER A 24 -12.99 -0.16 21.32
C SER A 24 -12.16 -0.17 22.60
N ASP A 25 -11.10 -0.97 22.61
CA ASP A 25 -10.24 -1.08 23.78
C ASP A 25 -8.83 -0.61 23.42
N GLN A 26 -8.31 0.34 24.17
CA GLN A 26 -7.01 0.92 23.85
C GLN A 26 -6.01 0.77 25.00
N HIS A 27 -5.13 -0.21 24.86
CA HIS A 27 -3.99 -0.34 25.74
C HIS A 27 -2.72 -0.26 24.89
N ASP A 28 -2.41 0.94 24.42
CA ASP A 28 -1.32 1.16 23.47
C ASP A 28 0.05 1.01 24.11
N GLU A 29 0.09 0.79 25.41
CA GLU A 29 1.35 0.54 26.12
C GLU A 29 2.18 -0.53 25.42
N ARG A 30 1.52 -1.58 24.93
CA ARG A 30 2.21 -2.69 24.32
C ARG A 30 2.14 -2.63 22.80
N ARG A 31 1.40 -1.65 22.28
CA ARG A 31 1.29 -1.48 20.85
C ARG A 31 2.33 -0.49 20.34
N ARG A 32 2.58 -0.50 19.05
CA ARG A 32 3.64 0.32 18.47
C ARG A 32 3.14 1.10 17.26
N PHE A 33 4.03 1.34 16.31
CA PHE A 33 3.69 2.08 15.10
C PHE A 33 2.84 1.22 14.18
N HIS A 34 1.57 1.09 14.52
CA HIS A 34 0.64 0.33 13.69
C HIS A 34 0.28 1.08 12.41
N ARG A 35 0.98 0.72 11.35
CA ARG A 35 0.71 1.23 10.01
C ARG A 35 0.68 0.04 9.07
N ILE A 36 -0.22 0.04 8.10
CA ILE A 36 -0.35 -1.11 7.22
C ILE A 36 0.69 -1.07 6.12
N ALA A 37 1.84 -1.66 6.45
CA ALA A 37 2.95 -1.81 5.54
C ALA A 37 3.97 -2.72 6.18
N PHE A 38 4.36 -3.76 5.48
CA PHE A 38 5.25 -4.77 6.05
C PHE A 38 6.69 -4.43 5.68
N ASP A 39 6.87 -3.24 5.10
CA ASP A 39 8.16 -2.76 4.62
C ASP A 39 8.77 -3.77 3.66
N ALA A 40 8.32 -3.73 2.42
CA ALA A 40 8.67 -4.73 1.43
C ALA A 40 9.05 -4.08 0.11
N ASP A 41 9.50 -4.89 -0.83
CA ASP A 41 9.88 -4.41 -2.15
C ASP A 41 8.64 -4.24 -3.02
N SER A 42 8.29 -2.99 -3.27
CA SER A 42 7.09 -2.69 -4.03
C SER A 42 7.43 -1.94 -5.31
N GLU A 43 7.07 -2.53 -6.44
CA GLU A 43 7.30 -1.90 -7.73
C GLU A 43 5.98 -1.58 -8.40
N ILE A 44 5.89 -0.40 -8.98
CA ILE A 44 4.74 -0.02 -9.77
C ILE A 44 5.09 -0.10 -11.24
N LEU A 45 4.39 -0.96 -11.96
CA LEU A 45 4.68 -1.18 -13.37
C LEU A 45 3.72 -0.38 -14.24
N GLN A 46 4.24 0.61 -14.95
CA GLN A 46 3.46 1.33 -15.92
C GLN A 46 3.62 0.69 -17.28
N GLY A 47 2.89 -0.40 -17.49
CA GLY A 47 3.02 -1.16 -18.71
C GLY A 47 4.32 -1.96 -18.77
N GLU A 48 5.42 -1.24 -18.95
CA GLU A 48 6.73 -1.87 -19.08
C GLU A 48 7.76 -1.17 -18.20
N ARG A 49 7.46 0.06 -17.80
CA ARG A 49 8.42 0.84 -17.02
C ARG A 49 8.17 0.62 -15.53
N ARG A 50 9.24 0.32 -14.82
CA ARG A 50 9.14 -0.16 -13.44
C ARG A 50 9.67 0.90 -12.48
N TRP A 51 8.81 1.32 -11.54
CA TRP A 51 9.19 2.26 -10.50
C TRP A 51 9.29 1.56 -9.15
N GLU A 52 10.44 1.66 -8.51
CA GLU A 52 10.61 1.13 -7.17
C GLU A 52 10.03 2.13 -6.16
N VAL A 53 8.85 1.83 -5.65
CA VAL A 53 8.14 2.74 -4.77
C VAL A 53 8.21 2.25 -3.32
N LEU A 54 7.95 3.15 -2.38
CA LEU A 54 7.96 2.78 -0.98
C LEU A 54 6.53 2.52 -0.50
N LEU A 55 6.27 1.28 -0.11
CA LEU A 55 4.97 0.90 0.43
C LEU A 55 4.67 1.70 1.69
N HIS A 56 3.44 2.15 1.81
CA HIS A 56 3.08 3.08 2.86
C HIS A 56 1.89 2.61 3.67
N ASP A 57 0.71 2.79 3.12
CA ASP A 57 -0.54 2.52 3.83
C ASP A 57 -1.55 1.95 2.84
N VAL A 58 -1.90 0.69 2.97
CA VAL A 58 -2.74 0.03 1.98
C VAL A 58 -4.03 -0.51 2.59
N SER A 59 -5.10 -0.50 1.80
CA SER A 59 -6.38 -1.06 2.22
C SER A 59 -6.92 -1.97 1.12
N LEU A 60 -8.09 -2.54 1.36
CA LEU A 60 -8.74 -3.40 0.36
C LEU A 60 -9.46 -2.55 -0.67
N HIS A 61 -9.41 -1.24 -0.49
CA HIS A 61 -10.17 -0.31 -1.32
C HIS A 61 -9.23 0.45 -2.24
N GLY A 62 -7.96 0.38 -1.90
CA GLY A 62 -6.96 1.17 -2.57
C GLY A 62 -5.65 1.19 -1.80
N ILE A 63 -4.60 1.64 -2.46
CA ILE A 63 -3.28 1.61 -1.86
C ILE A 63 -2.64 3.00 -1.90
N LEU A 64 -2.17 3.44 -0.74
CA LEU A 64 -1.46 4.70 -0.63
C LEU A 64 0.04 4.43 -0.49
N VAL A 65 0.83 4.95 -1.42
CA VAL A 65 2.28 4.78 -1.37
C VAL A 65 2.97 6.13 -1.40
N GLY A 66 4.27 6.11 -1.17
CA GLY A 66 5.04 7.34 -1.19
C GLY A 66 6.24 7.21 -2.09
N GLN A 67 6.38 8.10 -3.05
CA GLN A 67 7.48 8.05 -3.99
C GLN A 67 8.04 9.43 -4.26
N PRO A 68 9.15 9.78 -3.59
CA PRO A 68 9.85 11.04 -3.81
C PRO A 68 10.77 10.96 -5.04
N GLN A 69 10.22 10.44 -6.13
CA GLN A 69 10.98 10.23 -7.36
C GLN A 69 10.21 10.84 -8.53
N ASP A 70 10.84 10.88 -9.70
CA ASP A 70 10.18 11.39 -10.90
C ASP A 70 9.17 10.37 -11.40
N TRP A 71 7.93 10.81 -11.50
CA TRP A 71 6.81 9.92 -11.79
C TRP A 71 6.01 10.46 -12.98
N ASN A 72 5.44 9.56 -13.78
CA ASN A 72 4.63 9.96 -14.91
C ASN A 72 3.21 10.24 -14.44
N GLY A 73 2.45 9.17 -14.23
CA GLY A 73 1.15 9.32 -13.62
C GLY A 73 0.06 9.54 -14.63
N ASP A 74 0.31 9.05 -15.83
CA ASP A 74 -0.69 9.11 -16.88
C ASP A 74 -1.80 8.12 -16.58
N PRO A 75 -3.00 8.61 -16.28
CA PRO A 75 -4.12 7.77 -15.85
C PRO A 75 -4.72 6.98 -17.01
N GLN A 76 -4.02 6.97 -18.13
CA GLN A 76 -4.41 6.14 -19.27
C GLN A 76 -3.54 4.90 -19.29
N ARG A 77 -2.56 4.90 -18.39
CA ARG A 77 -1.65 3.77 -18.25
C ARG A 77 -1.92 3.05 -16.95
N PRO A 78 -2.51 1.85 -17.03
CA PRO A 78 -2.84 1.03 -15.85
C PRO A 78 -1.58 0.71 -15.05
N PHE A 79 -1.68 0.86 -13.73
CA PHE A 79 -0.54 0.67 -12.86
C PHE A 79 -0.64 -0.66 -12.13
N GLU A 80 0.48 -1.37 -12.08
CA GLU A 80 0.55 -2.65 -11.38
C GLU A 80 1.32 -2.51 -10.09
N ALA A 81 0.73 -2.95 -9.00
CA ALA A 81 1.43 -2.97 -7.72
C ALA A 81 1.99 -4.35 -7.45
N ARG A 82 3.31 -4.48 -7.56
CA ARG A 82 3.97 -5.76 -7.35
C ARG A 82 4.71 -5.75 -6.02
N LEU A 83 4.16 -6.45 -5.04
CA LEU A 83 4.69 -6.46 -3.67
C LEU A 83 5.42 -7.76 -3.37
N TYR A 84 6.72 -7.67 -3.16
CA TYR A 84 7.52 -8.83 -2.77
C TYR A 84 7.62 -8.94 -1.26
N LEU A 85 6.98 -9.94 -0.69
CA LEU A 85 7.09 -10.21 0.73
C LEU A 85 8.08 -11.34 0.97
N GLY A 86 8.30 -12.12 -0.07
CA GLY A 86 9.22 -13.23 0.01
C GLY A 86 9.69 -13.62 -1.37
N LEU A 87 10.16 -14.86 -1.51
CA LEU A 87 10.63 -15.35 -2.80
C LEU A 87 9.45 -15.81 -3.64
N ASP A 88 8.46 -16.44 -2.99
CA ASP A 88 7.26 -16.87 -3.69
C ASP A 88 6.07 -16.01 -3.27
N VAL A 89 6.19 -15.39 -2.10
CA VAL A 89 5.11 -14.59 -1.55
C VAL A 89 5.00 -13.26 -2.28
N LEU A 90 4.14 -13.22 -3.27
CA LEU A 90 3.95 -12.02 -4.08
C LEU A 90 2.52 -11.52 -3.92
N ILE A 91 2.39 -10.22 -3.65
CA ILE A 91 1.08 -9.59 -3.60
C ILE A 91 0.92 -8.66 -4.78
N ARG A 92 0.01 -8.99 -5.67
CA ARG A 92 -0.19 -8.21 -6.89
C ARG A 92 -1.61 -7.67 -6.95
N MET A 93 -1.74 -6.43 -7.40
CA MET A 93 -3.06 -5.83 -7.57
C MET A 93 -3.07 -4.85 -8.73
N GLU A 94 -4.13 -4.93 -9.53
CA GLU A 94 -4.35 -4.00 -10.63
C GLU A 94 -4.94 -2.72 -10.07
N ILE A 95 -4.18 -1.64 -10.14
CA ILE A 95 -4.61 -0.39 -9.55
C ILE A 95 -4.68 0.73 -10.58
N SER A 96 -5.64 1.62 -10.40
CA SER A 96 -5.77 2.78 -11.26
C SER A 96 -5.45 4.02 -10.45
N LEU A 97 -4.71 4.94 -11.04
CA LEU A 97 -4.27 6.13 -10.35
C LEU A 97 -5.44 7.09 -10.14
N ALA A 98 -5.83 7.25 -8.88
CA ALA A 98 -6.95 8.13 -8.55
C ALA A 98 -6.46 9.54 -8.23
N TRP A 99 -5.41 9.65 -7.42
CA TRP A 99 -4.86 10.94 -7.05
C TRP A 99 -3.42 10.81 -6.59
N ALA A 100 -2.63 11.85 -6.84
CA ALA A 100 -1.25 11.91 -6.40
C ALA A 100 -0.91 13.34 -5.99
N ARG A 101 -0.50 13.53 -4.74
CA ARG A 101 -0.24 14.87 -4.23
C ARG A 101 0.92 14.87 -3.24
N ASP A 102 1.77 15.89 -3.34
CA ASP A 102 2.92 16.06 -2.45
C ASP A 102 3.97 14.96 -2.68
N GLY A 103 3.83 13.88 -1.95
CA GLY A 103 4.70 12.73 -2.14
C GLY A 103 3.93 11.44 -1.96
N LEU A 104 2.61 11.57 -1.82
CA LEU A 104 1.75 10.42 -1.57
C LEU A 104 0.87 10.16 -2.77
N LEU A 105 0.81 8.91 -3.19
CA LEU A 105 -0.01 8.52 -4.33
C LEU A 105 -1.06 7.50 -3.91
N GLY A 106 -2.32 7.83 -4.18
CA GLY A 106 -3.40 6.94 -3.82
C GLY A 106 -3.99 6.27 -5.04
N PHE A 107 -3.78 4.97 -5.14
CA PHE A 107 -4.30 4.20 -6.26
C PHE A 107 -5.54 3.43 -5.81
N GLU A 108 -6.49 3.26 -6.72
CA GLU A 108 -7.69 2.52 -6.41
C GLU A 108 -7.54 1.08 -6.91
N CYS A 109 -7.89 0.13 -6.05
CA CYS A 109 -7.72 -1.28 -6.37
C CYS A 109 -8.92 -1.83 -7.13
N GLN A 110 -8.70 -2.20 -8.40
CA GLN A 110 -9.76 -2.81 -9.21
C GLN A 110 -9.71 -4.33 -9.12
N HIS A 111 -8.60 -4.91 -9.55
CA HIS A 111 -8.47 -6.36 -9.60
C HIS A 111 -7.37 -6.82 -8.65
N ILE A 112 -7.75 -7.31 -7.50
CA ILE A 112 -6.80 -7.87 -6.56
C ILE A 112 -6.87 -9.39 -6.65
N ASP A 113 -5.72 -10.03 -6.83
CA ASP A 113 -5.69 -11.48 -6.97
C ASP A 113 -6.08 -12.13 -5.64
N LEU A 114 -6.90 -13.18 -5.70
CA LEU A 114 -7.39 -13.84 -4.49
C LEU A 114 -6.24 -14.43 -3.68
N ASP A 115 -5.18 -14.85 -4.37
CA ASP A 115 -3.99 -15.33 -3.68
C ASP A 115 -3.33 -14.19 -2.92
N SER A 116 -3.26 -13.04 -3.57
CA SER A 116 -2.68 -11.85 -2.97
C SER A 116 -3.57 -11.35 -1.81
N ILE A 117 -4.88 -11.42 -1.99
CA ILE A 117 -5.84 -11.08 -0.94
C ILE A 117 -5.60 -11.97 0.27
N SER A 118 -5.43 -13.25 0.03
CA SER A 118 -5.19 -14.21 1.09
C SER A 118 -3.88 -13.89 1.82
N HIS A 119 -2.85 -13.51 1.06
CA HIS A 119 -1.58 -13.10 1.68
C HIS A 119 -1.80 -11.89 2.58
N LEU A 120 -2.45 -10.87 2.03
CA LEU A 120 -2.69 -9.62 2.73
C LEU A 120 -3.46 -9.87 4.03
N ARG A 121 -4.65 -10.45 3.90
CA ARG A 121 -5.53 -10.66 5.03
C ARG A 121 -4.89 -11.54 6.10
N ARG A 122 -4.33 -12.68 5.69
CA ARG A 122 -3.77 -13.64 6.63
C ARG A 122 -2.53 -13.08 7.32
N LEU A 123 -1.68 -12.39 6.58
CA LEU A 123 -0.43 -11.86 7.15
C LEU A 123 -0.73 -10.85 8.26
N VAL A 124 -1.70 -9.98 8.01
CA VAL A 124 -2.07 -8.97 8.99
C VAL A 124 -2.79 -9.60 10.18
N GLU A 125 -3.65 -10.58 9.88
CA GLU A 125 -4.44 -11.25 10.93
C GLU A 125 -3.54 -12.08 11.84
N LEU A 126 -2.55 -12.75 11.26
CA LEU A 126 -1.59 -13.55 12.04
C LEU A 126 -0.84 -12.68 13.04
N ASN A 127 -0.58 -11.43 12.65
CA ASN A 127 0.12 -10.50 13.53
C ASN A 127 -0.84 -9.77 14.45
N LEU A 128 -2.08 -9.59 13.98
CA LEU A 128 -3.12 -8.86 14.72
C LEU A 128 -2.68 -7.43 14.96
N GLY A 129 -1.92 -6.90 14.01
CA GLY A 129 -1.39 -5.55 14.13
C GLY A 129 -2.40 -4.49 13.75
N ASP A 130 -3.57 -4.57 14.36
CA ASP A 130 -4.66 -3.61 14.12
C ASP A 130 -5.08 -3.58 12.67
N GLU A 131 -5.90 -4.56 12.27
CA GLU A 131 -6.36 -4.67 10.90
C GLU A 131 -7.59 -3.80 10.66
N GLU A 132 -7.98 -3.07 11.70
CA GLU A 132 -9.11 -2.13 11.63
C GLU A 132 -8.77 -0.96 10.70
N LEU A 133 -7.47 -0.76 10.47
CA LEU A 133 -6.97 0.36 9.70
C LEU A 133 -7.30 0.23 8.21
N LEU A 134 -7.26 -0.99 7.71
CA LEU A 134 -7.35 -1.22 6.26
C LEU A 134 -8.79 -1.32 5.77
N GLU A 135 -9.75 -1.09 6.67
CA GLU A 135 -11.15 -1.23 6.30
C GLU A 135 -11.87 0.11 6.38
N ARG A 136 -11.13 1.21 6.31
CA ARG A 136 -11.74 2.53 6.26
C ARG A 136 -12.21 2.82 4.84
N GLU A 137 -11.33 3.44 4.06
CA GLU A 137 -11.57 3.77 2.65
C GLU A 137 -10.32 4.47 2.14
N LEU A 138 -10.14 4.52 0.82
CA LEU A 138 -8.96 5.17 0.24
C LEU A 138 -8.83 6.61 0.76
N ALA A 139 -9.92 7.37 0.67
CA ALA A 139 -9.93 8.75 1.14
C ALA A 139 -10.00 8.84 2.67
N LEU A 140 -10.10 7.70 3.33
CA LEU A 140 -10.15 7.66 4.79
C LEU A 140 -8.82 7.19 5.37
N LEU A 141 -7.92 6.74 4.49
CA LEU A 141 -6.62 6.28 4.94
C LEU A 141 -5.61 7.41 4.91
N VAL A 142 -5.11 7.75 6.07
CA VAL A 142 -4.08 8.76 6.20
C VAL A 142 -2.76 8.06 6.54
N SER A 143 -1.69 8.47 5.89
CA SER A 143 -0.41 7.82 6.03
C SER A 143 0.16 7.95 7.43
N ALA A 144 1.25 7.22 7.69
CA ALA A 144 2.03 7.35 8.92
C ALA A 144 2.28 8.82 9.27
N HIS A 145 2.44 9.64 8.23
CA HIS A 145 2.47 11.08 8.40
C HIS A 145 1.03 11.61 8.36
N ASP A 146 0.48 11.85 9.53
CA ASP A 146 -0.89 12.35 9.63
C ASP A 146 -0.88 13.84 9.99
N ASP A 147 -1.68 14.61 9.28
CA ASP A 147 -1.78 16.04 9.53
C ASP A 147 -3.11 16.35 10.19
N MET A 23 30.74 11.13 16.39
CA MET A 23 29.47 11.72 15.92
C MET A 23 29.10 12.92 16.77
N SER A 24 28.82 14.04 16.11
CA SER A 24 28.44 15.29 16.79
C SER A 24 26.97 15.27 17.22
N ASP A 25 26.46 14.07 17.46
CA ASP A 25 25.07 13.86 17.82
C ASP A 25 24.95 12.47 18.42
N GLN A 26 23.73 11.99 18.61
CA GLN A 26 23.52 10.67 19.17
C GLN A 26 22.89 9.75 18.12
N HIS A 27 21.67 10.08 17.71
CA HIS A 27 20.96 9.30 16.70
C HIS A 27 19.71 10.05 16.24
N ASP A 28 19.60 10.25 14.93
CA ASP A 28 18.46 10.96 14.36
C ASP A 28 17.23 10.06 14.36
N GLU A 29 17.45 8.78 14.11
CA GLU A 29 16.37 7.81 14.10
C GLU A 29 16.02 7.39 15.52
N ARG A 30 14.76 7.56 15.87
CA ARG A 30 14.28 7.17 17.19
C ARG A 30 13.49 5.88 17.12
N ARG A 31 13.39 5.35 15.88
CA ARG A 31 12.86 4.02 15.62
C ARG A 31 11.33 3.98 15.74
N ARG A 32 10.66 3.73 14.63
CA ARG A 32 9.22 3.59 14.60
C ARG A 32 8.82 2.50 13.61
N PHE A 33 8.05 1.53 14.09
CA PHE A 33 7.67 0.38 13.26
C PHE A 33 6.54 0.74 12.30
N HIS A 34 6.17 -0.22 11.47
CA HIS A 34 5.14 -0.02 10.47
C HIS A 34 4.01 -1.04 10.64
N ARG A 35 2.77 -0.57 10.58
CA ARG A 35 1.62 -1.46 10.50
C ARG A 35 1.51 -2.02 9.10
N ILE A 36 1.33 -1.10 8.15
CA ILE A 36 1.29 -1.45 6.74
C ILE A 36 2.69 -1.28 6.15
N ALA A 37 2.88 -1.75 4.91
CA ALA A 37 4.17 -1.71 4.20
C ALA A 37 5.06 -2.86 4.66
N PHE A 38 5.07 -3.10 5.97
CA PHE A 38 5.76 -4.25 6.58
C PHE A 38 7.25 -4.21 6.29
N ASP A 39 7.74 -3.07 5.81
CA ASP A 39 9.13 -2.92 5.38
C ASP A 39 9.47 -3.92 4.29
N ALA A 40 8.44 -4.31 3.54
CA ALA A 40 8.60 -5.24 2.43
C ALA A 40 9.00 -4.50 1.17
N ASP A 41 9.28 -5.24 0.10
CA ASP A 41 9.69 -4.62 -1.15
C ASP A 41 8.49 -4.44 -2.07
N SER A 42 8.30 -3.23 -2.55
CA SER A 42 7.15 -2.92 -3.39
C SER A 42 7.59 -2.25 -4.70
N GLU A 43 7.05 -2.71 -5.81
CA GLU A 43 7.34 -2.12 -7.10
C GLU A 43 6.05 -1.66 -7.78
N ILE A 44 6.13 -0.63 -8.59
CA ILE A 44 5.02 -0.21 -9.42
C ILE A 44 5.37 -0.43 -10.89
N LEU A 45 4.48 -1.08 -11.61
CA LEU A 45 4.77 -1.44 -12.98
C LEU A 45 3.86 -0.70 -13.96
N GLN A 46 4.36 -0.50 -15.17
CA GLN A 46 3.57 0.04 -16.27
C GLN A 46 4.06 -0.58 -17.57
N GLY A 47 3.41 -1.68 -17.96
CA GLY A 47 3.85 -2.41 -19.13
C GLY A 47 5.16 -3.13 -18.87
N GLU A 48 6.26 -2.48 -19.23
CA GLU A 48 7.58 -2.99 -18.91
C GLU A 48 8.36 -2.00 -18.06
N ARG A 49 7.71 -0.89 -17.71
CA ARG A 49 8.27 0.06 -16.77
C ARG A 49 8.16 -0.49 -15.35
N ARG A 50 9.20 -0.28 -14.55
CA ARG A 50 9.21 -0.84 -13.20
C ARG A 50 9.95 0.09 -12.23
N TRP A 51 9.21 0.56 -11.23
CA TRP A 51 9.78 1.42 -10.19
C TRP A 51 9.76 0.73 -8.83
N GLU A 52 10.92 0.45 -8.25
CA GLU A 52 10.96 -0.03 -6.88
C GLU A 52 10.65 1.14 -5.95
N VAL A 53 9.44 1.16 -5.41
CA VAL A 53 8.93 2.34 -4.73
C VAL A 53 8.69 2.08 -3.24
N LEU A 54 8.45 3.15 -2.49
CA LEU A 54 8.22 3.05 -1.06
C LEU A 54 6.74 2.87 -0.74
N LEU A 55 6.39 1.68 -0.25
CA LEU A 55 5.02 1.40 0.18
C LEU A 55 4.74 2.10 1.51
N HIS A 56 3.50 2.50 1.71
CA HIS A 56 3.10 3.16 2.95
C HIS A 56 1.95 2.44 3.62
N ASP A 57 0.74 2.69 3.13
CA ASP A 57 -0.47 2.18 3.76
C ASP A 57 -1.39 1.59 2.71
N VAL A 58 -2.39 0.83 3.11
CA VAL A 58 -3.27 0.17 2.14
C VAL A 58 -4.59 -0.25 2.78
N SER A 59 -5.61 -0.33 1.95
CA SER A 59 -6.91 -0.87 2.35
C SER A 59 -7.43 -1.74 1.21
N LEU A 60 -8.61 -2.31 1.40
CA LEU A 60 -9.22 -3.12 0.35
C LEU A 60 -9.94 -2.22 -0.64
N HIS A 61 -9.81 -0.92 -0.43
CA HIS A 61 -10.53 0.08 -1.21
C HIS A 61 -9.55 0.95 -1.98
N GLY A 62 -8.29 0.80 -1.65
CA GLY A 62 -7.27 1.65 -2.23
C GLY A 62 -5.93 1.52 -1.50
N ILE A 63 -4.85 1.85 -2.20
CA ILE A 63 -3.51 1.72 -1.66
C ILE A 63 -2.80 3.08 -1.69
N LEU A 64 -1.97 3.34 -0.69
CA LEU A 64 -1.28 4.61 -0.56
C LEU A 64 0.24 4.39 -0.53
N VAL A 65 0.92 4.93 -1.53
CA VAL A 65 2.38 4.79 -1.59
C VAL A 65 3.06 6.16 -1.59
N GLY A 66 4.38 6.17 -1.46
CA GLY A 66 5.12 7.41 -1.48
C GLY A 66 6.14 7.42 -2.59
N GLN A 67 5.94 8.28 -3.59
CA GLN A 67 6.81 8.32 -4.75
C GLN A 67 7.59 9.63 -4.79
N PRO A 68 8.84 9.59 -5.28
CA PRO A 68 9.68 10.78 -5.41
C PRO A 68 9.08 11.82 -6.36
N GLN A 69 8.88 11.42 -7.62
CA GLN A 69 8.34 12.33 -8.63
C GLN A 69 8.22 11.63 -9.99
N ASP A 70 9.24 10.85 -10.34
CA ASP A 70 9.29 10.19 -11.65
C ASP A 70 8.07 9.29 -11.86
N TRP A 71 7.43 9.44 -13.01
CA TRP A 71 6.25 8.66 -13.34
C TRP A 71 6.28 8.28 -14.82
N ASN A 72 5.25 7.57 -15.27
CA ASN A 72 5.16 7.16 -16.66
C ASN A 72 4.51 8.25 -17.50
N GLY A 73 3.27 8.60 -17.16
CA GLY A 73 2.58 9.62 -17.93
C GLY A 73 1.28 10.09 -17.30
N ASP A 74 0.30 9.19 -17.23
CA ASP A 74 -1.04 9.60 -16.85
C ASP A 74 -1.69 8.60 -15.88
N PRO A 75 -2.33 9.13 -14.83
CA PRO A 75 -3.01 8.35 -13.79
C PRO A 75 -4.10 7.38 -14.28
N GLN A 76 -4.61 7.57 -15.50
CA GLN A 76 -5.72 6.75 -15.98
C GLN A 76 -5.20 5.45 -16.58
N ARG A 77 -3.91 5.23 -16.39
CA ARG A 77 -3.26 4.02 -16.87
C ARG A 77 -3.21 2.97 -15.76
N PRO A 78 -3.41 1.70 -16.12
CA PRO A 78 -3.41 0.60 -15.15
C PRO A 78 -2.02 0.31 -14.59
N PHE A 79 -1.79 0.72 -13.36
CA PHE A 79 -0.53 0.51 -12.70
C PHE A 79 -0.62 -0.74 -11.83
N GLU A 80 0.50 -1.43 -11.64
CA GLU A 80 0.50 -2.63 -10.82
C GLU A 80 1.35 -2.46 -9.58
N ALA A 81 0.82 -2.91 -8.45
CA ALA A 81 1.57 -2.95 -7.21
C ALA A 81 2.11 -4.35 -6.98
N ARG A 82 3.42 -4.48 -7.06
CA ARG A 82 4.09 -5.76 -6.93
C ARG A 82 4.78 -5.84 -5.57
N LEU A 83 4.20 -6.62 -4.67
CA LEU A 83 4.71 -6.71 -3.30
C LEU A 83 5.46 -8.00 -3.09
N TYR A 84 6.73 -7.88 -2.73
CA TYR A 84 7.57 -9.04 -2.49
C TYR A 84 7.59 -9.41 -1.02
N LEU A 85 6.87 -10.47 -0.69
CA LEU A 85 6.90 -11.02 0.65
C LEU A 85 7.88 -12.19 0.66
N GLY A 86 8.20 -12.62 -0.54
CA GLY A 86 9.19 -13.63 -0.78
C GLY A 86 9.59 -13.63 -2.23
N LEU A 87 10.30 -14.65 -2.69
CA LEU A 87 10.66 -14.73 -4.09
C LEU A 87 9.55 -15.40 -4.89
N ASP A 88 8.80 -16.28 -4.23
CA ASP A 88 7.65 -16.91 -4.85
C ASP A 88 6.36 -16.47 -4.17
N VAL A 89 6.51 -15.76 -3.05
CA VAL A 89 5.36 -15.18 -2.37
C VAL A 89 5.15 -13.76 -2.85
N LEU A 90 4.39 -13.62 -3.92
CA LEU A 90 4.19 -12.33 -4.54
C LEU A 90 2.75 -11.87 -4.39
N ILE A 91 2.57 -10.72 -3.75
CA ILE A 91 1.26 -10.12 -3.64
C ILE A 91 1.13 -9.02 -4.69
N ARG A 92 0.35 -9.28 -5.73
CA ARG A 92 0.19 -8.30 -6.79
C ARG A 92 -1.26 -7.83 -6.89
N MET A 93 -1.43 -6.58 -7.29
CA MET A 93 -2.76 -6.00 -7.41
C MET A 93 -2.77 -4.95 -8.51
N GLU A 94 -3.81 -5.01 -9.34
CA GLU A 94 -3.95 -4.09 -10.46
C GLU A 94 -4.74 -2.87 -10.01
N ILE A 95 -4.11 -1.70 -10.08
CA ILE A 95 -4.68 -0.50 -9.50
C ILE A 95 -4.70 0.66 -10.50
N SER A 96 -5.59 1.61 -10.26
CA SER A 96 -5.70 2.79 -11.10
C SER A 96 -5.44 4.05 -10.29
N LEU A 97 -4.37 4.77 -10.61
CA LEU A 97 -3.99 5.97 -9.87
C LEU A 97 -5.13 6.99 -9.87
N ALA A 98 -5.59 7.34 -8.68
CA ALA A 98 -6.71 8.26 -8.54
C ALA A 98 -6.22 9.67 -8.26
N TRP A 99 -5.45 9.83 -7.19
CA TRP A 99 -4.98 11.13 -6.77
C TRP A 99 -3.55 11.08 -6.26
N ALA A 100 -2.82 12.17 -6.45
CA ALA A 100 -1.46 12.29 -5.97
C ALA A 100 -1.29 13.65 -5.28
N ARG A 101 -1.04 13.63 -3.98
CA ARG A 101 -0.93 14.86 -3.22
C ARG A 101 0.37 14.90 -2.43
N ASP A 102 1.18 15.92 -2.71
CA ASP A 102 2.44 16.16 -2.02
C ASP A 102 3.45 15.05 -2.31
N GLY A 103 3.40 13.99 -1.52
CA GLY A 103 4.28 12.86 -1.73
C GLY A 103 3.54 11.55 -1.56
N LEU A 104 2.25 11.63 -1.30
CA LEU A 104 1.42 10.44 -1.11
C LEU A 104 0.48 10.26 -2.28
N LEU A 105 0.50 9.08 -2.87
CA LEU A 105 -0.35 8.79 -4.02
C LEU A 105 -1.33 7.68 -3.69
N GLY A 106 -2.61 7.95 -3.96
CA GLY A 106 -3.65 6.98 -3.69
C GLY A 106 -4.15 6.30 -4.94
N PHE A 107 -4.03 4.98 -4.97
CA PHE A 107 -4.45 4.20 -6.12
C PHE A 107 -5.74 3.45 -5.80
N GLU A 108 -6.64 3.41 -6.78
CA GLU A 108 -7.90 2.71 -6.65
C GLU A 108 -7.69 1.23 -6.98
N CYS A 109 -8.22 0.37 -6.14
CA CYS A 109 -8.04 -1.07 -6.31
C CYS A 109 -9.04 -1.64 -7.31
N GLN A 110 -8.54 -2.06 -8.46
CA GLN A 110 -9.39 -2.66 -9.48
C GLN A 110 -9.46 -4.17 -9.30
N HIS A 111 -8.32 -4.83 -9.50
CA HIS A 111 -8.29 -6.29 -9.45
C HIS A 111 -7.21 -6.79 -8.49
N ILE A 112 -7.64 -7.45 -7.43
CA ILE A 112 -6.72 -8.13 -6.54
C ILE A 112 -7.04 -9.61 -6.58
N ASP A 113 -6.05 -10.42 -6.92
CA ASP A 113 -6.26 -11.85 -7.13
C ASP A 113 -6.56 -12.56 -5.82
N LEU A 114 -7.22 -13.71 -5.92
CA LEU A 114 -7.75 -14.43 -4.75
C LEU A 114 -6.66 -14.74 -3.73
N ASP A 115 -5.59 -15.40 -4.18
CA ASP A 115 -4.51 -15.77 -3.28
C ASP A 115 -3.75 -14.52 -2.83
N SER A 116 -3.73 -13.51 -3.68
CA SER A 116 -3.07 -12.25 -3.37
C SER A 116 -3.78 -11.57 -2.19
N ILE A 117 -5.11 -11.56 -2.24
CA ILE A 117 -5.91 -11.02 -1.14
C ILE A 117 -5.60 -11.76 0.16
N SER A 118 -5.61 -13.08 0.08
CA SER A 118 -5.37 -13.90 1.26
C SER A 118 -3.95 -13.68 1.80
N HIS A 119 -2.98 -13.52 0.89
CA HIS A 119 -1.60 -13.24 1.28
C HIS A 119 -1.52 -11.99 2.15
N LEU A 120 -2.06 -10.89 1.63
CA LEU A 120 -2.03 -9.61 2.32
C LEU A 120 -2.82 -9.70 3.62
N ARG A 121 -4.01 -10.28 3.54
CA ARG A 121 -4.89 -10.41 4.70
C ARG A 121 -4.21 -11.19 5.83
N ARG A 122 -3.67 -12.36 5.49
CA ARG A 122 -3.04 -13.22 6.48
C ARG A 122 -1.81 -12.56 7.08
N LEU A 123 -1.11 -11.77 6.27
CA LEU A 123 0.06 -11.03 6.73
C LEU A 123 -0.35 -9.99 7.77
N VAL A 124 -1.50 -9.34 7.53
CA VAL A 124 -2.04 -8.35 8.46
C VAL A 124 -2.41 -9.02 9.78
N GLU A 125 -2.93 -10.23 9.70
CA GLU A 125 -3.31 -10.99 10.89
C GLU A 125 -2.09 -11.30 11.75
N LEU A 126 -1.00 -11.68 11.09
CA LEU A 126 0.23 -12.06 11.80
C LEU A 126 0.88 -10.86 12.48
N ASN A 127 0.90 -9.72 11.79
CA ASN A 127 1.58 -8.55 12.29
C ASN A 127 0.65 -7.62 13.06
N LEU A 128 -0.63 -7.99 13.11
CA LEU A 128 -1.66 -7.16 13.73
C LEU A 128 -1.68 -5.78 13.10
N GLY A 129 -1.73 -5.78 11.76
CA GLY A 129 -1.69 -4.52 11.01
C GLY A 129 -2.95 -3.69 11.12
N ASP A 130 -3.89 -4.13 11.96
CA ASP A 130 -5.13 -3.40 12.24
C ASP A 130 -6.09 -3.43 11.06
N GLU A 131 -7.17 -4.20 11.22
CA GLU A 131 -8.25 -4.26 10.24
C GLU A 131 -8.90 -2.89 10.05
N GLU A 132 -8.75 -2.04 11.06
CA GLU A 132 -9.27 -0.68 11.02
C GLU A 132 -8.78 0.05 9.77
N LEU A 133 -7.50 -0.10 9.47
CA LEU A 133 -6.91 0.57 8.33
C LEU A 133 -7.47 0.01 7.02
N LEU A 134 -7.62 -1.30 6.96
CA LEU A 134 -8.02 -1.99 5.75
C LEU A 134 -9.47 -1.67 5.36
N GLU A 135 -10.30 -1.36 6.35
CA GLU A 135 -11.73 -1.23 6.11
C GLU A 135 -12.24 0.19 6.29
N ARG A 136 -11.36 1.18 6.17
CA ARG A 136 -11.83 2.57 6.15
C ARG A 136 -12.25 2.94 4.74
N GLU A 137 -11.33 3.55 4.00
CA GLU A 137 -11.53 3.87 2.59
C GLU A 137 -10.25 4.51 2.09
N LEU A 138 -10.07 4.64 0.79
CA LEU A 138 -8.92 5.34 0.24
C LEU A 138 -8.96 6.81 0.64
N ALA A 139 -10.16 7.39 0.57
CA ALA A 139 -10.35 8.79 0.96
C ALA A 139 -10.35 8.93 2.49
N LEU A 140 -10.41 7.81 3.17
CA LEU A 140 -10.39 7.79 4.63
C LEU A 140 -9.05 7.31 5.15
N LEU A 141 -8.13 7.06 4.23
CA LEU A 141 -6.88 6.43 4.60
C LEU A 141 -5.79 7.45 4.85
N VAL A 142 -5.25 7.43 6.06
CA VAL A 142 -4.16 8.29 6.44
C VAL A 142 -2.91 7.44 6.55
N SER A 143 -1.75 8.02 6.27
CA SER A 143 -0.51 7.27 6.32
C SER A 143 -0.11 7.03 7.78
N ALA A 144 0.88 6.16 7.97
CA ALA A 144 1.44 5.85 9.29
C ALA A 144 1.67 7.12 10.11
N HIS A 145 2.13 8.17 9.46
CA HIS A 145 2.29 9.45 10.14
C HIS A 145 1.02 10.29 9.98
N ASP A 146 0.11 10.14 10.92
CA ASP A 146 -1.12 10.91 10.91
C ASP A 146 -0.86 12.32 11.40
N ASP A 147 -1.20 13.29 10.58
CA ASP A 147 -0.89 14.67 10.86
C ASP A 147 -2.11 15.55 10.67
N MET A 23 0.32 -12.41 32.72
CA MET A 23 0.62 -10.96 32.70
C MET A 23 2.08 -10.71 32.36
N SER A 24 2.37 -10.76 31.07
CA SER A 24 3.72 -10.54 30.58
C SER A 24 3.67 -9.74 29.28
N ASP A 25 2.56 -9.03 29.08
CA ASP A 25 2.30 -8.30 27.85
C ASP A 25 1.03 -7.46 27.98
N GLN A 26 0.10 -7.92 28.82
CA GLN A 26 -1.14 -7.19 29.06
C GLN A 26 -0.85 -5.87 29.78
N HIS A 27 -0.87 -4.79 29.03
CA HIS A 27 -0.59 -3.47 29.55
C HIS A 27 -1.58 -2.47 28.95
N ASP A 28 -1.75 -1.32 29.60
CA ASP A 28 -2.63 -0.26 29.08
C ASP A 28 -2.28 0.05 27.64
N GLU A 29 -0.98 0.14 27.38
CA GLU A 29 -0.46 0.27 26.03
C GLU A 29 -0.56 -1.07 25.33
N ARG A 30 -1.47 -1.17 24.37
CA ARG A 30 -1.67 -2.40 23.63
C ARG A 30 -1.12 -2.27 22.22
N ARG A 31 -1.64 -1.31 21.48
CA ARG A 31 -1.18 -1.04 20.12
C ARG A 31 -1.04 0.46 19.92
N ARG A 32 0.19 0.96 19.99
CA ARG A 32 0.44 2.40 19.86
C ARG A 32 0.74 2.77 18.41
N PHE A 33 0.54 1.82 17.50
CA PHE A 33 0.75 2.05 16.09
C PHE A 33 -0.27 1.23 15.30
N HIS A 34 -1.27 1.89 14.74
CA HIS A 34 -2.37 1.21 14.07
C HIS A 34 -2.24 1.30 12.55
N ARG A 35 -1.10 0.89 12.04
CA ARG A 35 -0.84 0.88 10.62
C ARG A 35 0.01 -0.31 10.23
N ILE A 36 -0.35 -0.96 9.14
CA ILE A 36 0.39 -2.12 8.67
C ILE A 36 1.42 -1.72 7.62
N ALA A 37 2.61 -1.37 8.08
CA ALA A 37 3.71 -1.05 7.19
C ALA A 37 4.81 -2.08 7.39
N PHE A 38 4.70 -3.18 6.66
CA PHE A 38 5.62 -4.29 6.78
C PHE A 38 6.81 -4.11 5.85
N ASP A 39 7.92 -4.71 6.22
CA ASP A 39 9.15 -4.61 5.44
C ASP A 39 9.10 -5.54 4.22
N ALA A 40 8.66 -4.99 3.11
CA ALA A 40 8.61 -5.71 1.85
C ALA A 40 9.13 -4.84 0.73
N ASP A 41 9.39 -5.44 -0.42
CA ASP A 41 9.85 -4.69 -1.59
C ASP A 41 8.67 -4.45 -2.53
N SER A 42 8.50 -3.25 -3.02
CA SER A 42 7.33 -2.91 -3.82
C SER A 42 7.73 -2.19 -5.11
N GLU A 43 7.35 -2.77 -6.23
CA GLU A 43 7.55 -2.14 -7.53
C GLU A 43 6.20 -1.75 -8.14
N ILE A 44 6.14 -0.56 -8.71
CA ILE A 44 4.99 -0.17 -9.50
C ILE A 44 5.39 -0.09 -10.96
N LEU A 45 4.71 -0.85 -11.79
CA LEU A 45 5.03 -0.95 -13.21
C LEU A 45 3.89 -0.37 -14.03
N GLN A 46 4.08 -0.31 -15.33
CA GLN A 46 2.99 0.05 -16.25
C GLN A 46 3.24 -0.56 -17.62
N GLY A 47 3.72 -1.79 -17.62
CA GLY A 47 4.04 -2.49 -18.85
C GLY A 47 5.44 -2.20 -19.35
N GLU A 48 5.87 -0.95 -19.30
CA GLU A 48 7.20 -0.60 -19.79
C GLU A 48 8.07 -0.03 -18.67
N ARG A 49 7.53 0.90 -17.92
CA ARG A 49 8.26 1.50 -16.81
C ARG A 49 8.16 0.62 -15.57
N ARG A 50 9.20 0.67 -14.74
CA ARG A 50 9.18 0.03 -13.44
C ARG A 50 9.89 0.93 -12.43
N TRP A 51 9.27 1.15 -11.29
CA TRP A 51 9.90 1.93 -10.23
C TRP A 51 9.57 1.37 -8.86
N GLU A 52 10.58 1.23 -8.02
CA GLU A 52 10.41 0.70 -6.67
C GLU A 52 10.02 1.83 -5.72
N VAL A 53 8.98 1.60 -4.94
CA VAL A 53 8.41 2.64 -4.09
C VAL A 53 8.15 2.10 -2.68
N LEU A 54 8.13 3.01 -1.70
CA LEU A 54 7.95 2.62 -0.31
C LEU A 54 6.46 2.64 0.09
N LEU A 55 6.08 1.67 0.91
CA LEU A 55 4.72 1.58 1.42
C LEU A 55 4.49 2.62 2.50
N HIS A 56 3.28 3.15 2.58
CA HIS A 56 2.93 4.16 3.59
C HIS A 56 1.65 3.77 4.32
N ASP A 57 0.63 3.41 3.55
CA ASP A 57 -0.64 2.92 4.10
C ASP A 57 -1.35 2.13 3.01
N VAL A 58 -2.37 1.35 3.38
CA VAL A 58 -3.04 0.49 2.42
C VAL A 58 -4.40 0.02 2.93
N SER A 59 -5.38 -0.01 2.04
CA SER A 59 -6.72 -0.48 2.37
C SER A 59 -7.07 -1.66 1.49
N LEU A 60 -8.32 -2.11 1.58
CA LEU A 60 -8.83 -3.14 0.69
C LEU A 60 -9.34 -2.49 -0.60
N HIS A 61 -9.19 -1.17 -0.66
CA HIS A 61 -9.70 -0.39 -1.77
C HIS A 61 -8.55 -0.06 -2.69
N GLY A 62 -7.47 0.40 -2.09
CA GLY A 62 -6.29 0.75 -2.84
C GLY A 62 -5.09 0.91 -1.93
N ILE A 63 -4.01 1.46 -2.46
CA ILE A 63 -2.76 1.57 -1.72
C ILE A 63 -2.24 3.02 -1.75
N LEU A 64 -1.60 3.43 -0.66
CA LEU A 64 -1.05 4.78 -0.54
C LEU A 64 0.48 4.72 -0.41
N VAL A 65 1.17 5.36 -1.34
CA VAL A 65 2.62 5.33 -1.36
C VAL A 65 3.21 6.73 -1.47
N GLY A 66 4.52 6.84 -1.29
CA GLY A 66 5.20 8.11 -1.44
C GLY A 66 6.15 8.07 -2.61
N GLN A 67 5.84 8.81 -3.66
CA GLN A 67 6.58 8.71 -4.90
C GLN A 67 7.13 10.07 -5.33
N PRO A 68 8.46 10.22 -5.33
CA PRO A 68 9.13 11.45 -5.76
C PRO A 68 9.42 11.45 -7.26
N GLN A 69 8.56 10.77 -8.01
CA GLN A 69 8.74 10.62 -9.45
C GLN A 69 7.67 11.44 -10.20
N ASP A 70 7.50 11.16 -11.49
CA ASP A 70 6.52 11.85 -12.30
C ASP A 70 5.75 10.84 -13.14
N TRP A 71 4.80 11.29 -13.95
CA TRP A 71 3.95 10.38 -14.70
C TRP A 71 4.18 10.49 -16.20
N ASN A 72 3.53 9.59 -16.95
CA ASN A 72 3.66 9.58 -18.39
C ASN A 72 2.71 10.59 -19.02
N GLY A 73 1.42 10.27 -19.00
CA GLY A 73 0.43 11.19 -19.54
C GLY A 73 -0.84 11.19 -18.73
N ASP A 74 -1.47 10.03 -18.61
CA ASP A 74 -2.72 9.91 -17.89
C ASP A 74 -2.72 8.69 -16.98
N PRO A 75 -3.48 8.76 -15.87
CA PRO A 75 -3.66 7.63 -14.96
C PRO A 75 -4.70 6.64 -15.49
N GLN A 76 -4.98 6.74 -16.79
CA GLN A 76 -5.93 5.87 -17.45
C GLN A 76 -5.18 4.67 -18.00
N ARG A 77 -3.88 4.65 -17.73
CA ARG A 77 -3.02 3.56 -18.10
C ARG A 77 -2.69 2.73 -16.87
N PRO A 78 -3.00 1.43 -16.93
CA PRO A 78 -2.86 0.50 -15.80
C PRO A 78 -1.53 0.61 -15.05
N PHE A 79 -1.63 0.75 -13.74
CA PHE A 79 -0.46 0.74 -12.87
C PHE A 79 -0.45 -0.60 -12.12
N GLU A 80 0.71 -1.23 -12.02
CA GLU A 80 0.79 -2.55 -11.41
C GLU A 80 1.71 -2.55 -10.20
N ALA A 81 1.12 -2.75 -9.02
CA ALA A 81 1.90 -2.79 -7.80
C ALA A 81 2.20 -4.23 -7.40
N ARG A 82 3.49 -4.55 -7.31
CA ARG A 82 3.90 -5.88 -6.88
C ARG A 82 4.56 -5.81 -5.51
N LEU A 83 3.97 -6.50 -4.55
CA LEU A 83 4.52 -6.58 -3.20
C LEU A 83 5.28 -7.89 -3.04
N TYR A 84 6.59 -7.78 -2.90
CA TYR A 84 7.44 -8.95 -2.78
C TYR A 84 7.58 -9.35 -1.31
N LEU A 85 6.86 -10.40 -0.92
CA LEU A 85 6.98 -10.96 0.42
C LEU A 85 7.92 -12.15 0.38
N GLY A 86 8.29 -12.53 -0.84
CA GLY A 86 9.21 -13.63 -1.03
C GLY A 86 9.41 -13.91 -2.51
N LEU A 87 10.18 -14.93 -2.84
CA LEU A 87 10.38 -15.29 -4.23
C LEU A 87 9.19 -16.07 -4.76
N ASP A 88 8.41 -16.62 -3.84
CA ASP A 88 7.20 -17.36 -4.20
C ASP A 88 5.96 -16.50 -3.97
N VAL A 89 5.99 -15.72 -2.89
CA VAL A 89 4.84 -14.91 -2.51
C VAL A 89 4.86 -13.57 -3.25
N LEU A 90 4.19 -13.55 -4.40
CA LEU A 90 4.05 -12.33 -5.18
C LEU A 90 2.65 -11.76 -5.02
N ILE A 91 2.53 -10.66 -4.29
CA ILE A 91 1.24 -10.01 -4.11
C ILE A 91 1.08 -8.91 -5.16
N ARG A 92 0.47 -9.25 -6.28
CA ARG A 92 0.29 -8.29 -7.35
C ARG A 92 -1.13 -7.75 -7.37
N MET A 93 -1.25 -6.45 -7.36
CA MET A 93 -2.55 -5.79 -7.39
C MET A 93 -2.61 -4.80 -8.55
N GLU A 94 -3.61 -4.95 -9.40
CA GLU A 94 -3.78 -4.09 -10.55
C GLU A 94 -4.51 -2.83 -10.13
N ILE A 95 -3.87 -1.69 -10.31
CA ILE A 95 -4.37 -0.43 -9.77
C ILE A 95 -4.40 0.68 -10.82
N SER A 96 -5.17 1.70 -10.55
CA SER A 96 -5.17 2.90 -11.35
C SER A 96 -5.05 4.10 -10.43
N LEU A 97 -4.24 5.08 -10.81
CA LEU A 97 -4.01 6.23 -9.95
C LEU A 97 -5.28 7.08 -9.82
N ALA A 98 -5.87 7.07 -8.64
CA ALA A 98 -7.07 7.83 -8.39
C ALA A 98 -6.80 8.93 -7.38
N TRP A 99 -5.63 8.91 -6.80
CA TRP A 99 -5.25 9.87 -5.77
C TRP A 99 -3.88 10.43 -6.06
N ALA A 100 -3.73 11.66 -5.65
CA ALA A 100 -2.48 12.39 -5.85
C ALA A 100 -2.43 13.57 -4.91
N ARG A 101 -1.47 13.55 -4.01
CA ARG A 101 -1.33 14.59 -3.02
C ARG A 101 0.14 14.99 -2.89
N ASP A 102 0.62 15.74 -3.89
CA ASP A 102 2.00 16.23 -3.94
C ASP A 102 3.02 15.10 -4.08
N GLY A 103 3.38 14.49 -2.96
CA GLY A 103 4.34 13.39 -2.99
C GLY A 103 3.73 12.09 -2.51
N LEU A 104 2.52 12.20 -1.98
CA LEU A 104 1.79 11.04 -1.49
C LEU A 104 0.69 10.69 -2.46
N LEU A 105 0.79 9.55 -3.11
CA LEU A 105 -0.16 9.19 -4.15
C LEU A 105 -0.86 7.90 -3.82
N GLY A 106 -2.13 7.82 -4.18
CA GLY A 106 -2.92 6.66 -3.89
C GLY A 106 -3.49 6.02 -5.14
N PHE A 107 -3.53 4.71 -5.15
CA PHE A 107 -4.00 3.98 -6.31
C PHE A 107 -5.24 3.17 -5.95
N GLU A 108 -6.29 3.30 -6.74
CA GLU A 108 -7.49 2.50 -6.56
C GLU A 108 -7.31 1.15 -7.21
N CYS A 109 -7.58 0.10 -6.46
CA CYS A 109 -7.33 -1.25 -6.92
C CYS A 109 -8.47 -1.76 -7.78
N GLN A 110 -8.13 -2.17 -9.00
CA GLN A 110 -9.12 -2.67 -9.96
C GLN A 110 -9.31 -4.17 -9.76
N HIS A 111 -8.19 -4.89 -9.71
CA HIS A 111 -8.21 -6.34 -9.58
C HIS A 111 -7.31 -6.79 -8.44
N ILE A 112 -7.93 -7.39 -7.43
CA ILE A 112 -7.19 -7.98 -6.33
C ILE A 112 -7.40 -9.49 -6.36
N ASP A 113 -6.35 -10.23 -6.59
CA ASP A 113 -6.46 -11.69 -6.63
C ASP A 113 -6.76 -12.23 -5.24
N LEU A 114 -7.50 -13.32 -5.19
CA LEU A 114 -7.95 -13.88 -3.92
C LEU A 114 -6.78 -14.31 -3.07
N ASP A 115 -5.76 -14.88 -3.69
CA ASP A 115 -4.57 -15.29 -2.97
C ASP A 115 -3.85 -14.07 -2.41
N SER A 116 -3.83 -12.99 -3.18
CA SER A 116 -3.24 -11.73 -2.73
C SER A 116 -3.93 -11.25 -1.46
N ILE A 117 -5.26 -11.21 -1.50
CA ILE A 117 -6.06 -10.79 -0.35
C ILE A 117 -5.82 -11.71 0.84
N SER A 118 -5.70 -13.00 0.57
CA SER A 118 -5.48 -13.99 1.62
C SER A 118 -4.13 -13.76 2.31
N HIS A 119 -3.11 -13.43 1.53
CA HIS A 119 -1.80 -13.12 2.09
C HIS A 119 -1.91 -11.92 3.02
N LEU A 120 -2.64 -10.89 2.58
CA LEU A 120 -2.85 -9.69 3.39
C LEU A 120 -3.54 -10.03 4.70
N ARG A 121 -4.68 -10.72 4.61
CA ARG A 121 -5.44 -11.06 5.81
C ARG A 121 -4.60 -11.90 6.78
N ARG A 122 -3.89 -12.89 6.27
CA ARG A 122 -3.09 -13.75 7.13
C ARG A 122 -1.97 -12.96 7.80
N LEU A 123 -1.31 -12.09 7.04
CA LEU A 123 -0.22 -11.29 7.57
C LEU A 123 -0.72 -10.36 8.67
N VAL A 124 -1.88 -9.75 8.45
CA VAL A 124 -2.48 -8.86 9.43
C VAL A 124 -2.97 -9.63 10.64
N GLU A 125 -3.52 -10.82 10.41
CA GLU A 125 -4.06 -11.65 11.49
C GLU A 125 -2.94 -12.20 12.38
N LEU A 126 -1.86 -12.67 11.76
CA LEU A 126 -0.71 -13.19 12.51
C LEU A 126 -0.08 -12.10 13.35
N ASN A 127 -0.02 -10.89 12.81
CA ASN A 127 0.52 -9.75 13.56
C ASN A 127 -0.53 -9.17 14.48
N LEU A 128 -1.80 -9.49 14.19
CA LEU A 128 -2.95 -8.98 14.93
C LEU A 128 -2.98 -7.45 14.85
N GLY A 129 -2.58 -6.93 13.70
CA GLY A 129 -2.45 -5.50 13.54
C GLY A 129 -3.63 -4.87 12.81
N ASP A 130 -4.80 -4.93 13.44
CA ASP A 130 -6.00 -4.25 12.95
C ASP A 130 -6.48 -4.78 11.60
N GLU A 131 -7.45 -5.67 11.63
CA GLU A 131 -8.10 -6.13 10.40
C GLU A 131 -8.93 -4.98 9.82
N GLU A 132 -9.44 -4.16 10.73
CA GLU A 132 -10.33 -3.06 10.39
C GLU A 132 -9.60 -1.96 9.63
N LEU A 133 -8.27 -2.08 9.54
CA LEU A 133 -7.46 -1.11 8.84
C LEU A 133 -7.80 -1.09 7.35
N LEU A 134 -8.01 -2.28 6.80
CA LEU A 134 -8.29 -2.43 5.37
C LEU A 134 -9.65 -1.84 5.01
N GLU A 135 -10.52 -1.69 6.00
CA GLU A 135 -11.87 -1.18 5.78
C GLU A 135 -11.86 0.33 5.57
N ARG A 136 -10.85 0.99 6.10
CA ARG A 136 -10.73 2.43 5.99
C ARG A 136 -10.49 2.82 4.53
N GLU A 137 -11.02 3.97 4.15
CA GLU A 137 -11.01 4.39 2.76
C GLU A 137 -9.67 5.06 2.45
N LEU A 138 -9.32 5.12 1.17
CA LEU A 138 -8.11 5.81 0.73
C LEU A 138 -8.18 7.28 1.13
N ALA A 139 -9.37 7.86 1.04
CA ALA A 139 -9.57 9.24 1.47
C ALA A 139 -9.41 9.37 2.98
N LEU A 140 -9.60 8.26 3.70
CA LEU A 140 -9.46 8.26 5.16
C LEU A 140 -8.01 7.98 5.55
N LEU A 141 -7.21 7.62 4.58
CA LEU A 141 -5.83 7.20 4.83
C LEU A 141 -4.84 8.31 4.50
N VAL A 142 -4.26 8.91 5.52
CA VAL A 142 -3.15 9.83 5.33
C VAL A 142 -1.86 9.03 5.43
N SER A 143 -0.75 9.61 5.04
CA SER A 143 0.54 8.92 5.13
C SER A 143 0.88 8.65 6.58
N ALA A 144 1.76 7.66 6.81
CA ALA A 144 2.24 7.33 8.15
C ALA A 144 2.62 8.60 8.89
N HIS A 145 3.28 9.51 8.20
CA HIS A 145 3.53 10.82 8.74
C HIS A 145 3.03 11.90 7.77
N ASP A 146 1.82 12.36 8.03
CA ASP A 146 1.32 13.59 7.45
C ASP A 146 0.30 14.19 8.40
N ASP A 147 0.81 14.95 9.36
CA ASP A 147 0.01 15.49 10.43
C ASP A 147 0.85 16.42 11.28
N MET A 23 6.71 14.34 27.39
CA MET A 23 6.28 12.97 27.02
C MET A 23 6.07 12.87 25.51
N SER A 24 6.81 13.67 24.76
CA SER A 24 6.67 13.72 23.32
C SER A 24 7.63 12.74 22.65
N ASP A 25 7.80 12.87 21.33
CA ASP A 25 8.75 12.04 20.59
C ASP A 25 10.15 12.22 21.15
N GLN A 26 10.58 11.23 21.92
CA GLN A 26 11.82 11.30 22.68
C GLN A 26 11.87 10.16 23.69
N HIS A 27 10.72 9.88 24.31
CA HIS A 27 10.63 8.87 25.35
C HIS A 27 9.63 7.80 24.94
N ASP A 28 9.35 7.75 23.65
CA ASP A 28 8.38 6.80 23.09
C ASP A 28 9.01 5.43 22.87
N GLU A 29 10.20 5.25 23.44
CA GLU A 29 11.01 4.05 23.24
C GLU A 29 10.24 2.75 23.48
N ARG A 30 9.31 2.77 24.43
CA ARG A 30 8.68 1.53 24.89
C ARG A 30 7.30 1.32 24.27
N ARG A 31 6.95 2.07 23.24
CA ARG A 31 5.63 1.93 22.63
C ARG A 31 5.69 2.16 21.13
N ARG A 32 4.93 1.37 20.39
CA ARG A 32 4.82 1.57 18.95
C ARG A 32 3.36 1.82 18.57
N PHE A 33 3.14 2.48 17.43
CA PHE A 33 1.79 2.79 16.98
C PHE A 33 1.36 1.80 15.90
N HIS A 34 0.06 1.71 15.69
CA HIS A 34 -0.49 0.79 14.70
C HIS A 34 -0.78 1.49 13.39
N ARG A 35 0.18 1.41 12.48
CA ARG A 35 0.03 1.98 11.14
C ARG A 35 0.43 0.92 10.12
N ILE A 36 -0.11 1.00 8.91
CA ILE A 36 0.16 -0.03 7.91
C ILE A 36 1.38 0.32 7.06
N ALA A 37 2.52 -0.23 7.42
CA ALA A 37 3.74 -0.06 6.65
C ALA A 37 4.66 -1.24 6.89
N PHE A 38 4.90 -2.02 5.85
CA PHE A 38 5.74 -3.21 5.96
C PHE A 38 7.09 -2.96 5.33
N ASP A 39 7.98 -3.93 5.43
CA ASP A 39 9.29 -3.87 4.78
C ASP A 39 9.23 -4.61 3.45
N ALA A 40 8.03 -4.63 2.87
CA ALA A 40 7.81 -5.31 1.60
C ALA A 40 8.33 -4.47 0.45
N ASP A 41 9.04 -5.11 -0.47
CA ASP A 41 9.53 -4.43 -1.65
C ASP A 41 8.35 -4.15 -2.58
N SER A 42 8.20 -2.90 -2.98
CA SER A 42 7.02 -2.50 -3.74
C SER A 42 7.41 -1.88 -5.08
N GLU A 43 6.94 -2.48 -6.16
CA GLU A 43 7.15 -1.93 -7.50
C GLU A 43 5.81 -1.58 -8.14
N ILE A 44 5.63 -0.31 -8.45
CA ILE A 44 4.48 0.14 -9.24
C ILE A 44 4.95 0.41 -10.66
N LEU A 45 4.38 -0.29 -11.63
CA LEU A 45 4.92 -0.26 -12.98
C LEU A 45 3.82 -0.20 -14.02
N GLN A 46 4.23 0.05 -15.26
CA GLN A 46 3.33 -0.03 -16.40
C GLN A 46 3.98 -0.89 -17.47
N GLY A 47 4.56 -2.00 -17.03
CA GLY A 47 5.31 -2.86 -17.92
C GLY A 47 6.75 -2.44 -18.09
N GLU A 48 7.04 -1.76 -19.19
CA GLU A 48 8.42 -1.40 -19.56
C GLU A 48 8.91 -0.16 -18.81
N ARG A 49 8.22 0.18 -17.74
CA ARG A 49 8.60 1.28 -16.88
C ARG A 49 8.29 0.94 -15.43
N ARG A 50 9.32 0.56 -14.69
CA ARG A 50 9.16 0.20 -13.29
C ARG A 50 9.42 1.42 -12.41
N TRP A 51 8.57 1.59 -11.42
CA TRP A 51 8.80 2.58 -10.38
C TRP A 51 8.95 1.88 -9.04
N GLU A 52 10.20 1.61 -8.67
CA GLU A 52 10.48 1.03 -7.38
C GLU A 52 10.15 2.05 -6.30
N VAL A 53 9.04 1.83 -5.61
CA VAL A 53 8.46 2.83 -4.74
C VAL A 53 8.42 2.37 -3.29
N LEU A 54 8.18 3.29 -2.38
CA LEU A 54 8.10 2.98 -0.96
C LEU A 54 6.64 2.80 -0.53
N LEU A 55 6.36 1.66 0.10
CA LEU A 55 5.04 1.41 0.66
C LEU A 55 4.78 2.38 1.81
N HIS A 56 3.57 2.91 1.89
CA HIS A 56 3.25 3.90 2.91
C HIS A 56 1.97 3.55 3.65
N ASP A 57 1.05 2.86 2.98
CA ASP A 57 -0.13 2.26 3.61
C ASP A 57 -0.93 1.52 2.53
N VAL A 58 -1.93 0.74 2.93
CA VAL A 58 -2.67 -0.07 1.97
C VAL A 58 -3.99 -0.58 2.58
N SER A 59 -5.00 -0.73 1.73
CA SER A 59 -6.29 -1.25 2.16
C SER A 59 -6.84 -2.20 1.11
N LEU A 60 -8.06 -2.64 1.31
CA LEU A 60 -8.74 -3.49 0.32
C LEU A 60 -9.50 -2.62 -0.67
N HIS A 61 -9.25 -1.32 -0.60
CA HIS A 61 -9.92 -0.35 -1.47
C HIS A 61 -8.91 0.26 -2.40
N GLY A 62 -7.66 -0.09 -2.17
CA GLY A 62 -6.57 0.49 -2.91
C GLY A 62 -5.31 0.57 -2.08
N ILE A 63 -4.30 1.23 -2.62
CA ILE A 63 -2.98 1.27 -2.00
C ILE A 63 -2.44 2.69 -2.01
N LEU A 64 -1.60 3.02 -1.04
CA LEU A 64 -1.03 4.35 -0.91
C LEU A 64 0.48 4.27 -0.76
N VAL A 65 1.21 4.63 -1.80
CA VAL A 65 2.66 4.57 -1.78
C VAL A 65 3.26 5.96 -1.84
N GLY A 66 4.57 6.05 -1.61
CA GLY A 66 5.24 7.33 -1.58
C GLY A 66 6.30 7.46 -2.66
N GLN A 67 6.03 8.32 -3.63
CA GLN A 67 6.93 8.53 -4.75
C GLN A 67 7.95 9.62 -4.40
N PRO A 68 9.24 9.39 -4.69
CA PRO A 68 10.29 10.38 -4.43
C PRO A 68 10.02 11.71 -5.14
N GLN A 69 10.16 11.72 -6.46
CA GLN A 69 9.90 12.93 -7.23
C GLN A 69 9.43 12.58 -8.64
N ASP A 70 10.22 11.76 -9.32
CA ASP A 70 9.92 11.36 -10.70
C ASP A 70 8.63 10.58 -10.79
N TRP A 71 7.64 11.15 -11.47
CA TRP A 71 6.35 10.53 -11.63
C TRP A 71 5.63 11.13 -12.83
N ASN A 72 4.79 10.34 -13.49
CA ASN A 72 4.04 10.81 -14.65
C ASN A 72 2.88 11.71 -14.21
N GLY A 73 1.87 11.13 -13.57
CA GLY A 73 0.82 11.96 -12.98
C GLY A 73 -0.53 11.84 -13.65
N ASP A 74 -0.66 10.91 -14.60
CA ASP A 74 -1.93 10.68 -15.26
C ASP A 74 -2.74 9.62 -14.54
N PRO A 75 -3.84 10.02 -13.90
CA PRO A 75 -4.80 9.08 -13.30
C PRO A 75 -5.46 8.21 -14.37
N GLN A 76 -5.26 8.57 -15.63
CA GLN A 76 -5.82 7.83 -16.74
C GLN A 76 -4.93 6.64 -17.11
N ARG A 77 -3.72 6.65 -16.59
CA ARG A 77 -2.77 5.58 -16.88
C ARG A 77 -2.82 4.51 -15.78
N PRO A 78 -3.01 3.25 -16.18
CA PRO A 78 -3.07 2.13 -15.24
C PRO A 78 -1.69 1.77 -14.68
N PHE A 79 -1.69 1.26 -13.46
CA PHE A 79 -0.44 0.93 -12.78
C PHE A 79 -0.54 -0.43 -12.11
N GLU A 80 0.57 -1.15 -12.03
CA GLU A 80 0.59 -2.46 -11.43
C GLU A 80 1.40 -2.44 -10.15
N ALA A 81 0.87 -3.02 -9.09
CA ALA A 81 1.57 -3.07 -7.82
C ALA A 81 1.98 -4.49 -7.47
N ARG A 82 3.28 -4.70 -7.33
CA ARG A 82 3.81 -5.99 -6.90
C ARG A 82 4.48 -5.84 -5.55
N LEU A 83 3.89 -6.45 -4.53
CA LEU A 83 4.43 -6.42 -3.18
C LEU A 83 5.17 -7.73 -2.88
N TYR A 84 6.48 -7.64 -2.68
CA TYR A 84 7.29 -8.81 -2.43
C TYR A 84 7.39 -9.11 -0.94
N LEU A 85 6.83 -10.24 -0.53
CA LEU A 85 6.93 -10.69 0.85
C LEU A 85 7.76 -11.95 0.92
N GLY A 86 8.24 -12.38 -0.23
CA GLY A 86 9.06 -13.56 -0.31
C GLY A 86 9.43 -13.85 -1.75
N LEU A 87 9.92 -15.06 -2.01
CA LEU A 87 10.28 -15.45 -3.38
C LEU A 87 9.04 -15.93 -4.11
N ASP A 88 8.20 -16.68 -3.41
CA ASP A 88 6.94 -17.16 -3.97
C ASP A 88 5.80 -16.24 -3.57
N VAL A 89 5.95 -15.62 -2.40
CA VAL A 89 4.90 -14.77 -1.86
C VAL A 89 4.93 -13.40 -2.50
N LEU A 90 4.19 -13.26 -3.59
CA LEU A 90 4.09 -12.01 -4.31
C LEU A 90 2.64 -11.51 -4.28
N ILE A 91 2.40 -10.43 -3.58
CA ILE A 91 1.08 -9.84 -3.52
C ILE A 91 0.90 -8.87 -4.69
N ARG A 92 0.25 -9.33 -5.74
CA ARG A 92 0.01 -8.49 -6.89
C ARG A 92 -1.40 -7.91 -6.83
N MET A 93 -1.52 -6.67 -7.26
CA MET A 93 -2.81 -6.01 -7.35
C MET A 93 -2.80 -5.01 -8.51
N GLU A 94 -3.81 -5.09 -9.35
CA GLU A 94 -3.91 -4.19 -10.49
C GLU A 94 -4.70 -2.95 -10.11
N ILE A 95 -4.10 -1.79 -10.31
CA ILE A 95 -4.64 -0.55 -9.78
C ILE A 95 -4.64 0.56 -10.83
N SER A 96 -5.45 1.57 -10.60
CA SER A 96 -5.43 2.77 -11.41
C SER A 96 -5.24 3.99 -10.52
N LEU A 97 -4.40 4.91 -10.96
CA LEU A 97 -4.09 6.11 -10.20
C LEU A 97 -5.35 6.96 -10.06
N ALA A 98 -5.69 7.31 -8.84
CA ALA A 98 -6.87 8.12 -8.58
C ALA A 98 -6.47 9.56 -8.26
N TRP A 99 -5.51 9.71 -7.37
CA TRP A 99 -5.04 11.02 -6.96
C TRP A 99 -3.59 10.95 -6.51
N ALA A 100 -2.85 12.02 -6.75
CA ALA A 100 -1.45 12.10 -6.37
C ALA A 100 -1.14 13.46 -5.78
N ARG A 101 -0.74 13.48 -4.52
CA ARG A 101 -0.44 14.73 -3.84
C ARG A 101 0.89 14.64 -3.11
N ASP A 102 1.79 15.57 -3.47
CA ASP A 102 3.13 15.65 -2.89
C ASP A 102 3.94 14.39 -3.20
N GLY A 103 3.82 13.39 -2.34
CA GLY A 103 4.53 12.15 -2.55
C GLY A 103 3.62 10.95 -2.46
N LEU A 104 2.43 11.15 -1.90
CA LEU A 104 1.51 10.03 -1.70
C LEU A 104 0.65 9.79 -2.93
N LEU A 105 0.73 8.58 -3.44
CA LEU A 105 -0.02 8.19 -4.62
C LEU A 105 -1.17 7.26 -4.23
N GLY A 106 -2.39 7.71 -4.46
CA GLY A 106 -3.55 6.90 -4.13
C GLY A 106 -4.08 6.16 -5.34
N PHE A 107 -4.07 4.84 -5.27
CA PHE A 107 -4.52 4.02 -6.38
C PHE A 107 -5.78 3.25 -6.01
N GLU A 108 -6.74 3.22 -6.91
CA GLU A 108 -7.94 2.41 -6.74
C GLU A 108 -7.65 1.00 -7.22
N CYS A 109 -8.06 0.01 -6.44
CA CYS A 109 -7.85 -1.37 -6.79
C CYS A 109 -8.90 -1.85 -7.79
N GLN A 110 -8.45 -2.43 -8.89
CA GLN A 110 -9.35 -2.95 -9.91
C GLN A 110 -9.41 -4.47 -9.85
N HIS A 111 -8.24 -5.09 -9.77
CA HIS A 111 -8.16 -6.54 -9.67
C HIS A 111 -7.34 -6.93 -8.44
N ILE A 112 -7.99 -7.57 -7.48
CA ILE A 112 -7.31 -8.07 -6.30
C ILE A 112 -7.54 -9.56 -6.20
N ASP A 113 -6.51 -10.33 -6.50
CA ASP A 113 -6.60 -11.79 -6.46
C ASP A 113 -6.96 -12.26 -5.06
N LEU A 114 -7.76 -13.32 -4.98
CA LEU A 114 -8.16 -13.88 -3.70
C LEU A 114 -6.93 -14.35 -2.94
N ASP A 115 -5.95 -14.85 -3.68
CA ASP A 115 -4.68 -15.25 -3.11
C ASP A 115 -3.96 -14.04 -2.50
N SER A 116 -3.95 -12.94 -3.24
CA SER A 116 -3.34 -11.70 -2.76
C SER A 116 -4.04 -11.21 -1.49
N ILE A 117 -5.37 -11.26 -1.50
CA ILE A 117 -6.15 -10.88 -0.32
C ILE A 117 -5.80 -11.77 0.87
N SER A 118 -5.71 -13.07 0.61
CA SER A 118 -5.35 -14.04 1.64
C SER A 118 -4.01 -13.69 2.26
N HIS A 119 -2.99 -13.48 1.42
CA HIS A 119 -1.64 -13.14 1.90
C HIS A 119 -1.69 -11.93 2.83
N LEU A 120 -2.33 -10.87 2.37
CA LEU A 120 -2.37 -9.62 3.11
C LEU A 120 -3.10 -9.78 4.44
N ARG A 121 -4.29 -10.38 4.41
CA ARG A 121 -5.11 -10.49 5.60
C ARG A 121 -4.46 -11.41 6.64
N ARG A 122 -3.90 -12.53 6.19
CA ARG A 122 -3.24 -13.45 7.10
C ARG A 122 -2.03 -12.78 7.75
N LEU A 123 -1.30 -12.00 6.96
CA LEU A 123 -0.13 -11.30 7.44
C LEU A 123 -0.51 -10.32 8.56
N VAL A 124 -1.58 -9.56 8.33
CA VAL A 124 -2.04 -8.58 9.31
C VAL A 124 -2.57 -9.25 10.57
N GLU A 125 -3.28 -10.36 10.39
CA GLU A 125 -3.86 -11.09 11.52
C GLU A 125 -2.76 -11.70 12.38
N LEU A 126 -1.78 -12.33 11.73
CA LEU A 126 -0.69 -13.01 12.45
C LEU A 126 0.25 -12.01 13.13
N ASN A 127 0.08 -10.72 12.82
CA ASN A 127 0.87 -9.69 13.46
C ASN A 127 0.01 -8.84 14.38
N LEU A 128 -1.30 -9.09 14.37
CA LEU A 128 -2.26 -8.37 15.21
C LEU A 128 -2.23 -6.87 14.89
N GLY A 129 -2.18 -6.55 13.61
CA GLY A 129 -2.07 -5.16 13.18
C GLY A 129 -3.41 -4.49 12.95
N ASP A 130 -4.47 -5.09 13.48
CA ASP A 130 -5.84 -4.56 13.36
C ASP A 130 -6.36 -4.63 11.93
N GLU A 131 -7.42 -5.40 11.74
CA GLU A 131 -8.04 -5.56 10.41
C GLU A 131 -8.79 -4.29 10.01
N GLU A 132 -9.12 -3.48 11.01
CA GLU A 132 -9.92 -2.27 10.80
C GLU A 132 -9.22 -1.31 9.84
N LEU A 133 -7.89 -1.28 9.93
CA LEU A 133 -7.09 -0.38 9.12
C LEU A 133 -7.19 -0.72 7.63
N LEU A 134 -7.46 -1.98 7.34
CA LEU A 134 -7.53 -2.46 5.96
C LEU A 134 -8.85 -2.05 5.31
N GLU A 135 -9.79 -1.60 6.12
CA GLU A 135 -11.13 -1.28 5.62
C GLU A 135 -11.56 0.12 6.02
N ARG A 136 -10.62 1.06 5.98
CA ARG A 136 -10.96 2.47 6.07
C ARG A 136 -11.66 2.88 4.77
N GLU A 137 -10.90 3.53 3.89
CA GLU A 137 -11.33 3.85 2.53
C GLU A 137 -10.16 4.57 1.86
N LEU A 138 -10.03 4.50 0.55
CA LEU A 138 -8.88 5.14 -0.11
C LEU A 138 -8.86 6.64 0.23
N ALA A 139 -10.04 7.25 0.26
CA ALA A 139 -10.16 8.65 0.62
C ALA A 139 -9.98 8.86 2.12
N LEU A 140 -9.91 7.76 2.86
CA LEU A 140 -9.71 7.81 4.30
C LEU A 140 -8.30 7.41 4.68
N LEU A 141 -7.55 6.89 3.71
CA LEU A 141 -6.23 6.35 3.99
C LEU A 141 -5.15 7.40 3.85
N VAL A 142 -4.60 7.77 4.99
CA VAL A 142 -3.41 8.60 5.03
C VAL A 142 -2.24 7.69 5.36
N SER A 143 -1.06 8.06 4.89
CA SER A 143 0.12 7.24 5.06
C SER A 143 0.45 7.02 6.53
N ALA A 144 1.29 6.02 6.81
CA ALA A 144 1.92 5.86 8.11
C ALA A 144 2.43 7.21 8.60
N HIS A 145 2.96 8.01 7.68
CA HIS A 145 3.37 9.36 8.00
C HIS A 145 2.17 10.30 7.94
N ASP A 146 1.47 10.41 9.04
CA ASP A 146 0.40 11.39 9.20
C ASP A 146 0.88 12.49 10.14
N ASP A 147 1.89 12.15 10.91
CA ASP A 147 2.44 13.03 11.93
C ASP A 147 3.92 12.73 12.10
N MET A 23 14.61 9.21 29.67
CA MET A 23 15.19 10.11 28.64
C MET A 23 16.71 10.06 28.70
N SER A 24 17.35 10.71 27.75
CA SER A 24 18.80 10.85 27.75
C SER A 24 19.21 12.10 26.99
N ASP A 25 19.18 12.00 25.67
CA ASP A 25 19.52 13.12 24.79
C ASP A 25 18.94 12.85 23.40
N GLN A 26 19.57 11.94 22.68
CA GLN A 26 18.99 11.41 21.45
C GLN A 26 18.34 10.06 21.78
N HIS A 27 17.74 9.43 20.80
CA HIS A 27 17.08 8.14 21.03
C HIS A 27 16.77 7.43 19.72
N ASP A 28 16.70 6.11 19.79
CA ASP A 28 16.20 5.32 18.66
C ASP A 28 14.70 5.49 18.54
N GLU A 29 14.19 5.35 17.33
CA GLU A 29 12.76 5.40 17.10
C GLU A 29 12.20 3.98 17.12
N ARG A 30 11.22 3.75 17.99
CA ARG A 30 10.66 2.42 18.15
C ARG A 30 9.57 2.17 17.12
N ARG A 31 9.98 1.65 15.97
CA ARG A 31 9.08 1.44 14.85
C ARG A 31 8.47 0.06 14.88
N ARG A 32 7.23 -0.04 15.34
CA ARG A 32 6.51 -1.31 15.32
C ARG A 32 5.28 -1.18 14.44
N PHE A 33 4.12 -1.02 15.04
CA PHE A 33 2.89 -0.83 14.29
C PHE A 33 2.82 0.60 13.75
N HIS A 34 2.64 0.72 12.44
CA HIS A 34 2.61 2.02 11.79
C HIS A 34 1.66 1.98 10.59
N ARG A 35 0.36 1.91 10.89
CA ARG A 35 -0.67 1.74 9.86
C ARG A 35 -0.44 0.43 9.11
N ILE A 36 -1.06 0.25 7.96
CA ILE A 36 -0.83 -0.96 7.20
C ILE A 36 0.29 -0.74 6.21
N ALA A 37 1.50 -1.00 6.67
CA ALA A 37 2.69 -0.81 5.87
C ALA A 37 3.76 -1.78 6.31
N PHE A 38 3.93 -2.83 5.54
CA PHE A 38 4.94 -3.82 5.85
C PHE A 38 6.27 -3.39 5.25
N ASP A 39 7.36 -3.95 5.72
CA ASP A 39 8.64 -3.66 5.12
C ASP A 39 8.80 -4.55 3.90
N ALA A 40 8.25 -4.10 2.79
CA ALA A 40 8.20 -4.90 1.57
C ALA A 40 8.57 -4.04 0.37
N ASP A 41 9.24 -4.67 -0.58
CA ASP A 41 9.59 -4.00 -1.82
C ASP A 41 8.33 -3.71 -2.62
N SER A 42 8.07 -2.43 -2.88
CA SER A 42 6.85 -2.03 -3.56
C SER A 42 7.15 -1.48 -4.95
N GLU A 43 6.80 -2.24 -5.98
CA GLU A 43 7.01 -1.79 -7.34
C GLU A 43 5.70 -1.48 -8.04
N ILE A 44 5.58 -0.27 -8.52
CA ILE A 44 4.44 0.12 -9.35
C ILE A 44 4.85 0.02 -10.81
N LEU A 45 4.24 -0.92 -11.52
CA LEU A 45 4.59 -1.18 -12.90
C LEU A 45 3.69 -0.41 -13.85
N GLN A 46 4.28 0.16 -14.88
CA GLN A 46 3.51 0.75 -15.96
C GLN A 46 3.80 -0.01 -17.24
N GLY A 47 3.14 -1.16 -17.36
CA GLY A 47 3.32 -1.98 -18.53
C GLY A 47 4.65 -2.72 -18.53
N GLU A 48 5.68 -2.03 -18.98
CA GLU A 48 7.00 -2.64 -19.14
C GLU A 48 8.04 -1.98 -18.23
N ARG A 49 7.65 -0.91 -17.54
CA ARG A 49 8.58 -0.18 -16.71
C ARG A 49 8.20 -0.30 -15.24
N ARG A 50 9.19 -0.20 -14.36
CA ARG A 50 8.97 -0.47 -12.94
C ARG A 50 9.39 0.70 -12.06
N TRP A 51 8.49 1.11 -11.19
CA TRP A 51 8.78 2.18 -10.24
C TRP A 51 8.86 1.62 -8.82
N GLU A 52 10.08 1.40 -8.36
CA GLU A 52 10.33 0.94 -7.01
C GLU A 52 10.17 2.12 -6.05
N VAL A 53 9.18 2.03 -5.17
CA VAL A 53 8.81 3.16 -4.32
C VAL A 53 8.56 2.69 -2.89
N LEU A 54 8.42 3.65 -1.96
CA LEU A 54 8.17 3.34 -0.56
C LEU A 54 6.67 3.26 -0.28
N LEU A 55 6.28 2.26 0.50
CA LEU A 55 4.89 2.08 0.88
C LEU A 55 4.56 2.90 2.11
N HIS A 56 3.29 3.29 2.26
CA HIS A 56 2.85 4.02 3.44
C HIS A 56 1.63 3.37 4.08
N ASP A 57 0.72 2.88 3.24
CA ASP A 57 -0.45 2.13 3.71
C ASP A 57 -1.06 1.39 2.52
N VAL A 58 -1.80 0.33 2.77
CA VAL A 58 -2.40 -0.45 1.70
C VAL A 58 -3.62 -1.22 2.21
N SER A 59 -4.67 -1.26 1.41
CA SER A 59 -5.88 -1.99 1.78
C SER A 59 -6.58 -2.56 0.54
N LEU A 60 -7.80 -3.04 0.74
CA LEU A 60 -8.58 -3.69 -0.31
C LEU A 60 -9.02 -2.69 -1.37
N HIS A 61 -9.04 -1.44 -0.99
CA HIS A 61 -9.62 -0.37 -1.80
C HIS A 61 -8.56 0.59 -2.31
N GLY A 62 -7.30 0.19 -2.22
CA GLY A 62 -6.25 1.04 -2.73
C GLY A 62 -4.94 0.89 -1.99
N ILE A 63 -3.94 1.62 -2.46
CA ILE A 63 -2.60 1.56 -1.91
C ILE A 63 -1.97 2.96 -1.95
N LEU A 64 -1.33 3.35 -0.87
CA LEU A 64 -0.69 4.65 -0.76
C LEU A 64 0.82 4.53 -0.77
N VAL A 65 1.45 5.07 -1.79
CA VAL A 65 2.90 5.04 -1.90
C VAL A 65 3.48 6.45 -1.80
N GLY A 66 4.78 6.54 -1.53
CA GLY A 66 5.40 7.84 -1.37
C GLY A 66 6.50 8.09 -2.38
N GLN A 67 6.16 8.84 -3.43
CA GLN A 67 7.13 9.21 -4.44
C GLN A 67 7.28 10.72 -4.46
N PRO A 68 8.50 11.22 -4.26
CA PRO A 68 8.78 12.67 -4.20
C PRO A 68 8.50 13.39 -5.53
N GLN A 69 8.41 12.62 -6.61
CA GLN A 69 8.18 13.19 -7.93
C GLN A 69 6.71 13.10 -8.32
N ASP A 70 6.14 14.22 -8.73
CA ASP A 70 4.76 14.27 -9.16
C ASP A 70 4.68 13.99 -10.65
N TRP A 71 4.33 12.76 -11.01
CA TRP A 71 4.25 12.36 -12.41
C TRP A 71 2.86 12.63 -12.96
N ASN A 72 2.68 12.42 -14.26
CA ASN A 72 1.39 12.63 -14.89
C ASN A 72 1.18 11.70 -16.07
N GLY A 73 0.79 10.48 -15.77
CA GLY A 73 0.32 9.58 -16.80
C GLY A 73 -1.18 9.69 -16.94
N ASP A 74 -1.80 10.16 -15.85
CA ASP A 74 -3.23 10.40 -15.74
C ASP A 74 -3.93 9.14 -15.27
N PRO A 75 -4.99 9.28 -14.46
CA PRO A 75 -5.75 8.16 -13.88
C PRO A 75 -6.31 7.16 -14.91
N GLN A 76 -6.07 7.41 -16.19
CA GLN A 76 -6.53 6.50 -17.23
C GLN A 76 -5.45 5.47 -17.55
N ARG A 77 -4.27 5.64 -16.96
CA ARG A 77 -3.19 4.67 -17.15
C ARG A 77 -3.33 3.52 -16.16
N PRO A 78 -3.36 2.28 -16.67
CA PRO A 78 -3.38 1.09 -15.83
C PRO A 78 -2.03 0.83 -15.19
N PHE A 79 -2.03 0.65 -13.88
CA PHE A 79 -0.79 0.42 -13.14
C PHE A 79 -0.88 -0.89 -12.37
N GLU A 80 0.27 -1.49 -12.09
CA GLU A 80 0.31 -2.72 -11.31
C GLU A 80 1.06 -2.53 -10.01
N ALA A 81 0.53 -3.08 -8.93
CA ALA A 81 1.20 -3.04 -7.65
C ALA A 81 1.79 -4.40 -7.31
N ARG A 82 3.11 -4.45 -7.20
CA ARG A 82 3.81 -5.68 -6.84
C ARG A 82 4.44 -5.54 -5.47
N LEU A 83 3.92 -6.26 -4.50
CA LEU A 83 4.41 -6.21 -3.14
C LEU A 83 5.19 -7.47 -2.80
N TYR A 84 6.49 -7.32 -2.54
CA TYR A 84 7.35 -8.45 -2.25
C TYR A 84 7.59 -8.59 -0.75
N LEU A 85 6.89 -9.54 -0.14
CA LEU A 85 7.09 -9.86 1.28
C LEU A 85 8.19 -10.91 1.40
N GLY A 86 8.56 -11.45 0.27
CA GLY A 86 9.61 -12.44 0.19
C GLY A 86 9.77 -12.91 -1.23
N LEU A 87 10.52 -13.97 -1.45
CA LEU A 87 10.69 -14.50 -2.79
C LEU A 87 9.49 -15.36 -3.16
N ASP A 88 8.90 -15.98 -2.14
CA ASP A 88 7.74 -16.84 -2.35
C ASP A 88 6.45 -16.09 -2.08
N VAL A 89 6.51 -15.14 -1.16
CA VAL A 89 5.33 -14.37 -0.77
C VAL A 89 5.16 -13.15 -1.67
N LEU A 90 4.29 -13.26 -2.65
CA LEU A 90 4.05 -12.19 -3.60
C LEU A 90 2.60 -11.74 -3.55
N ILE A 91 2.41 -10.44 -3.35
CA ILE A 91 1.08 -9.85 -3.36
C ILE A 91 0.96 -8.92 -4.56
N ARG A 92 -0.15 -8.98 -5.27
CA ARG A 92 -0.32 -8.22 -6.50
C ARG A 92 -1.76 -7.77 -6.69
N MET A 93 -1.92 -6.61 -7.28
CA MET A 93 -3.24 -6.12 -7.66
C MET A 93 -3.12 -5.17 -8.84
N GLU A 94 -4.08 -5.26 -9.75
CA GLU A 94 -4.16 -4.33 -10.87
C GLU A 94 -4.85 -3.06 -10.39
N ILE A 95 -4.08 -1.98 -10.35
CA ILE A 95 -4.55 -0.74 -9.77
C ILE A 95 -4.75 0.33 -10.83
N SER A 96 -5.44 1.39 -10.45
CA SER A 96 -5.60 2.56 -11.29
C SER A 96 -5.19 3.78 -10.50
N LEU A 97 -4.40 4.64 -11.11
CA LEU A 97 -3.98 5.88 -10.47
C LEU A 97 -5.20 6.71 -10.10
N ALA A 98 -5.38 6.99 -8.82
CA ALA A 98 -6.53 7.75 -8.38
C ALA A 98 -6.17 9.20 -8.10
N TRP A 99 -5.11 9.41 -7.31
CA TRP A 99 -4.68 10.75 -6.97
C TRP A 99 -3.22 10.79 -6.56
N ALA A 100 -2.54 11.88 -6.91
CA ALA A 100 -1.19 12.15 -6.47
C ALA A 100 -1.15 13.48 -5.73
N ARG A 101 -0.88 13.43 -4.44
CA ARG A 101 -0.93 14.63 -3.62
C ARG A 101 0.43 14.91 -2.95
N ASP A 102 1.21 15.78 -3.58
CA ASP A 102 2.42 16.36 -2.97
C ASP A 102 3.49 15.31 -2.66
N GLY A 103 3.30 14.09 -3.14
CA GLY A 103 4.24 13.03 -2.87
C GLY A 103 3.56 11.76 -2.42
N LEU A 104 2.35 11.91 -1.89
CA LEU A 104 1.55 10.76 -1.50
C LEU A 104 0.64 10.35 -2.64
N LEU A 105 0.89 9.20 -3.22
CA LEU A 105 0.09 8.75 -4.35
C LEU A 105 -0.82 7.61 -3.94
N GLY A 106 -2.11 7.83 -4.09
CA GLY A 106 -3.09 6.83 -3.78
C GLY A 106 -3.63 6.17 -5.03
N PHE A 107 -3.34 4.89 -5.17
CA PHE A 107 -3.85 4.12 -6.30
C PHE A 107 -5.06 3.31 -5.85
N GLU A 108 -6.05 3.20 -6.70
CA GLU A 108 -7.23 2.42 -6.37
C GLU A 108 -7.09 1.00 -6.91
N CYS A 109 -7.26 0.02 -6.02
CA CYS A 109 -7.18 -1.38 -6.41
C CYS A 109 -8.43 -1.80 -7.19
N GLN A 110 -8.28 -2.01 -8.49
CA GLN A 110 -9.39 -2.43 -9.33
C GLN A 110 -9.60 -3.93 -9.19
N HIS A 111 -8.58 -4.69 -9.60
CA HIS A 111 -8.63 -6.13 -9.51
C HIS A 111 -7.56 -6.65 -8.56
N ILE A 112 -7.99 -7.11 -7.41
CA ILE A 112 -7.07 -7.73 -6.47
C ILE A 112 -7.19 -9.24 -6.61
N ASP A 113 -6.07 -9.91 -6.85
CA ASP A 113 -6.07 -11.36 -7.04
C ASP A 113 -6.59 -12.05 -5.78
N LEU A 114 -7.33 -13.15 -5.97
CA LEU A 114 -7.94 -13.87 -4.86
C LEU A 114 -6.89 -14.34 -3.86
N ASP A 115 -5.77 -14.85 -4.38
CA ASP A 115 -4.70 -15.33 -3.53
C ASP A 115 -3.95 -14.16 -2.90
N SER A 116 -3.94 -13.04 -3.61
CA SER A 116 -3.38 -11.80 -3.10
C SER A 116 -4.16 -11.37 -1.85
N ILE A 117 -5.48 -11.45 -1.93
CA ILE A 117 -6.34 -11.09 -0.81
C ILE A 117 -6.14 -12.03 0.37
N SER A 118 -6.13 -13.34 0.10
CA SER A 118 -5.96 -14.31 1.16
C SER A 118 -4.60 -14.14 1.82
N HIS A 119 -3.56 -13.94 1.02
CA HIS A 119 -2.22 -13.69 1.56
C HIS A 119 -2.22 -12.46 2.46
N LEU A 120 -2.81 -11.38 1.96
CA LEU A 120 -2.88 -10.14 2.72
C LEU A 120 -3.62 -10.36 4.04
N ARG A 121 -4.77 -11.03 3.96
CA ARG A 121 -5.59 -11.28 5.13
C ARG A 121 -4.86 -12.15 6.14
N ARG A 122 -4.26 -13.25 5.69
CA ARG A 122 -3.56 -14.16 6.58
C ARG A 122 -2.35 -13.48 7.22
N LEU A 123 -1.70 -12.62 6.45
CA LEU A 123 -0.59 -11.83 6.96
C LEU A 123 -1.06 -10.95 8.12
N VAL A 124 -2.22 -10.36 7.94
CA VAL A 124 -2.86 -9.54 8.97
C VAL A 124 -3.10 -10.34 10.24
N GLU A 125 -3.56 -11.57 10.08
CA GLU A 125 -3.82 -12.46 11.21
C GLU A 125 -2.53 -12.72 11.98
N LEU A 126 -1.41 -12.81 11.26
CA LEU A 126 -0.13 -13.18 11.85
C LEU A 126 0.53 -12.01 12.58
N ASN A 127 0.49 -10.82 11.98
CA ASN A 127 1.17 -9.66 12.56
C ASN A 127 0.20 -8.78 13.35
N LEU A 128 -1.08 -9.17 13.34
CA LEU A 128 -2.13 -8.46 14.08
C LEU A 128 -2.33 -7.03 13.58
N GLY A 129 -2.09 -6.82 12.30
CA GLY A 129 -2.39 -5.55 11.68
C GLY A 129 -3.89 -5.42 11.45
N ASP A 130 -4.62 -5.26 12.56
CA ASP A 130 -6.08 -5.32 12.60
C ASP A 130 -6.76 -4.74 11.37
N GLU A 131 -7.79 -5.45 10.92
CA GLU A 131 -8.49 -5.16 9.68
C GLU A 131 -9.23 -3.83 9.70
N GLU A 132 -9.38 -3.22 10.88
CA GLU A 132 -10.06 -1.93 10.98
C GLU A 132 -9.36 -0.91 10.08
N LEU A 133 -8.04 -1.00 10.03
CA LEU A 133 -7.25 -0.09 9.22
C LEU A 133 -7.40 -0.43 7.74
N LEU A 134 -7.70 -1.70 7.45
CA LEU A 134 -7.89 -2.16 6.08
C LEU A 134 -9.27 -1.75 5.57
N GLU A 135 -10.16 -1.43 6.50
CA GLU A 135 -11.54 -1.14 6.16
C GLU A 135 -11.79 0.35 6.14
N ARG A 136 -10.72 1.13 6.04
CA ARG A 136 -10.87 2.56 5.91
C ARG A 136 -11.23 2.89 4.46
N GLU A 137 -11.03 4.12 4.05
CA GLU A 137 -11.22 4.47 2.65
C GLU A 137 -9.87 4.93 2.11
N LEU A 138 -9.68 4.90 0.79
CA LEU A 138 -8.43 5.34 0.19
C LEU A 138 -8.15 6.80 0.55
N ALA A 139 -9.22 7.59 0.69
CA ALA A 139 -9.10 8.97 1.12
C ALA A 139 -8.78 9.07 2.62
N LEU A 140 -8.86 7.94 3.32
CA LEU A 140 -8.55 7.88 4.75
C LEU A 140 -7.21 7.19 4.96
N LEU A 141 -6.58 6.78 3.87
CA LEU A 141 -5.29 6.12 3.95
C LEU A 141 -4.19 7.16 3.86
N VAL A 142 -3.75 7.64 5.03
CA VAL A 142 -2.72 8.65 5.11
C VAL A 142 -1.42 8.02 5.63
N SER A 143 -0.31 8.70 5.43
CA SER A 143 0.98 8.19 5.87
C SER A 143 1.13 8.29 7.38
N ALA A 144 2.20 7.69 7.90
CA ALA A 144 2.42 7.55 9.34
C ALA A 144 2.69 8.88 10.04
N HIS A 145 2.59 9.99 9.32
CA HIS A 145 2.80 11.31 9.91
C HIS A 145 1.47 11.86 10.42
N ASP A 146 0.40 11.09 10.23
CA ASP A 146 -0.93 11.47 10.66
C ASP A 146 -1.56 10.36 11.48
N ASP A 147 -2.86 10.48 11.69
CA ASP A 147 -3.62 9.47 12.40
C ASP A 147 -4.31 8.55 11.40
N MET A 23 -16.26 15.83 18.15
CA MET A 23 -15.09 15.62 19.03
C MET A 23 -13.94 15.02 18.24
N SER A 24 -13.02 15.88 17.79
CA SER A 24 -11.88 15.42 17.03
C SER A 24 -10.62 16.20 17.39
N ASP A 25 -10.01 15.84 18.52
CA ASP A 25 -8.78 16.47 18.96
C ASP A 25 -7.97 15.50 19.81
N GLN A 26 -6.76 15.19 19.35
CA GLN A 26 -5.87 14.32 20.09
C GLN A 26 -5.10 15.13 21.12
N HIS A 27 -5.30 14.81 22.38
CA HIS A 27 -4.54 15.47 23.44
C HIS A 27 -3.45 14.56 23.97
N ASP A 28 -3.86 13.48 24.62
CA ASP A 28 -2.92 12.53 25.19
C ASP A 28 -3.17 11.14 24.62
N GLU A 29 -4.22 11.04 23.81
CA GLU A 29 -4.58 9.79 23.17
C GLU A 29 -3.64 9.50 22.01
N ARG A 30 -2.40 9.19 22.33
CA ARG A 30 -1.40 8.89 21.31
C ARG A 30 -1.59 7.48 20.79
N ARG A 31 -2.31 7.37 19.69
CA ARG A 31 -2.65 6.09 19.10
C ARG A 31 -1.41 5.38 18.57
N ARG A 32 -1.44 4.05 18.57
CA ARG A 32 -0.28 3.26 18.20
C ARG A 32 -0.04 3.33 16.71
N PHE A 33 1.18 3.72 16.33
CA PHE A 33 1.53 3.96 14.93
C PHE A 33 1.86 2.66 14.18
N HIS A 34 1.53 1.52 14.78
CA HIS A 34 1.67 0.24 14.09
C HIS A 34 0.52 0.10 13.09
N ARG A 35 0.69 0.68 11.93
CA ARG A 35 -0.34 0.70 10.91
C ARG A 35 0.05 -0.21 9.76
N ILE A 36 -0.70 -0.17 8.66
CA ILE A 36 -0.41 -1.04 7.54
C ILE A 36 0.75 -0.49 6.72
N ALA A 37 1.95 -0.89 7.09
CA ALA A 37 3.16 -0.51 6.39
C ALA A 37 4.25 -1.53 6.65
N PHE A 38 4.35 -2.50 5.77
CA PHE A 38 5.32 -3.56 5.93
C PHE A 38 6.61 -3.19 5.21
N ASP A 39 7.73 -3.74 5.67
CA ASP A 39 8.98 -3.59 4.95
C ASP A 39 8.97 -4.54 3.76
N ALA A 40 8.28 -4.13 2.71
CA ALA A 40 8.07 -4.98 1.55
C ALA A 40 8.51 -4.26 0.29
N ASP A 41 9.17 -4.98 -0.59
CA ASP A 41 9.58 -4.44 -1.88
C ASP A 41 8.33 -4.08 -2.67
N SER A 42 8.19 -2.80 -2.98
CA SER A 42 7.01 -2.33 -3.69
C SER A 42 7.40 -1.79 -5.06
N GLU A 43 6.95 -2.48 -6.11
CA GLU A 43 7.23 -2.05 -7.47
C GLU A 43 5.92 -1.73 -8.19
N ILE A 44 5.80 -0.53 -8.72
CA ILE A 44 4.67 -0.17 -9.54
C ILE A 44 5.03 -0.34 -11.00
N LEU A 45 4.32 -1.20 -11.70
CA LEU A 45 4.65 -1.52 -13.06
C LEU A 45 3.66 -0.90 -14.02
N GLN A 46 4.13 -0.65 -15.23
CA GLN A 46 3.25 -0.24 -16.32
C GLN A 46 3.84 -0.73 -17.63
N GLY A 47 3.47 -1.94 -18.02
CA GLY A 47 3.97 -2.51 -19.25
C GLY A 47 5.43 -2.90 -19.15
N GLU A 48 6.31 -1.93 -19.37
CA GLU A 48 7.74 -2.17 -19.37
C GLU A 48 8.42 -1.48 -18.18
N ARG A 49 7.82 -0.40 -17.71
CA ARG A 49 8.46 0.46 -16.73
C ARG A 49 8.19 -0.04 -15.31
N ARG A 50 9.23 0.00 -14.50
CA ARG A 50 9.17 -0.51 -13.14
C ARG A 50 9.60 0.54 -12.13
N TRP A 51 8.65 1.02 -11.36
CA TRP A 51 8.90 2.05 -10.36
C TRP A 51 9.08 1.43 -8.97
N GLU A 52 10.32 1.40 -8.51
CA GLU A 52 10.62 1.00 -7.14
C GLU A 52 10.16 2.10 -6.19
N VAL A 53 9.12 1.82 -5.41
CA VAL A 53 8.50 2.85 -4.59
C VAL A 53 8.42 2.44 -3.13
N LEU A 54 8.39 3.43 -2.25
CA LEU A 54 8.25 3.19 -0.82
C LEU A 54 6.78 3.22 -0.41
N LEU A 55 6.41 2.30 0.47
CA LEU A 55 5.03 2.16 0.91
C LEU A 55 4.69 3.19 1.99
N HIS A 56 3.46 3.70 1.95
CA HIS A 56 2.99 4.64 2.96
C HIS A 56 1.82 4.04 3.75
N ASP A 57 0.95 3.31 3.03
CA ASP A 57 -0.19 2.63 3.64
C ASP A 57 -0.90 1.82 2.56
N VAL A 58 -1.78 0.89 2.94
CA VAL A 58 -2.54 0.11 1.97
C VAL A 58 -3.75 -0.55 2.62
N SER A 59 -4.83 -0.69 1.85
CA SER A 59 -6.06 -1.29 2.34
C SER A 59 -6.74 -2.10 1.24
N LEU A 60 -7.98 -2.48 1.47
CA LEU A 60 -8.76 -3.22 0.50
C LEU A 60 -9.48 -2.23 -0.42
N HIS A 61 -9.06 -0.97 -0.34
CA HIS A 61 -9.63 0.09 -1.16
C HIS A 61 -8.59 0.56 -2.16
N GLY A 62 -7.36 0.14 -1.92
CA GLY A 62 -6.25 0.57 -2.74
C GLY A 62 -4.98 0.73 -1.93
N ILE A 63 -4.05 1.51 -2.45
CA ILE A 63 -2.72 1.62 -1.86
C ILE A 63 -2.22 3.06 -1.90
N LEU A 64 -1.42 3.43 -0.92
CA LEU A 64 -0.85 4.77 -0.84
C LEU A 64 0.67 4.70 -0.82
N VAL A 65 1.30 5.34 -1.78
CA VAL A 65 2.76 5.37 -1.87
C VAL A 65 3.25 6.79 -2.09
N GLY A 66 4.57 6.95 -2.24
CA GLY A 66 5.13 8.26 -2.48
C GLY A 66 5.62 8.41 -3.91
N GLN A 67 6.00 9.64 -4.28
CA GLN A 67 6.48 9.91 -5.64
C GLN A 67 7.96 10.27 -5.61
N PRO A 68 8.84 9.27 -5.77
CA PRO A 68 10.29 9.47 -5.76
C PRO A 68 10.87 9.79 -7.15
N GLN A 69 10.84 8.82 -8.05
CA GLN A 69 11.47 8.98 -9.36
C GLN A 69 10.53 9.68 -10.34
N ASP A 70 10.89 9.63 -11.62
CA ASP A 70 10.08 10.24 -12.67
C ASP A 70 8.73 9.53 -12.78
N TRP A 71 7.67 10.31 -12.70
CA TRP A 71 6.32 9.76 -12.66
C TRP A 71 5.41 10.54 -13.59
N ASN A 72 4.56 9.84 -14.34
CA ASN A 72 3.61 10.47 -15.26
C ASN A 72 2.65 11.37 -14.50
N GLY A 73 1.93 10.79 -13.55
CA GLY A 73 0.98 11.56 -12.77
C GLY A 73 -0.35 11.71 -13.46
N ASP A 74 -0.66 10.75 -14.32
CA ASP A 74 -1.90 10.78 -15.09
C ASP A 74 -2.82 9.63 -14.66
N PRO A 75 -4.00 9.96 -14.10
CA PRO A 75 -4.95 8.95 -13.62
C PRO A 75 -5.58 8.14 -14.75
N GLN A 76 -5.27 8.52 -15.98
CA GLN A 76 -5.71 7.79 -17.15
C GLN A 76 -4.82 6.55 -17.34
N ARG A 77 -3.73 6.52 -16.61
CA ARG A 77 -2.76 5.44 -16.71
C ARG A 77 -3.05 4.35 -15.69
N PRO A 78 -3.43 3.16 -16.18
CA PRO A 78 -3.53 1.97 -15.35
C PRO A 78 -2.15 1.54 -14.85
N PHE A 79 -2.07 1.16 -13.58
CA PHE A 79 -0.79 0.79 -12.97
C PHE A 79 -0.88 -0.59 -12.33
N GLU A 80 0.27 -1.19 -12.08
CA GLU A 80 0.33 -2.51 -11.44
C GLU A 80 1.14 -2.41 -10.15
N ALA A 81 0.80 -3.22 -9.17
CA ALA A 81 1.50 -3.18 -7.89
C ALA A 81 2.06 -4.56 -7.51
N ARG A 82 3.37 -4.60 -7.27
CA ARG A 82 4.03 -5.78 -6.75
C ARG A 82 4.38 -5.60 -5.29
N LEU A 83 3.85 -6.45 -4.43
CA LEU A 83 4.20 -6.43 -3.03
C LEU A 83 4.96 -7.70 -2.66
N TYR A 84 6.25 -7.56 -2.40
CA TYR A 84 7.08 -8.71 -2.03
C TYR A 84 7.13 -8.88 -0.52
N LEU A 85 6.50 -9.93 -0.02
CA LEU A 85 6.55 -10.26 1.40
C LEU A 85 7.45 -11.47 1.62
N GLY A 86 7.88 -12.06 0.52
CA GLY A 86 8.73 -13.23 0.57
C GLY A 86 9.10 -13.69 -0.83
N LEU A 87 9.46 -14.95 -0.95
CA LEU A 87 9.83 -15.52 -2.24
C LEU A 87 8.56 -15.93 -2.98
N ASP A 88 7.71 -16.68 -2.29
CA ASP A 88 6.44 -17.13 -2.85
C ASP A 88 5.30 -16.27 -2.34
N VAL A 89 5.58 -15.46 -1.33
CA VAL A 89 4.58 -14.59 -0.77
C VAL A 89 4.61 -13.25 -1.49
N LEU A 90 3.90 -13.19 -2.61
CA LEU A 90 3.84 -11.98 -3.41
C LEU A 90 2.39 -11.55 -3.60
N ILE A 91 2.15 -10.26 -3.47
CA ILE A 91 0.83 -9.71 -3.67
C ILE A 91 0.78 -8.93 -4.97
N ARG A 92 0.01 -9.42 -5.92
CA ARG A 92 -0.12 -8.76 -7.21
C ARG A 92 -1.52 -8.17 -7.36
N MET A 93 -1.58 -6.85 -7.44
CA MET A 93 -2.85 -6.15 -7.52
C MET A 93 -2.78 -5.02 -8.54
N GLU A 94 -3.58 -5.13 -9.59
CA GLU A 94 -3.69 -4.07 -10.57
C GLU A 94 -4.44 -2.90 -9.95
N ILE A 95 -3.93 -1.69 -10.15
CA ILE A 95 -4.46 -0.52 -9.49
C ILE A 95 -4.74 0.61 -10.48
N SER A 96 -5.72 1.42 -10.13
CA SER A 96 -6.05 2.60 -10.92
C SER A 96 -5.62 3.85 -10.15
N LEU A 97 -4.76 4.66 -10.76
CA LEU A 97 -4.34 5.90 -10.13
C LEU A 97 -5.54 6.80 -9.88
N ALA A 98 -5.90 6.96 -8.60
CA ALA A 98 -7.08 7.71 -8.24
C ALA A 98 -6.75 9.18 -8.05
N TRP A 99 -5.65 9.45 -7.36
CA TRP A 99 -5.23 10.83 -7.11
C TRP A 99 -3.74 10.91 -6.83
N ALA A 100 -3.19 12.09 -7.04
CA ALA A 100 -1.79 12.37 -6.77
C ALA A 100 -1.67 13.74 -6.15
N ARG A 101 -1.42 13.78 -4.85
CA ARG A 101 -1.43 15.03 -4.12
C ARG A 101 -0.05 15.31 -3.53
N ASP A 102 0.64 16.26 -4.15
CA ASP A 102 2.00 16.66 -3.77
C ASP A 102 2.99 15.51 -3.92
N GLY A 103 3.13 14.69 -2.89
CA GLY A 103 4.05 13.58 -2.94
C GLY A 103 3.37 12.27 -2.64
N LEU A 104 2.06 12.31 -2.51
CA LEU A 104 1.29 11.13 -2.15
C LEU A 104 0.52 10.59 -3.36
N LEU A 105 0.79 9.35 -3.69
CA LEU A 105 0.12 8.69 -4.80
C LEU A 105 -0.93 7.72 -4.28
N GLY A 106 -2.19 8.00 -4.57
CA GLY A 106 -3.27 7.16 -4.11
C GLY A 106 -3.87 6.34 -5.23
N PHE A 107 -3.85 5.03 -5.07
CA PHE A 107 -4.38 4.14 -6.09
C PHE A 107 -5.58 3.37 -5.55
N GLU A 108 -6.54 3.13 -6.44
CA GLU A 108 -7.69 2.29 -6.11
C GLU A 108 -7.42 0.87 -6.58
N CYS A 109 -7.78 -0.10 -5.76
CA CYS A 109 -7.59 -1.49 -6.13
C CYS A 109 -8.56 -1.90 -7.23
N GLN A 110 -8.03 -2.14 -8.41
CA GLN A 110 -8.85 -2.48 -9.56
C GLN A 110 -9.11 -3.98 -9.62
N HIS A 111 -8.04 -4.75 -9.50
CA HIS A 111 -8.13 -6.20 -9.54
C HIS A 111 -7.05 -6.80 -8.65
N ILE A 112 -7.40 -7.82 -7.89
CA ILE A 112 -6.44 -8.47 -7.00
C ILE A 112 -6.52 -9.99 -7.12
N ASP A 113 -5.37 -10.62 -7.27
CA ASP A 113 -5.28 -12.07 -7.33
C ASP A 113 -5.70 -12.70 -5.99
N LEU A 114 -6.50 -13.76 -6.06
CA LEU A 114 -7.06 -14.39 -4.85
C LEU A 114 -5.96 -14.93 -3.94
N ASP A 115 -4.89 -15.44 -4.52
CA ASP A 115 -3.78 -15.94 -3.73
C ASP A 115 -3.10 -14.78 -3.00
N SER A 116 -2.92 -13.69 -3.71
CA SER A 116 -2.40 -12.45 -3.12
C SER A 116 -3.30 -11.99 -1.98
N ILE A 117 -4.61 -12.03 -2.20
CA ILE A 117 -5.59 -11.70 -1.17
C ILE A 117 -5.39 -12.60 0.04
N SER A 118 -5.21 -13.89 -0.23
CA SER A 118 -5.03 -14.88 0.81
C SER A 118 -3.75 -14.59 1.63
N HIS A 119 -2.72 -14.10 0.95
CA HIS A 119 -1.48 -13.72 1.63
C HIS A 119 -1.73 -12.52 2.52
N LEU A 120 -2.32 -11.48 1.95
CA LEU A 120 -2.59 -10.23 2.64
C LEU A 120 -3.46 -10.48 3.88
N ARG A 121 -4.52 -11.26 3.68
CA ARG A 121 -5.46 -11.60 4.76
C ARG A 121 -4.73 -12.19 5.95
N ARG A 122 -4.00 -13.28 5.73
CA ARG A 122 -3.32 -13.99 6.79
C ARG A 122 -2.20 -13.14 7.39
N LEU A 123 -1.54 -12.37 6.53
CA LEU A 123 -0.46 -11.49 6.95
C LEU A 123 -0.94 -10.51 8.00
N VAL A 124 -2.06 -9.85 7.72
CA VAL A 124 -2.60 -8.85 8.64
C VAL A 124 -3.07 -9.49 9.94
N GLU A 125 -3.69 -10.66 9.85
CA GLU A 125 -4.14 -11.38 11.04
C GLU A 125 -2.97 -11.67 11.98
N LEU A 126 -1.88 -12.19 11.42
CA LEU A 126 -0.69 -12.51 12.20
C LEU A 126 0.11 -11.24 12.51
N ASN A 127 -0.21 -10.15 11.83
CA ASN A 127 0.52 -8.90 12.00
C ASN A 127 0.00 -8.13 13.20
N LEU A 128 -1.28 -8.32 13.49
CA LEU A 128 -1.95 -7.64 14.59
C LEU A 128 -3.37 -8.16 14.68
N GLY A 129 -3.93 -8.48 13.52
CA GLY A 129 -5.28 -8.99 13.46
C GLY A 129 -6.32 -7.89 13.37
N ASP A 130 -5.88 -6.65 13.18
CA ASP A 130 -6.81 -5.53 13.07
C ASP A 130 -7.29 -5.39 11.64
N GLU A 131 -8.55 -5.68 11.42
CA GLU A 131 -9.14 -5.63 10.09
C GLU A 131 -9.69 -4.24 9.80
N GLU A 132 -9.72 -3.39 10.83
CA GLU A 132 -10.23 -2.04 10.70
C GLU A 132 -9.26 -1.21 9.87
N LEU A 133 -7.97 -1.43 10.08
CA LEU A 133 -6.93 -0.81 9.28
C LEU A 133 -7.09 -1.11 7.79
N LEU A 134 -7.57 -2.31 7.49
CA LEU A 134 -7.74 -2.72 6.09
C LEU A 134 -9.00 -2.12 5.50
N GLU A 135 -9.87 -1.60 6.36
CA GLU A 135 -11.18 -1.13 5.94
C GLU A 135 -11.42 0.30 6.40
N ARG A 136 -10.37 1.11 6.39
CA ARG A 136 -10.53 2.53 6.64
C ARG A 136 -11.13 3.19 5.39
N GLU A 137 -10.27 3.79 4.57
CA GLU A 137 -10.65 4.31 3.26
C GLU A 137 -9.41 4.87 2.62
N LEU A 138 -9.34 4.92 1.30
CA LEU A 138 -8.19 5.51 0.63
C LEU A 138 -8.04 6.96 1.07
N ALA A 139 -9.16 7.64 1.24
CA ALA A 139 -9.17 9.00 1.76
C ALA A 139 -8.76 9.05 3.23
N LEU A 140 -8.84 7.90 3.90
CA LEU A 140 -8.53 7.80 5.32
C LEU A 140 -7.13 7.22 5.54
N LEU A 141 -6.42 6.94 4.46
CA LEU A 141 -5.08 6.40 4.57
C LEU A 141 -4.06 7.53 4.52
N VAL A 142 -3.35 7.71 5.64
CA VAL A 142 -2.43 8.83 5.78
C VAL A 142 -0.99 8.31 5.82
N SER A 143 -0.04 9.22 5.68
CA SER A 143 1.37 8.90 5.72
C SER A 143 1.88 8.78 7.15
N ALA A 144 3.13 8.32 7.29
CA ALA A 144 3.80 8.23 8.58
C ALA A 144 3.56 9.48 9.43
N HIS A 145 3.60 10.64 8.79
CA HIS A 145 3.28 11.89 9.45
C HIS A 145 2.08 12.55 8.77
N ASP A 146 1.30 13.28 9.53
CA ASP A 146 0.22 14.09 8.95
C ASP A 146 0.72 15.52 8.80
N ASP A 147 1.64 15.90 9.69
CA ASP A 147 2.27 17.21 9.64
C ASP A 147 3.54 17.14 8.80
N MET A 23 2.24 13.16 36.82
CA MET A 23 1.35 11.98 36.84
C MET A 23 0.58 11.88 38.14
N SER A 24 -0.68 12.28 38.10
CA SER A 24 -1.61 12.01 39.19
C SER A 24 -2.26 10.66 38.91
N ASP A 25 -2.27 10.30 37.63
CA ASP A 25 -2.70 8.99 37.19
C ASP A 25 -1.55 8.01 37.35
N GLN A 26 -1.69 6.81 36.82
CA GLN A 26 -0.65 5.81 36.95
C GLN A 26 0.45 6.02 35.91
N HIS A 27 0.11 5.84 34.64
CA HIS A 27 1.10 5.92 33.58
C HIS A 27 0.59 6.72 32.38
N ASP A 28 1.51 7.05 31.48
CA ASP A 28 1.18 7.71 30.23
C ASP A 28 1.68 6.87 29.06
N GLU A 29 1.55 5.57 29.24
CA GLU A 29 2.05 4.61 28.26
C GLU A 29 1.31 4.74 26.93
N ARG A 30 2.07 4.61 25.85
CA ARG A 30 1.54 4.83 24.51
C ARG A 30 0.91 3.58 23.94
N ARG A 31 0.10 3.76 22.90
CA ARG A 31 -0.44 2.64 22.14
C ARG A 31 0.71 1.93 21.45
N ARG A 32 0.77 0.61 21.59
CA ARG A 32 1.89 -0.16 21.08
C ARG A 32 2.00 -0.09 19.55
N PHE A 33 0.88 -0.22 18.88
CA PHE A 33 0.89 -0.21 17.42
C PHE A 33 -0.27 0.65 16.89
N HIS A 34 0.06 1.76 16.25
CA HIS A 34 -0.95 2.69 15.78
C HIS A 34 -1.65 2.17 14.52
N ARG A 35 -0.87 1.90 13.49
CA ARG A 35 -1.43 1.52 12.20
C ARG A 35 -0.49 0.57 11.47
N ILE A 36 -1.05 -0.22 10.57
CA ILE A 36 -0.27 -1.21 9.84
C ILE A 36 0.37 -0.61 8.61
N ALA A 37 1.70 -0.69 8.56
CA ALA A 37 2.45 -0.31 7.38
C ALA A 37 3.74 -1.13 7.34
N PHE A 38 3.66 -2.30 6.74
CA PHE A 38 4.79 -3.21 6.65
C PHE A 38 5.73 -2.79 5.54
N ASP A 39 7.02 -2.96 5.77
CA ASP A 39 8.02 -2.57 4.78
C ASP A 39 8.26 -3.68 3.78
N ALA A 40 7.49 -3.67 2.71
CA ALA A 40 7.65 -4.61 1.63
C ALA A 40 8.28 -3.91 0.43
N ASP A 41 9.12 -4.63 -0.31
CA ASP A 41 9.76 -4.04 -1.48
C ASP A 41 8.69 -3.77 -2.53
N SER A 42 8.50 -2.51 -2.84
CA SER A 42 7.38 -2.10 -3.69
C SER A 42 7.86 -1.51 -5.00
N GLU A 43 7.37 -2.06 -6.11
CA GLU A 43 7.60 -1.47 -7.41
C GLU A 43 6.30 -1.44 -8.21
N ILE A 44 6.00 -0.30 -8.81
CA ILE A 44 4.82 -0.15 -9.62
C ILE A 44 5.19 -0.33 -11.10
N LEU A 45 4.45 -1.19 -11.76
CA LEU A 45 4.75 -1.54 -13.13
C LEU A 45 3.71 -0.96 -14.07
N GLN A 46 4.15 -0.64 -15.27
CA GLN A 46 3.24 -0.27 -16.34
C GLN A 46 3.46 -1.28 -17.47
N GLY A 47 3.43 -2.55 -17.11
CA GLY A 47 3.72 -3.61 -18.06
C GLY A 47 5.20 -3.70 -18.36
N GLU A 48 5.67 -2.83 -19.25
CA GLU A 48 7.06 -2.83 -19.68
C GLU A 48 7.93 -2.03 -18.71
N ARG A 49 7.35 -1.00 -18.12
CA ARG A 49 8.11 -0.06 -17.31
C ARG A 49 7.99 -0.41 -15.83
N ARG A 50 9.06 -0.19 -15.09
CA ARG A 50 9.13 -0.58 -13.67
C ARG A 50 9.64 0.58 -12.82
N TRP A 51 8.89 0.96 -11.80
CA TRP A 51 9.29 2.06 -10.94
C TRP A 51 9.26 1.64 -9.46
N GLU A 52 10.45 1.48 -8.89
CA GLU A 52 10.58 1.18 -7.47
C GLU A 52 10.07 2.37 -6.63
N VAL A 53 9.13 2.10 -5.73
CA VAL A 53 8.44 3.15 -5.02
C VAL A 53 8.41 2.88 -3.51
N LEU A 54 8.11 3.90 -2.72
CA LEU A 54 8.06 3.77 -1.27
C LEU A 54 6.64 3.55 -0.79
N LEU A 55 6.42 2.48 -0.05
CA LEU A 55 5.10 2.16 0.50
C LEU A 55 4.83 3.01 1.73
N HIS A 56 3.55 3.36 1.94
CA HIS A 56 3.15 4.17 3.09
C HIS A 56 1.98 3.52 3.81
N ASP A 57 1.05 2.95 3.04
CA ASP A 57 -0.10 2.24 3.61
C ASP A 57 -0.78 1.40 2.51
N VAL A 58 -1.68 0.51 2.91
CA VAL A 58 -2.35 -0.38 1.98
C VAL A 58 -3.57 -1.03 2.64
N SER A 59 -4.66 -1.16 1.89
CA SER A 59 -5.88 -1.75 2.41
C SER A 59 -6.68 -2.38 1.28
N LEU A 60 -7.91 -2.78 1.59
CA LEU A 60 -8.79 -3.43 0.61
C LEU A 60 -9.32 -2.40 -0.40
N HIS A 61 -9.06 -1.14 -0.10
CA HIS A 61 -9.58 -0.03 -0.90
C HIS A 61 -8.57 0.37 -1.95
N GLY A 62 -7.32 0.08 -1.67
CA GLY A 62 -6.25 0.48 -2.54
C GLY A 62 -4.93 0.51 -1.80
N ILE A 63 -4.08 1.46 -2.18
CA ILE A 63 -2.73 1.51 -1.65
C ILE A 63 -2.19 2.94 -1.70
N LEU A 64 -1.39 3.30 -0.71
CA LEU A 64 -0.79 4.62 -0.66
C LEU A 64 0.73 4.50 -0.74
N VAL A 65 1.30 5.05 -1.80
CA VAL A 65 2.74 5.08 -1.96
C VAL A 65 3.21 6.53 -2.13
N GLY A 66 4.51 6.73 -2.19
CA GLY A 66 5.03 8.07 -2.34
C GLY A 66 5.99 8.19 -3.49
N GLN A 67 5.81 9.23 -4.29
CA GLN A 67 6.67 9.46 -5.45
C GLN A 67 7.93 10.21 -5.04
N PRO A 68 9.11 9.61 -5.28
CA PRO A 68 10.39 10.24 -5.01
C PRO A 68 10.95 10.94 -6.24
N GLN A 69 10.17 10.94 -7.32
CA GLN A 69 10.61 11.46 -8.60
C GLN A 69 9.38 11.85 -9.44
N ASP A 70 9.62 12.44 -10.60
CA ASP A 70 8.54 12.80 -11.52
C ASP A 70 7.73 11.57 -11.93
N TRP A 71 6.43 11.75 -12.07
CA TRP A 71 5.52 10.62 -12.28
C TRP A 71 5.26 10.40 -13.77
N ASN A 72 4.94 9.16 -14.11
CA ASN A 72 4.69 8.76 -15.49
C ASN A 72 3.44 7.88 -15.56
N GLY A 73 2.60 8.08 -16.56
CA GLY A 73 1.42 7.26 -16.71
C GLY A 73 0.14 8.03 -16.44
N ASP A 74 0.10 8.71 -15.30
CA ASP A 74 -1.04 9.56 -14.91
C ASP A 74 -2.25 8.71 -14.49
N PRO A 75 -3.23 9.33 -13.81
CA PRO A 75 -4.44 8.62 -13.31
C PRO A 75 -5.38 8.14 -14.41
N GLN A 76 -4.82 7.81 -15.56
CA GLN A 76 -5.61 7.29 -16.67
C GLN A 76 -5.06 5.94 -17.13
N ARG A 77 -3.80 5.69 -16.85
CA ARG A 77 -3.13 4.49 -17.33
C ARG A 77 -2.87 3.55 -16.17
N PRO A 78 -3.47 2.34 -16.23
CA PRO A 78 -3.39 1.33 -15.17
C PRO A 78 -1.97 1.03 -14.70
N PHE A 79 -1.83 0.81 -13.40
CA PHE A 79 -0.55 0.51 -12.80
C PHE A 79 -0.63 -0.81 -12.04
N GLU A 80 0.44 -1.57 -12.06
CA GLU A 80 0.49 -2.84 -11.34
C GLU A 80 1.33 -2.69 -10.08
N ALA A 81 0.86 -3.26 -8.98
CA ALA A 81 1.60 -3.18 -7.73
C ALA A 81 2.25 -4.52 -7.38
N ARG A 82 3.57 -4.52 -7.33
CA ARG A 82 4.31 -5.68 -6.87
C ARG A 82 4.82 -5.45 -5.46
N LEU A 83 4.23 -6.14 -4.49
CA LEU A 83 4.66 -6.05 -3.11
C LEU A 83 5.41 -7.32 -2.72
N TYR A 84 6.73 -7.23 -2.67
CA TYR A 84 7.55 -8.37 -2.30
C TYR A 84 7.58 -8.52 -0.79
N LEU A 85 6.89 -9.52 -0.28
CA LEU A 85 6.85 -9.76 1.15
C LEU A 85 7.76 -10.93 1.50
N GLY A 86 8.02 -11.77 0.51
CA GLY A 86 8.88 -12.91 0.68
C GLY A 86 9.41 -13.41 -0.65
N LEU A 87 9.85 -14.66 -0.68
CA LEU A 87 10.39 -15.24 -1.90
C LEU A 87 9.24 -15.73 -2.79
N ASP A 88 8.26 -16.38 -2.18
CA ASP A 88 7.09 -16.86 -2.92
C ASP A 88 5.89 -15.97 -2.64
N VAL A 89 6.00 -15.14 -1.61
CA VAL A 89 4.90 -14.27 -1.22
C VAL A 89 4.99 -12.93 -1.95
N LEU A 90 4.43 -12.90 -3.14
CA LEU A 90 4.39 -11.68 -3.93
C LEU A 90 2.95 -11.17 -4.01
N ILE A 91 2.72 -10.01 -3.44
CA ILE A 91 1.40 -9.40 -3.48
C ILE A 91 1.22 -8.65 -4.79
N ARG A 92 0.47 -9.24 -5.69
CA ARG A 92 0.21 -8.64 -7.00
C ARG A 92 -1.22 -8.15 -7.08
N MET A 93 -1.39 -6.85 -7.13
CA MET A 93 -2.70 -6.25 -7.33
C MET A 93 -2.61 -5.22 -8.45
N GLU A 94 -3.59 -5.23 -9.33
CA GLU A 94 -3.62 -4.27 -10.43
C GLU A 94 -4.48 -3.09 -10.03
N ILE A 95 -3.85 -1.94 -9.93
CA ILE A 95 -4.47 -0.76 -9.33
C ILE A 95 -4.65 0.36 -10.35
N SER A 96 -5.63 1.21 -10.10
CA SER A 96 -5.87 2.35 -10.95
C SER A 96 -5.61 3.63 -10.16
N LEU A 97 -4.66 4.42 -10.62
CA LEU A 97 -4.29 5.65 -9.93
C LEU A 97 -5.50 6.58 -9.80
N ALA A 98 -5.93 6.81 -8.58
CA ALA A 98 -7.12 7.59 -8.31
C ALA A 98 -6.77 9.07 -8.15
N TRP A 99 -5.80 9.34 -7.28
CA TRP A 99 -5.38 10.71 -7.03
C TRP A 99 -3.88 10.77 -6.77
N ALA A 100 -3.27 11.87 -7.17
CA ALA A 100 -1.84 12.07 -6.98
C ALA A 100 -1.55 13.53 -6.67
N ARG A 101 -1.09 13.80 -5.45
CA ARG A 101 -0.79 15.17 -5.04
C ARG A 101 0.21 15.19 -3.89
N ASP A 102 1.07 16.20 -3.92
CA ASP A 102 1.99 16.49 -2.81
C ASP A 102 2.91 15.33 -2.50
N GLY A 103 3.15 14.47 -3.49
CA GLY A 103 4.03 13.34 -3.31
C GLY A 103 3.28 12.06 -2.99
N LEU A 104 2.04 12.20 -2.54
CA LEU A 104 1.23 11.06 -2.16
C LEU A 104 0.49 10.50 -3.37
N LEU A 105 0.62 9.19 -3.56
CA LEU A 105 -0.04 8.52 -4.66
C LEU A 105 -1.09 7.56 -4.14
N GLY A 106 -2.36 7.87 -4.38
CA GLY A 106 -3.43 7.02 -3.92
C GLY A 106 -4.04 6.24 -5.05
N PHE A 107 -3.87 4.92 -5.01
CA PHE A 107 -4.39 4.06 -6.05
C PHE A 107 -5.63 3.32 -5.56
N GLU A 108 -6.59 3.18 -6.45
CA GLU A 108 -7.78 2.41 -6.19
C GLU A 108 -7.50 0.95 -6.57
N CYS A 109 -7.76 0.03 -5.65
CA CYS A 109 -7.51 -1.37 -5.91
C CYS A 109 -8.54 -1.90 -6.90
N GLN A 110 -8.14 -2.01 -8.16
CA GLN A 110 -9.06 -2.34 -9.22
C GLN A 110 -9.24 -3.84 -9.34
N HIS A 111 -8.15 -4.53 -9.63
CA HIS A 111 -8.17 -5.97 -9.79
C HIS A 111 -7.28 -6.61 -8.73
N ILE A 112 -7.90 -7.07 -7.66
CA ILE A 112 -7.18 -7.73 -6.59
C ILE A 112 -7.17 -9.22 -6.84
N ASP A 113 -5.98 -9.78 -7.08
CA ASP A 113 -5.87 -11.19 -7.38
C ASP A 113 -6.11 -12.02 -6.12
N LEU A 114 -6.77 -13.16 -6.31
CA LEU A 114 -7.15 -14.05 -5.20
C LEU A 114 -5.96 -14.40 -4.32
N ASP A 115 -4.79 -14.56 -4.93
CA ASP A 115 -3.58 -14.91 -4.20
C ASP A 115 -3.18 -13.77 -3.27
N SER A 116 -3.34 -12.55 -3.76
CA SER A 116 -3.03 -11.36 -2.99
C SER A 116 -4.08 -11.13 -1.91
N ILE A 117 -5.29 -11.59 -2.17
CA ILE A 117 -6.36 -11.57 -1.17
C ILE A 117 -5.88 -12.35 0.05
N SER A 118 -5.33 -13.53 -0.20
CA SER A 118 -4.85 -14.40 0.86
C SER A 118 -3.65 -13.77 1.56
N HIS A 119 -2.73 -13.22 0.78
CA HIS A 119 -1.52 -12.62 1.32
C HIS A 119 -1.85 -11.47 2.27
N LEU A 120 -2.64 -10.52 1.78
CA LEU A 120 -2.95 -9.32 2.54
C LEU A 120 -3.73 -9.66 3.81
N ARG A 121 -4.80 -10.42 3.65
CA ARG A 121 -5.67 -10.74 4.77
C ARG A 121 -4.94 -11.55 5.83
N ARG A 122 -4.24 -12.60 5.43
CA ARG A 122 -3.61 -13.50 6.39
C ARG A 122 -2.45 -12.84 7.11
N LEU A 123 -1.78 -11.89 6.47
CA LEU A 123 -0.73 -11.16 7.14
C LEU A 123 -1.32 -10.31 8.26
N VAL A 124 -2.47 -9.69 7.99
CA VAL A 124 -3.13 -8.89 9.00
C VAL A 124 -3.71 -9.77 10.11
N GLU A 125 -4.29 -10.89 9.71
CA GLU A 125 -4.92 -11.82 10.65
C GLU A 125 -3.87 -12.49 11.55
N LEU A 126 -2.91 -13.16 10.94
CA LEU A 126 -1.91 -13.95 11.68
C LEU A 126 -0.99 -13.04 12.51
N ASN A 127 -0.87 -11.79 12.09
CA ASN A 127 0.04 -10.86 12.74
C ASN A 127 -0.74 -9.93 13.67
N LEU A 128 -2.05 -10.18 13.79
CA LEU A 128 -2.93 -9.42 14.67
C LEU A 128 -2.86 -7.93 14.38
N GLY A 129 -2.85 -7.57 13.11
CA GLY A 129 -2.76 -6.17 12.70
C GLY A 129 -4.10 -5.46 12.73
N ASP A 130 -5.16 -6.21 13.07
CA ASP A 130 -6.53 -5.67 13.21
C ASP A 130 -7.15 -5.37 11.83
N GLU A 131 -8.37 -5.88 11.62
CA GLU A 131 -9.03 -5.79 10.33
C GLU A 131 -9.57 -4.39 10.05
N GLU A 132 -9.85 -3.62 11.10
CA GLU A 132 -10.50 -2.32 10.95
C GLU A 132 -9.62 -1.34 10.18
N LEU A 133 -8.31 -1.58 10.18
CA LEU A 133 -7.41 -0.70 9.48
C LEU A 133 -7.45 -0.95 7.97
N LEU A 134 -7.91 -2.14 7.59
CA LEU A 134 -8.03 -2.49 6.17
C LEU A 134 -9.32 -1.91 5.59
N GLU A 135 -10.19 -1.47 6.48
CA GLU A 135 -11.50 -1.00 6.10
C GLU A 135 -11.72 0.45 6.53
N ARG A 136 -10.63 1.22 6.53
CA ARG A 136 -10.73 2.64 6.82
C ARG A 136 -11.31 3.36 5.61
N GLU A 137 -10.44 3.78 4.70
CA GLU A 137 -10.84 4.36 3.40
C GLU A 137 -9.57 4.81 2.70
N LEU A 138 -9.57 4.96 1.39
CA LEU A 138 -8.37 5.38 0.69
C LEU A 138 -7.97 6.78 1.14
N ALA A 139 -8.97 7.62 1.41
CA ALA A 139 -8.70 8.96 1.95
C ALA A 139 -8.44 8.90 3.45
N LEU A 140 -8.55 7.71 4.02
CA LEU A 140 -8.22 7.48 5.42
C LEU A 140 -6.90 6.70 5.53
N LEU A 141 -6.27 6.51 4.40
CA LEU A 141 -4.93 5.94 4.35
C LEU A 141 -3.93 7.06 4.15
N VAL A 142 -3.44 7.58 5.27
CA VAL A 142 -2.63 8.79 5.26
C VAL A 142 -1.16 8.48 5.57
N SER A 143 -0.35 9.51 5.76
CA SER A 143 1.08 9.35 5.98
C SER A 143 1.37 8.78 7.37
N ALA A 144 2.63 8.44 7.61
CA ALA A 144 3.06 7.89 8.90
C ALA A 144 2.57 8.75 10.06
N HIS A 145 2.65 10.07 9.92
CA HIS A 145 2.12 10.97 10.92
C HIS A 145 0.59 11.00 10.84
N ASP A 146 -0.03 10.15 11.63
CA ASP A 146 -1.49 10.14 11.74
C ASP A 146 -1.89 10.61 13.14
N ASP A 147 -1.10 10.22 14.13
CA ASP A 147 -1.25 10.71 15.51
C ASP A 147 -0.08 10.23 16.35
N MET A 23 -7.21 15.57 37.49
CA MET A 23 -6.91 14.30 38.21
C MET A 23 -5.53 13.80 37.82
N SER A 24 -5.12 12.68 38.39
CA SER A 24 -3.85 12.07 38.04
C SER A 24 -3.95 11.38 36.67
N ASP A 25 -3.21 11.90 35.71
CA ASP A 25 -3.22 11.35 34.36
C ASP A 25 -2.09 10.34 34.21
N GLN A 26 -2.35 9.25 33.49
CA GLN A 26 -1.35 8.21 33.33
C GLN A 26 -0.45 8.50 32.13
N HIS A 27 -0.94 8.19 30.93
CA HIS A 27 -0.14 8.37 29.72
C HIS A 27 -0.94 7.95 28.49
N ASP A 28 -0.56 8.51 27.35
CA ASP A 28 -1.09 8.07 26.06
C ASP A 28 -0.38 6.77 25.65
N GLU A 29 -0.87 6.13 24.61
CA GLU A 29 -0.32 4.86 24.13
C GLU A 29 -0.62 3.72 25.08
N ARG A 30 -1.69 2.99 24.75
CA ARG A 30 -2.10 1.83 25.51
C ARG A 30 -2.01 0.59 24.63
N ARG A 31 -2.13 0.80 23.33
CA ARG A 31 -2.06 -0.29 22.36
C ARG A 31 -0.80 -0.17 21.51
N ARG A 32 -0.18 -1.30 21.22
CA ARG A 32 1.03 -1.32 20.40
C ARG A 32 0.71 -1.54 18.93
N PHE A 33 -0.58 -1.46 18.60
CA PHE A 33 -1.01 -1.60 17.21
C PHE A 33 -1.51 -0.27 16.69
N HIS A 34 -0.92 0.22 15.61
CA HIS A 34 -1.28 1.52 15.06
C HIS A 34 -1.70 1.40 13.60
N ARG A 35 -0.77 0.91 12.78
CA ARG A 35 -1.00 0.80 11.34
C ARG A 35 -0.36 -0.46 10.80
N ILE A 36 -0.75 -0.85 9.60
CA ILE A 36 -0.13 -1.98 8.94
C ILE A 36 0.83 -1.50 7.85
N ALA A 37 2.07 -1.27 8.25
CA ALA A 37 3.12 -0.88 7.32
C ALA A 37 4.24 -1.91 7.38
N PHE A 38 4.24 -2.79 6.41
CA PHE A 38 5.14 -3.94 6.44
C PHE A 38 6.49 -3.59 5.83
N ASP A 39 7.52 -4.28 6.27
CA ASP A 39 8.85 -4.16 5.68
C ASP A 39 8.90 -4.95 4.38
N ALA A 40 8.11 -4.51 3.41
CA ALA A 40 7.97 -5.22 2.14
C ALA A 40 8.39 -4.33 0.99
N ASP A 41 8.78 -4.96 -0.12
CA ASP A 41 9.17 -4.23 -1.31
C ASP A 41 7.92 -3.90 -2.12
N SER A 42 7.77 -2.63 -2.48
CA SER A 42 6.61 -2.20 -3.24
C SER A 42 7.03 -1.58 -4.58
N GLU A 43 6.70 -2.27 -5.66
CA GLU A 43 6.99 -1.76 -6.99
C GLU A 43 5.70 -1.48 -7.75
N ILE A 44 5.64 -0.34 -8.42
CA ILE A 44 4.50 0.00 -9.25
C ILE A 44 4.84 -0.22 -10.71
N LEU A 45 4.20 -1.18 -11.32
CA LEU A 45 4.45 -1.56 -12.69
C LEU A 45 3.47 -0.86 -13.62
N GLN A 46 3.93 -0.53 -14.80
CA GLN A 46 3.08 -0.01 -15.83
C GLN A 46 3.56 -0.53 -17.18
N GLY A 47 3.12 -1.74 -17.51
CA GLY A 47 3.49 -2.36 -18.77
C GLY A 47 4.98 -2.62 -18.89
N GLU A 48 5.65 -1.69 -19.55
CA GLU A 48 7.07 -1.84 -19.86
C GLU A 48 7.94 -1.46 -18.67
N ARG A 49 7.43 -0.62 -17.78
CA ARG A 49 8.27 -0.02 -16.75
C ARG A 49 7.79 -0.39 -15.36
N ARG A 50 8.67 -0.17 -14.39
CA ARG A 50 8.34 -0.40 -12.98
C ARG A 50 9.09 0.59 -12.10
N TRP A 51 8.37 1.20 -11.18
CA TRP A 51 8.96 2.18 -10.26
C TRP A 51 8.88 1.68 -8.83
N GLU A 52 10.03 1.53 -8.19
CA GLU A 52 10.07 1.14 -6.80
C GLU A 52 9.65 2.30 -5.91
N VAL A 53 8.63 2.07 -5.12
CA VAL A 53 8.03 3.11 -4.31
C VAL A 53 8.09 2.75 -2.83
N LEU A 54 7.91 3.74 -1.97
CA LEU A 54 7.85 3.51 -0.54
C LEU A 54 6.44 3.20 -0.10
N LEU A 55 6.25 2.05 0.53
CA LEU A 55 4.96 1.68 1.09
C LEU A 55 4.65 2.54 2.31
N HIS A 56 3.38 2.83 2.52
CA HIS A 56 2.95 3.61 3.68
C HIS A 56 1.71 2.99 4.31
N ASP A 57 0.65 2.84 3.52
CA ASP A 57 -0.57 2.19 3.99
C ASP A 57 -1.26 1.52 2.80
N VAL A 58 -1.86 0.35 3.04
CA VAL A 58 -2.43 -0.45 1.95
C VAL A 58 -3.65 -1.23 2.45
N SER A 59 -4.60 -1.50 1.55
CA SER A 59 -5.80 -2.21 1.93
C SER A 59 -6.58 -2.67 0.68
N LEU A 60 -7.84 -3.05 0.89
CA LEU A 60 -8.67 -3.62 -0.17
C LEU A 60 -9.38 -2.53 -0.96
N HIS A 61 -9.01 -1.30 -0.69
CA HIS A 61 -9.59 -0.14 -1.37
C HIS A 61 -8.58 0.46 -2.31
N GLY A 62 -7.36 0.02 -2.14
CA GLY A 62 -6.24 0.58 -2.87
C GLY A 62 -5.01 0.68 -2.01
N ILE A 63 -4.24 1.73 -2.18
CA ILE A 63 -2.97 1.87 -1.50
C ILE A 63 -2.44 3.29 -1.58
N LEU A 64 -1.79 3.75 -0.52
CA LEU A 64 -1.15 5.06 -0.52
C LEU A 64 0.35 4.88 -0.34
N VAL A 65 1.10 5.25 -1.36
CA VAL A 65 2.54 5.13 -1.34
C VAL A 65 3.19 6.50 -1.50
N GLY A 66 4.52 6.52 -1.43
CA GLY A 66 5.22 7.79 -1.53
C GLY A 66 6.44 7.72 -2.42
N GLN A 67 6.45 8.56 -3.44
CA GLN A 67 7.62 8.74 -4.31
C GLN A 67 8.10 10.17 -4.20
N PRO A 68 9.31 10.47 -4.71
CA PRO A 68 9.77 11.85 -4.85
C PRO A 68 8.82 12.64 -5.75
N GLN A 69 8.76 12.22 -7.02
CA GLN A 69 7.88 12.81 -8.03
C GLN A 69 7.92 11.95 -9.29
N ASP A 70 7.32 12.47 -10.36
CA ASP A 70 7.40 11.88 -11.70
C ASP A 70 6.51 10.66 -11.88
N TRP A 71 6.11 10.46 -13.14
CA TRP A 71 5.31 9.31 -13.55
C TRP A 71 5.60 9.02 -15.02
N ASN A 72 4.82 8.10 -15.60
CA ASN A 72 4.96 7.79 -17.03
C ASN A 72 4.60 8.99 -17.88
N GLY A 73 3.56 9.71 -17.48
CA GLY A 73 3.19 10.92 -18.16
C GLY A 73 1.76 11.32 -17.91
N ASP A 74 0.88 10.33 -17.92
CA ASP A 74 -0.55 10.58 -17.74
C ASP A 74 -1.18 9.46 -16.91
N PRO A 75 -2.27 9.77 -16.20
CA PRO A 75 -2.98 8.81 -15.35
C PRO A 75 -4.01 7.97 -16.10
N GLN A 76 -3.88 7.88 -17.41
CA GLN A 76 -4.78 7.05 -18.21
C GLN A 76 -4.14 5.68 -18.39
N ARG A 77 -2.92 5.58 -17.87
CA ARG A 77 -2.16 4.34 -17.89
C ARG A 77 -2.40 3.56 -16.61
N PRO A 78 -3.07 2.41 -16.71
CA PRO A 78 -3.32 1.52 -15.56
C PRO A 78 -2.04 1.11 -14.85
N PHE A 79 -2.08 1.08 -13.53
CA PHE A 79 -0.93 0.72 -12.73
C PHE A 79 -1.13 -0.62 -12.04
N GLU A 80 -0.04 -1.26 -11.66
CA GLU A 80 -0.10 -2.55 -11.00
C GLU A 80 0.84 -2.56 -9.81
N ALA A 81 0.35 -2.97 -8.65
CA ALA A 81 1.20 -2.99 -7.47
C ALA A 81 1.76 -4.39 -7.24
N ARG A 82 3.08 -4.49 -7.20
CA ARG A 82 3.75 -5.75 -6.96
C ARG A 82 4.48 -5.71 -5.63
N LEU A 83 3.92 -6.40 -4.64
CA LEU A 83 4.45 -6.38 -3.28
C LEU A 83 5.19 -7.68 -2.98
N TYR A 84 6.42 -7.55 -2.51
CA TYR A 84 7.23 -8.70 -2.16
C TYR A 84 7.20 -8.96 -0.66
N LEU A 85 6.60 -10.07 -0.27
CA LEU A 85 6.59 -10.49 1.12
C LEU A 85 7.41 -11.76 1.29
N GLY A 86 7.99 -12.20 0.20
CA GLY A 86 8.81 -13.39 0.21
C GLY A 86 9.30 -13.73 -1.18
N LEU A 87 10.00 -14.85 -1.31
CA LEU A 87 10.48 -15.31 -2.60
C LEU A 87 9.29 -15.73 -3.47
N ASP A 88 8.35 -16.42 -2.86
CA ASP A 88 7.13 -16.83 -3.57
C ASP A 88 5.97 -15.91 -3.21
N VAL A 89 5.95 -15.41 -1.98
CA VAL A 89 4.83 -14.60 -1.51
C VAL A 89 4.81 -13.26 -2.24
N LEU A 90 3.99 -13.19 -3.27
CA LEU A 90 3.90 -12.00 -4.11
C LEU A 90 2.47 -11.47 -4.12
N ILE A 91 2.31 -10.22 -3.71
CA ILE A 91 1.01 -9.59 -3.70
C ILE A 91 0.84 -8.71 -4.93
N ARG A 92 0.03 -9.16 -5.87
CA ARG A 92 -0.24 -8.40 -7.08
C ARG A 92 -1.66 -7.83 -7.05
N MET A 93 -1.78 -6.53 -7.25
CA MET A 93 -3.08 -5.89 -7.28
C MET A 93 -3.13 -4.80 -8.34
N GLU A 94 -4.07 -4.92 -9.26
CA GLU A 94 -4.28 -3.95 -10.31
C GLU A 94 -4.87 -2.69 -9.71
N ILE A 95 -4.25 -1.54 -9.95
CA ILE A 95 -4.64 -0.30 -9.31
C ILE A 95 -4.77 0.84 -10.29
N SER A 96 -5.64 1.78 -9.98
CA SER A 96 -5.78 2.99 -10.77
C SER A 96 -5.29 4.18 -9.96
N LEU A 97 -4.57 5.09 -10.61
CA LEU A 97 -4.11 6.28 -9.93
C LEU A 97 -5.26 7.25 -9.73
N ALA A 98 -5.77 7.30 -8.51
CA ALA A 98 -6.94 8.11 -8.20
C ALA A 98 -6.56 9.56 -7.90
N TRP A 99 -5.52 9.73 -7.10
CA TRP A 99 -5.06 11.07 -6.74
C TRP A 99 -3.58 11.07 -6.45
N ALA A 100 -2.93 12.17 -6.77
CA ALA A 100 -1.50 12.30 -6.55
C ALA A 100 -1.18 13.61 -5.85
N ARG A 101 -0.98 13.52 -4.55
CA ARG A 101 -0.59 14.66 -3.73
C ARG A 101 0.92 14.84 -3.82
N ASP A 102 1.37 15.22 -5.00
CA ASP A 102 2.79 15.39 -5.31
C ASP A 102 3.55 14.06 -5.17
N GLY A 103 3.98 13.75 -3.96
CA GLY A 103 4.71 12.52 -3.72
C GLY A 103 3.82 11.42 -3.18
N LEU A 104 2.70 11.82 -2.58
CA LEU A 104 1.77 10.86 -2.00
C LEU A 104 0.83 10.34 -3.08
N LEU A 105 0.95 9.07 -3.40
CA LEU A 105 0.22 8.50 -4.53
C LEU A 105 -0.90 7.58 -4.05
N GLY A 106 -2.14 8.02 -4.25
CA GLY A 106 -3.27 7.24 -3.81
C GLY A 106 -3.89 6.46 -4.94
N PHE A 107 -3.87 5.14 -4.82
CA PHE A 107 -4.40 4.28 -5.86
C PHE A 107 -5.68 3.61 -5.40
N GLU A 108 -6.58 3.38 -6.35
CA GLU A 108 -7.81 2.66 -6.09
C GLU A 108 -7.69 1.24 -6.67
N CYS A 109 -8.37 0.29 -6.05
CA CYS A 109 -8.26 -1.10 -6.45
C CYS A 109 -9.10 -1.39 -7.70
N GLN A 110 -8.43 -1.83 -8.76
CA GLN A 110 -9.12 -2.23 -9.98
C GLN A 110 -9.33 -3.74 -10.00
N HIS A 111 -8.36 -4.48 -9.48
CA HIS A 111 -8.46 -5.93 -9.39
C HIS A 111 -7.38 -6.52 -8.49
N ILE A 112 -7.75 -6.83 -7.27
CA ILE A 112 -6.84 -7.48 -6.34
C ILE A 112 -6.96 -9.00 -6.48
N ASP A 113 -5.86 -9.65 -6.83
CA ASP A 113 -5.88 -11.09 -7.08
C ASP A 113 -6.20 -11.87 -5.82
N LEU A 114 -6.83 -13.03 -5.99
CA LEU A 114 -7.27 -13.87 -4.89
C LEU A 114 -6.08 -14.34 -4.04
N ASP A 115 -4.98 -14.68 -4.69
CA ASP A 115 -3.79 -15.14 -3.98
C ASP A 115 -3.22 -14.00 -3.16
N SER A 116 -3.23 -12.81 -3.76
CA SER A 116 -2.79 -11.61 -3.08
C SER A 116 -3.63 -11.35 -1.83
N ILE A 117 -4.95 -11.45 -1.97
CA ILE A 117 -5.86 -11.26 -0.85
C ILE A 117 -5.59 -12.28 0.24
N SER A 118 -5.38 -13.52 -0.16
CA SER A 118 -5.09 -14.61 0.77
C SER A 118 -3.83 -14.31 1.58
N HIS A 119 -2.79 -13.84 0.90
CA HIS A 119 -1.53 -13.52 1.57
C HIS A 119 -1.69 -12.30 2.46
N LEU A 120 -2.46 -11.31 1.99
CA LEU A 120 -2.67 -10.08 2.74
C LEU A 120 -3.45 -10.35 4.03
N ARG A 121 -4.47 -11.19 3.93
CA ARG A 121 -5.30 -11.54 5.09
C ARG A 121 -4.43 -12.20 6.17
N ARG A 122 -3.56 -13.10 5.74
CA ARG A 122 -2.63 -13.77 6.64
C ARG A 122 -1.61 -12.77 7.19
N LEU A 123 -1.15 -11.88 6.32
CA LEU A 123 -0.13 -10.90 6.69
C LEU A 123 -0.61 -9.98 7.81
N VAL A 124 -1.83 -9.48 7.67
CA VAL A 124 -2.42 -8.65 8.72
C VAL A 124 -2.65 -9.47 9.98
N GLU A 125 -3.03 -10.73 9.79
CA GLU A 125 -3.22 -11.66 10.89
C GLU A 125 -1.92 -11.84 11.69
N LEU A 126 -0.80 -11.91 10.98
CA LEU A 126 0.52 -12.10 11.59
C LEU A 126 0.99 -10.83 12.29
N ASN A 127 0.26 -9.74 12.09
CA ASN A 127 0.61 -8.47 12.71
C ASN A 127 -0.37 -8.13 13.83
N LEU A 128 -1.62 -8.59 13.67
CA LEU A 128 -2.68 -8.33 14.64
C LEU A 128 -2.99 -6.84 14.76
N GLY A 129 -2.58 -6.09 13.75
CA GLY A 129 -2.74 -4.65 13.76
C GLY A 129 -4.09 -4.21 13.22
N ASP A 130 -5.15 -4.79 13.80
CA ASP A 130 -6.53 -4.47 13.42
C ASP A 130 -6.84 -4.86 11.98
N GLU A 131 -7.68 -5.87 11.83
CA GLU A 131 -8.18 -6.26 10.52
C GLU A 131 -9.21 -5.22 10.07
N GLU A 132 -9.69 -4.46 11.04
CA GLU A 132 -10.64 -3.39 10.80
C GLU A 132 -10.05 -2.31 9.88
N LEU A 133 -8.73 -2.16 9.92
CA LEU A 133 -8.05 -1.17 9.08
C LEU A 133 -8.20 -1.52 7.61
N LEU A 134 -8.49 -2.79 7.35
CA LEU A 134 -8.67 -3.27 5.98
C LEU A 134 -10.01 -2.82 5.41
N GLU A 135 -10.85 -2.25 6.26
CA GLU A 135 -12.18 -1.83 5.84
C GLU A 135 -12.41 -0.34 6.06
N ARG A 136 -11.33 0.43 5.96
CA ARG A 136 -11.45 1.89 6.03
C ARG A 136 -11.77 2.44 4.63
N GLU A 137 -11.49 3.71 4.42
CA GLU A 137 -11.64 4.33 3.10
C GLU A 137 -10.25 4.76 2.64
N LEU A 138 -10.04 4.91 1.34
CA LEU A 138 -8.73 5.26 0.79
C LEU A 138 -8.18 6.55 1.42
N ALA A 139 -9.04 7.54 1.63
CA ALA A 139 -8.62 8.80 2.23
C ALA A 139 -8.25 8.63 3.70
N LEU A 140 -8.67 7.52 4.30
CA LEU A 140 -8.31 7.21 5.69
C LEU A 140 -6.97 6.48 5.74
N LEU A 141 -6.54 5.99 4.59
CA LEU A 141 -5.24 5.35 4.48
C LEU A 141 -4.18 6.41 4.25
N VAL A 142 -3.78 7.05 5.33
CA VAL A 142 -2.86 8.18 5.24
C VAL A 142 -1.42 7.75 5.48
N SER A 143 -0.49 8.47 4.86
CA SER A 143 0.94 8.21 5.02
C SER A 143 1.46 8.81 6.31
N ALA A 144 2.72 8.49 6.62
CA ALA A 144 3.41 8.99 7.81
C ALA A 144 3.10 10.46 8.08
N HIS A 145 3.19 11.31 7.06
CA HIS A 145 2.73 12.68 7.19
C HIS A 145 1.37 12.81 6.52
N ASP A 146 0.44 13.48 7.18
CA ASP A 146 -0.93 13.57 6.68
C ASP A 146 -1.14 14.80 5.81
N ASP A 147 -0.19 15.73 5.81
CA ASP A 147 -0.28 16.91 4.98
C ASP A 147 1.12 17.48 4.72
N MET A 23 -1.86 -12.91 34.26
CA MET A 23 -2.57 -11.62 34.11
C MET A 23 -1.63 -10.45 34.34
N SER A 24 -1.20 -9.82 33.26
CA SER A 24 -0.30 -8.69 33.34
C SER A 24 -0.31 -7.90 32.03
N ASP A 25 -0.33 -6.59 32.13
CA ASP A 25 -0.26 -5.74 30.93
C ASP A 25 1.19 -5.67 30.47
N GLN A 26 1.45 -6.09 29.24
CA GLN A 26 2.80 -6.12 28.73
C GLN A 26 3.15 -4.80 28.09
N HIS A 27 3.70 -3.90 28.89
CA HIS A 27 4.15 -2.61 28.41
C HIS A 27 5.63 -2.68 28.04
N ASP A 28 5.90 -3.30 26.89
CA ASP A 28 7.28 -3.52 26.45
C ASP A 28 7.57 -2.68 25.22
N GLU A 29 6.54 -2.45 24.42
CA GLU A 29 6.69 -1.76 23.15
C GLU A 29 6.47 -0.26 23.31
N ARG A 30 7.13 0.51 22.47
CA ARG A 30 6.90 1.95 22.43
C ARG A 30 6.36 2.35 21.05
N ARG A 31 6.13 1.34 20.23
CA ARG A 31 5.57 1.55 18.89
C ARG A 31 4.13 2.03 19.01
N ARG A 32 3.80 3.07 18.25
CA ARG A 32 2.45 3.62 18.29
C ARG A 32 1.69 3.25 17.01
N PHE A 33 0.71 4.08 16.66
CA PHE A 33 -0.16 3.81 15.53
C PHE A 33 0.61 3.76 14.22
N HIS A 34 0.94 2.56 13.77
CA HIS A 34 1.58 2.37 12.49
C HIS A 34 0.59 1.75 11.51
N ARG A 35 0.38 2.42 10.39
CA ARG A 35 -0.56 1.95 9.39
C ARG A 35 0.06 0.85 8.54
N ILE A 36 -0.67 0.39 7.52
CA ILE A 36 -0.28 -0.80 6.80
C ILE A 36 0.87 -0.53 5.83
N ALA A 37 2.08 -0.68 6.36
CA ALA A 37 3.29 -0.52 5.58
C ALA A 37 4.38 -1.39 6.16
N PHE A 38 4.73 -2.45 5.45
CA PHE A 38 5.73 -3.39 5.94
C PHE A 38 7.09 -3.04 5.36
N ASP A 39 8.15 -3.59 5.94
CA ASP A 39 9.51 -3.41 5.43
C ASP A 39 9.74 -4.30 4.21
N ALA A 40 8.78 -4.27 3.29
CA ALA A 40 8.82 -5.10 2.10
C ALA A 40 9.12 -4.25 0.87
N ASP A 41 9.30 -4.89 -0.27
CA ASP A 41 9.54 -4.18 -1.52
C ASP A 41 8.22 -3.97 -2.24
N SER A 42 7.98 -2.74 -2.66
CA SER A 42 6.75 -2.40 -3.36
C SER A 42 7.05 -1.70 -4.69
N GLU A 43 6.77 -2.38 -5.79
CA GLU A 43 7.00 -1.81 -7.10
C GLU A 43 5.68 -1.56 -7.82
N ILE A 44 5.63 -0.45 -8.55
CA ILE A 44 4.51 -0.18 -9.41
C ILE A 44 4.89 -0.53 -10.84
N LEU A 45 4.11 -1.38 -11.47
CA LEU A 45 4.42 -1.88 -12.80
C LEU A 45 3.44 -1.36 -13.82
N GLN A 46 3.83 -1.46 -15.08
CA GLN A 46 2.93 -1.20 -16.19
C GLN A 46 3.30 -2.12 -17.34
N GLY A 47 2.97 -3.40 -17.17
CA GLY A 47 3.28 -4.40 -18.17
C GLY A 47 4.74 -4.79 -18.19
N GLU A 48 5.61 -3.81 -18.46
CA GLU A 48 7.02 -4.07 -18.69
C GLU A 48 7.91 -3.31 -17.70
N ARG A 49 7.62 -2.04 -17.49
CA ARG A 49 8.49 -1.17 -16.71
C ARG A 49 8.16 -1.25 -15.23
N ARG A 50 9.18 -1.05 -14.40
CA ARG A 50 9.08 -1.25 -12.97
C ARG A 50 9.53 0.01 -12.23
N TRP A 51 8.73 0.45 -11.28
CA TRP A 51 9.09 1.63 -10.48
C TRP A 51 8.99 1.31 -9.00
N GLU A 52 10.13 1.17 -8.34
CA GLU A 52 10.14 0.91 -6.89
C GLU A 52 9.66 2.14 -6.14
N VAL A 53 8.59 1.97 -5.38
CA VAL A 53 8.00 3.08 -4.65
C VAL A 53 7.87 2.71 -3.16
N LEU A 54 7.88 3.71 -2.30
CA LEU A 54 7.74 3.48 -0.87
C LEU A 54 6.27 3.30 -0.50
N LEU A 55 5.98 2.20 0.18
CA LEU A 55 4.65 1.92 0.67
C LEU A 55 4.36 2.76 1.91
N HIS A 56 3.15 3.28 2.02
CA HIS A 56 2.75 4.05 3.20
C HIS A 56 1.53 3.43 3.84
N ASP A 57 0.63 2.91 3.00
CA ASP A 57 -0.52 2.13 3.45
C ASP A 57 -1.11 1.37 2.26
N VAL A 58 -1.88 0.33 2.53
CA VAL A 58 -2.54 -0.45 1.48
C VAL A 58 -3.76 -1.17 2.03
N SER A 59 -4.90 -0.95 1.42
CA SER A 59 -6.15 -1.51 1.91
C SER A 59 -6.95 -2.16 0.78
N LEU A 60 -8.17 -2.57 1.09
CA LEU A 60 -9.04 -3.26 0.15
C LEU A 60 -9.71 -2.27 -0.80
N HIS A 61 -9.45 -0.99 -0.56
CA HIS A 61 -10.09 0.10 -1.31
C HIS A 61 -9.11 0.64 -2.31
N GLY A 62 -7.86 0.56 -1.93
CA GLY A 62 -6.79 1.15 -2.69
C GLY A 62 -5.49 1.13 -1.94
N ILE A 63 -4.45 1.61 -2.57
CA ILE A 63 -3.12 1.63 -1.96
C ILE A 63 -2.59 3.05 -1.92
N LEU A 64 -1.96 3.39 -0.82
CA LEU A 64 -1.45 4.74 -0.62
C LEU A 64 0.07 4.71 -0.55
N VAL A 65 0.70 5.08 -1.65
CA VAL A 65 2.15 5.18 -1.71
C VAL A 65 2.55 6.64 -1.71
N GLY A 66 3.83 6.91 -1.86
CA GLY A 66 4.26 8.30 -1.88
C GLY A 66 5.74 8.46 -2.06
N GLN A 67 6.11 9.17 -3.12
CA GLN A 67 7.50 9.51 -3.43
C GLN A 67 7.57 10.28 -4.75
N PRO A 68 7.08 9.72 -5.88
CA PRO A 68 7.13 10.39 -7.17
C PRO A 68 5.99 11.39 -7.34
N GLN A 69 6.24 12.43 -8.11
CA GLN A 69 5.22 13.43 -8.41
C GLN A 69 4.90 13.44 -9.90
N ASP A 70 5.77 12.79 -10.67
CA ASP A 70 5.60 12.69 -12.11
C ASP A 70 5.63 11.23 -12.52
N TRP A 71 5.15 10.95 -13.72
CA TRP A 71 5.05 9.57 -14.19
C TRP A 71 5.57 9.42 -15.62
N ASN A 72 5.49 8.20 -16.13
CA ASN A 72 5.98 7.90 -17.47
C ASN A 72 4.99 8.40 -18.51
N GLY A 73 3.72 8.35 -18.16
CA GLY A 73 2.68 8.76 -19.09
C GLY A 73 1.60 9.60 -18.43
N ASP A 74 0.61 8.93 -17.86
CA ASP A 74 -0.55 9.60 -17.30
C ASP A 74 -1.00 8.87 -16.04
N PRO A 75 -1.66 9.60 -15.14
CA PRO A 75 -2.34 9.00 -13.98
C PRO A 75 -3.44 8.03 -14.42
N GLN A 76 -3.89 8.19 -15.66
CA GLN A 76 -4.99 7.37 -16.19
C GLN A 76 -4.47 6.07 -16.80
N ARG A 77 -3.16 5.84 -16.68
CA ARG A 77 -2.56 4.63 -17.19
C ARG A 77 -2.66 3.52 -16.15
N PRO A 78 -3.13 2.34 -16.56
CA PRO A 78 -3.23 1.17 -15.68
C PRO A 78 -1.94 0.89 -14.92
N PHE A 79 -2.02 0.98 -13.59
CA PHE A 79 -0.86 0.76 -12.74
C PHE A 79 -1.01 -0.56 -12.00
N GLU A 80 0.09 -1.26 -11.82
CA GLU A 80 0.09 -2.53 -11.11
C GLU A 80 0.92 -2.41 -9.85
N ALA A 81 0.58 -3.17 -8.83
CA ALA A 81 1.37 -3.20 -7.61
C ALA A 81 1.94 -4.60 -7.39
N ARG A 82 3.26 -4.65 -7.23
CA ARG A 82 3.96 -5.90 -7.01
C ARG A 82 4.69 -5.86 -5.66
N LEU A 83 4.13 -6.56 -4.69
CA LEU A 83 4.63 -6.53 -3.32
C LEU A 83 5.46 -7.77 -3.02
N TYR A 84 6.65 -7.55 -2.47
CA TYR A 84 7.53 -8.65 -2.10
C TYR A 84 7.52 -8.87 -0.60
N LEU A 85 6.67 -9.78 -0.15
CA LEU A 85 6.59 -10.12 1.27
C LEU A 85 7.49 -11.31 1.56
N GLY A 86 8.05 -11.85 0.49
CA GLY A 86 8.97 -12.95 0.59
C GLY A 86 9.39 -13.43 -0.78
N LEU A 87 10.31 -14.38 -0.84
CA LEU A 87 10.74 -14.93 -2.12
C LEU A 87 9.62 -15.76 -2.74
N ASP A 88 8.80 -16.36 -1.88
CA ASP A 88 7.68 -17.18 -2.34
C ASP A 88 6.35 -16.49 -2.04
N VAL A 89 6.44 -15.28 -1.51
CA VAL A 89 5.25 -14.51 -1.18
C VAL A 89 5.17 -13.26 -2.07
N LEU A 90 4.59 -13.44 -3.25
CA LEU A 90 4.46 -12.35 -4.20
C LEU A 90 3.01 -11.89 -4.28
N ILE A 91 2.80 -10.59 -4.16
CA ILE A 91 1.46 -10.04 -4.25
C ILE A 91 1.33 -9.16 -5.48
N ARG A 92 0.37 -9.49 -6.33
CA ARG A 92 0.05 -8.64 -7.48
C ARG A 92 -1.36 -8.11 -7.33
N MET A 93 -1.59 -6.88 -7.78
CA MET A 93 -2.91 -6.29 -7.73
C MET A 93 -3.00 -5.15 -8.74
N GLU A 94 -4.14 -5.04 -9.39
CA GLU A 94 -4.34 -4.04 -10.43
C GLU A 94 -4.98 -2.80 -9.82
N ILE A 95 -4.31 -1.66 -9.99
CA ILE A 95 -4.76 -0.41 -9.40
C ILE A 95 -4.83 0.70 -10.44
N SER A 96 -5.38 1.84 -10.06
CA SER A 96 -5.43 2.99 -10.93
C SER A 96 -5.17 4.24 -10.10
N LEU A 97 -4.34 5.14 -10.61
CA LEU A 97 -3.97 6.32 -9.85
C LEU A 97 -5.14 7.30 -9.76
N ALA A 98 -5.66 7.47 -8.54
CA ALA A 98 -6.81 8.33 -8.30
C ALA A 98 -6.37 9.77 -8.07
N TRP A 99 -5.50 9.97 -7.09
CA TRP A 99 -5.01 11.30 -6.78
C TRP A 99 -3.53 11.27 -6.42
N ALA A 100 -2.82 12.29 -6.85
CA ALA A 100 -1.40 12.42 -6.54
C ALA A 100 -1.07 13.86 -6.17
N ARG A 101 -0.57 14.05 -4.96
CA ARG A 101 -0.22 15.37 -4.48
C ARG A 101 1.01 15.33 -3.58
N ASP A 102 1.90 16.32 -3.76
CA ASP A 102 3.13 16.41 -2.98
C ASP A 102 3.97 15.14 -3.13
N GLY A 103 3.92 14.30 -2.10
CA GLY A 103 4.59 13.02 -2.14
C GLY A 103 3.68 11.93 -1.63
N LEU A 104 2.39 12.08 -1.93
CA LEU A 104 1.38 11.11 -1.53
C LEU A 104 0.49 10.77 -2.71
N LEU A 105 0.37 9.50 -3.03
CA LEU A 105 -0.41 9.07 -4.17
C LEU A 105 -1.38 7.97 -3.79
N GLY A 106 -2.66 8.24 -3.96
CA GLY A 106 -3.69 7.28 -3.64
C GLY A 106 -4.21 6.59 -4.89
N PHE A 107 -4.05 5.27 -4.92
CA PHE A 107 -4.53 4.48 -6.04
C PHE A 107 -5.79 3.71 -5.64
N GLU A 108 -6.75 3.63 -6.55
CA GLU A 108 -7.93 2.81 -6.31
C GLU A 108 -7.63 1.38 -6.71
N CYS A 109 -8.13 0.43 -5.95
CA CYS A 109 -7.93 -0.97 -6.24
C CYS A 109 -8.98 -1.48 -7.22
N GLN A 110 -8.56 -1.72 -8.46
CA GLN A 110 -9.46 -2.17 -9.51
C GLN A 110 -9.68 -3.68 -9.42
N HIS A 111 -8.58 -4.41 -9.33
CA HIS A 111 -8.65 -5.87 -9.23
C HIS A 111 -7.63 -6.38 -8.23
N ILE A 112 -8.10 -6.66 -7.02
CA ILE A 112 -7.31 -7.36 -6.05
C ILE A 112 -7.65 -8.84 -6.15
N ASP A 113 -6.73 -9.60 -6.72
CA ASP A 113 -7.00 -11.00 -7.01
C ASP A 113 -7.08 -11.82 -5.73
N LEU A 114 -7.70 -13.00 -5.82
CA LEU A 114 -7.87 -13.86 -4.67
C LEU A 114 -6.53 -14.31 -4.13
N ASP A 115 -5.58 -14.53 -5.05
CA ASP A 115 -4.22 -14.91 -4.67
C ASP A 115 -3.56 -13.77 -3.91
N SER A 116 -3.85 -12.55 -4.35
CA SER A 116 -3.34 -11.35 -3.71
C SER A 116 -3.88 -11.24 -2.28
N ILE A 117 -5.21 -11.35 -2.14
CA ILE A 117 -5.84 -11.27 -0.84
C ILE A 117 -5.31 -12.36 0.09
N SER A 118 -5.11 -13.55 -0.45
CA SER A 118 -4.61 -14.67 0.35
C SER A 118 -3.29 -14.32 1.03
N HIS A 119 -2.31 -13.86 0.26
CA HIS A 119 -0.99 -13.58 0.80
C HIS A 119 -1.01 -12.40 1.77
N LEU A 120 -1.68 -11.32 1.38
CA LEU A 120 -1.76 -10.13 2.21
C LEU A 120 -2.48 -10.42 3.53
N ARG A 121 -3.62 -11.09 3.42
CA ARG A 121 -4.44 -11.45 4.57
C ARG A 121 -3.65 -12.30 5.55
N ARG A 122 -2.92 -13.28 5.04
CA ARG A 122 -2.11 -14.16 5.88
C ARG A 122 -1.15 -13.35 6.74
N LEU A 123 -0.40 -12.45 6.12
CA LEU A 123 0.58 -11.65 6.86
C LEU A 123 -0.14 -10.74 7.87
N VAL A 124 -1.27 -10.17 7.45
CA VAL A 124 -2.08 -9.33 8.32
C VAL A 124 -2.43 -10.09 9.61
N GLU A 125 -2.90 -11.31 9.47
CA GLU A 125 -3.30 -12.12 10.60
C GLU A 125 -2.11 -12.45 11.49
N LEU A 126 -1.00 -12.82 10.88
CA LEU A 126 0.20 -13.23 11.62
C LEU A 126 0.85 -12.03 12.33
N ASN A 127 0.79 -10.87 11.70
CA ASN A 127 1.38 -9.66 12.27
C ASN A 127 0.40 -8.92 13.17
N LEU A 128 -0.80 -9.47 13.31
CA LEU A 128 -1.86 -8.87 14.13
C LEU A 128 -2.24 -7.49 13.59
N GLY A 129 -2.31 -7.41 12.27
CA GLY A 129 -2.74 -6.18 11.64
C GLY A 129 -4.22 -5.98 11.80
N ASP A 130 -4.59 -5.09 12.72
CA ASP A 130 -5.99 -4.72 12.92
C ASP A 130 -6.66 -4.37 11.58
N GLU A 131 -7.82 -4.96 11.33
CA GLU A 131 -8.50 -4.81 10.05
C GLU A 131 -9.09 -3.41 9.89
N GLU A 132 -9.09 -2.62 10.97
CA GLU A 132 -9.63 -1.27 10.95
C GLU A 132 -9.07 -0.48 9.77
N LEU A 133 -7.75 -0.43 9.68
CA LEU A 133 -7.06 0.32 8.63
C LEU A 133 -7.48 -0.18 7.25
N LEU A 134 -7.50 -1.50 7.11
CA LEU A 134 -7.82 -2.15 5.83
C LEU A 134 -9.26 -1.89 5.41
N GLU A 135 -10.11 -1.56 6.37
CA GLU A 135 -11.54 -1.52 6.16
C GLU A 135 -12.11 -0.12 6.46
N ARG A 136 -11.28 0.90 6.33
CA ARG A 136 -11.74 2.27 6.48
C ARG A 136 -12.09 2.84 5.09
N GLU A 137 -11.19 3.62 4.50
CA GLU A 137 -11.33 4.04 3.10
C GLU A 137 -10.02 4.70 2.66
N LEU A 138 -9.76 4.74 1.37
CA LEU A 138 -8.56 5.40 0.85
C LEU A 138 -8.57 6.87 1.25
N ALA A 139 -9.70 7.53 1.03
CA ALA A 139 -9.87 8.93 1.42
C ALA A 139 -9.95 9.08 2.94
N LEU A 140 -10.10 7.96 3.63
CA LEU A 140 -10.11 7.98 5.09
C LEU A 140 -8.73 7.63 5.64
N LEU A 141 -7.83 7.26 4.75
CA LEU A 141 -6.50 6.83 5.13
C LEU A 141 -5.49 7.94 4.85
N VAL A 142 -4.37 7.87 5.54
CA VAL A 142 -3.32 8.86 5.38
C VAL A 142 -1.98 8.22 5.69
N SER A 143 -0.93 8.70 5.05
CA SER A 143 0.41 8.18 5.26
C SER A 143 0.90 8.51 6.67
N ALA A 144 2.05 7.93 7.02
CA ALA A 144 2.64 8.07 8.35
C ALA A 144 2.69 9.53 8.83
N HIS A 145 2.76 10.47 7.90
CA HIS A 145 2.77 11.88 8.27
C HIS A 145 1.34 12.41 8.38
N ASP A 146 0.68 12.08 9.48
CA ASP A 146 -0.54 12.75 9.88
C ASP A 146 -0.25 13.47 11.19
N ASP A 147 0.97 13.27 11.66
CA ASP A 147 1.50 13.94 12.83
C ASP A 147 2.60 14.90 12.39
N MET A 23 1.47 14.95 23.40
CA MET A 23 2.72 14.21 23.10
C MET A 23 3.21 13.45 24.32
N SER A 24 3.49 12.16 24.12
CA SER A 24 4.05 11.31 25.16
C SER A 24 5.07 10.39 24.52
N ASP A 25 5.61 9.44 25.29
CA ASP A 25 6.44 8.40 24.71
C ASP A 25 5.57 7.49 23.86
N GLN A 26 5.56 7.76 22.57
CA GLN A 26 4.67 7.08 21.64
C GLN A 26 5.36 5.86 21.04
N HIS A 27 6.64 5.68 21.35
CA HIS A 27 7.41 4.58 20.79
C HIS A 27 7.03 3.28 21.49
N ASP A 28 7.02 2.18 20.73
CA ASP A 28 6.65 0.88 21.28
C ASP A 28 7.46 -0.23 20.63
N GLU A 29 7.44 -0.26 19.30
CA GLU A 29 8.03 -1.36 18.54
C GLU A 29 9.48 -1.60 18.95
N ARG A 30 9.86 -2.85 18.91
CA ARG A 30 11.10 -3.31 19.48
C ARG A 30 12.01 -3.92 18.41
N ARG A 31 11.48 -4.11 17.22
CA ARG A 31 12.24 -4.70 16.13
C ARG A 31 12.09 -3.91 14.84
N ARG A 32 10.86 -3.83 14.35
CA ARG A 32 10.60 -3.23 13.05
C ARG A 32 9.10 -3.04 12.88
N PHE A 33 8.71 -1.98 12.19
CA PHE A 33 7.30 -1.67 12.00
C PHE A 33 6.61 -2.73 11.14
N HIS A 34 5.85 -3.60 11.77
CA HIS A 34 5.08 -4.60 11.05
C HIS A 34 3.64 -4.62 11.54
N ARG A 35 2.81 -3.72 11.03
CA ARG A 35 1.39 -3.72 11.34
C ARG A 35 0.59 -3.63 10.04
N ILE A 36 0.20 -2.42 9.68
CA ILE A 36 -0.34 -2.15 8.36
C ILE A 36 0.71 -1.34 7.60
N ALA A 37 0.68 -1.38 6.27
CA ALA A 37 1.72 -0.77 5.43
C ALA A 37 3.02 -1.57 5.54
N PHE A 38 3.48 -1.76 6.78
CA PHE A 38 4.62 -2.64 7.13
C PHE A 38 5.87 -2.46 6.26
N ASP A 39 6.80 -3.39 6.41
CA ASP A 39 8.03 -3.37 5.64
C ASP A 39 7.87 -4.26 4.42
N ALA A 40 7.63 -3.65 3.29
CA ALA A 40 7.48 -4.38 2.03
C ALA A 40 8.26 -3.70 0.92
N ASP A 41 8.90 -4.51 0.09
CA ASP A 41 9.58 -3.98 -1.08
C ASP A 41 8.56 -3.85 -2.20
N SER A 42 8.28 -2.62 -2.59
CA SER A 42 7.18 -2.37 -3.52
C SER A 42 7.68 -1.83 -4.85
N GLU A 43 7.10 -2.34 -5.93
CA GLU A 43 7.35 -1.83 -7.27
C GLU A 43 6.04 -1.71 -8.03
N ILE A 44 5.82 -0.56 -8.63
CA ILE A 44 4.61 -0.31 -9.40
C ILE A 44 4.89 -0.49 -10.88
N LEU A 45 4.25 -1.47 -11.48
CA LEU A 45 4.53 -1.82 -12.87
C LEU A 45 3.56 -1.14 -13.81
N GLN A 46 3.92 -1.12 -15.08
CA GLN A 46 2.99 -0.77 -16.14
C GLN A 46 3.31 -1.62 -17.36
N GLY A 47 2.95 -2.89 -17.29
CA GLY A 47 3.19 -3.80 -18.38
C GLY A 47 4.60 -4.38 -18.35
N GLU A 48 5.59 -3.50 -18.28
CA GLU A 48 6.98 -3.93 -18.33
C GLU A 48 7.83 -3.23 -17.27
N ARG A 49 7.78 -1.91 -17.27
CA ARG A 49 8.65 -1.12 -16.39
C ARG A 49 8.10 -1.08 -14.97
N ARG A 50 8.99 -0.86 -14.01
CA ARG A 50 8.61 -0.83 -12.61
C ARG A 50 9.20 0.36 -11.88
N TRP A 51 8.33 1.05 -11.15
CA TRP A 51 8.74 2.15 -10.28
C TRP A 51 8.93 1.63 -8.86
N GLU A 52 10.16 1.67 -8.37
CA GLU A 52 10.44 1.31 -6.99
C GLU A 52 9.85 2.38 -6.08
N VAL A 53 9.09 1.98 -5.07
CA VAL A 53 8.42 2.95 -4.23
C VAL A 53 8.27 2.44 -2.80
N LEU A 54 8.31 3.35 -1.84
CA LEU A 54 8.12 3.02 -0.44
C LEU A 54 6.62 2.99 -0.12
N LEU A 55 6.16 1.87 0.41
CA LEU A 55 4.77 1.72 0.76
C LEU A 55 4.45 2.52 2.02
N HIS A 56 3.28 3.16 2.05
CA HIS A 56 2.88 3.94 3.21
C HIS A 56 1.54 3.47 3.77
N ASP A 57 0.78 2.75 2.94
CA ASP A 57 -0.45 2.10 3.37
C ASP A 57 -1.02 1.27 2.21
N VAL A 58 -1.86 0.30 2.52
CA VAL A 58 -2.42 -0.58 1.50
C VAL A 58 -3.68 -1.27 2.02
N SER A 59 -4.67 -1.42 1.15
CA SER A 59 -5.93 -2.03 1.52
C SER A 59 -6.68 -2.55 0.30
N LEU A 60 -7.95 -2.88 0.48
CA LEU A 60 -8.76 -3.44 -0.61
C LEU A 60 -9.66 -2.37 -1.21
N HIS A 61 -9.29 -1.12 -0.99
CA HIS A 61 -10.01 0.02 -1.55
C HIS A 61 -9.02 1.10 -1.97
N GLY A 62 -7.76 0.72 -2.07
CA GLY A 62 -6.73 1.66 -2.45
C GLY A 62 -5.41 1.37 -1.79
N ILE A 63 -4.36 1.94 -2.35
CA ILE A 63 -3.02 1.77 -1.82
C ILE A 63 -2.28 3.11 -1.84
N LEU A 64 -1.63 3.45 -0.75
CA LEU A 64 -0.97 4.74 -0.62
C LEU A 64 0.54 4.57 -0.56
N VAL A 65 1.24 5.21 -1.47
CA VAL A 65 2.69 5.16 -1.52
C VAL A 65 3.28 6.56 -1.54
N GLY A 66 4.58 6.64 -1.29
CA GLY A 66 5.27 7.91 -1.36
C GLY A 66 6.30 7.90 -2.47
N GLN A 67 5.90 8.37 -3.64
CA GLN A 67 6.71 8.23 -4.83
C GLN A 67 7.17 9.57 -5.37
N PRO A 68 8.48 9.84 -5.30
CA PRO A 68 9.11 11.00 -5.93
C PRO A 68 9.43 10.74 -7.40
N GLN A 69 9.27 9.48 -7.81
CA GLN A 69 9.53 9.10 -9.20
C GLN A 69 8.43 9.62 -10.11
N ASP A 70 8.81 10.12 -11.26
CA ASP A 70 7.88 10.77 -12.17
C ASP A 70 7.06 9.75 -12.96
N TRP A 71 5.83 10.12 -13.27
CA TRP A 71 4.96 9.28 -14.07
C TRP A 71 5.37 9.33 -15.54
N ASN A 72 5.44 8.16 -16.16
CA ASN A 72 5.98 8.02 -17.52
C ASN A 72 5.13 8.73 -18.56
N GLY A 73 3.84 8.79 -18.33
CA GLY A 73 2.95 9.46 -19.27
C GLY A 73 1.84 10.20 -18.57
N ASP A 74 0.93 9.45 -17.98
CA ASP A 74 -0.20 10.02 -17.27
C ASP A 74 -0.65 9.07 -16.17
N PRO A 75 -0.99 9.60 -14.99
CA PRO A 75 -1.41 8.78 -13.83
C PRO A 75 -2.67 7.96 -14.08
N GLN A 76 -3.46 8.32 -15.10
CA GLN A 76 -4.71 7.61 -15.35
C GLN A 76 -4.46 6.32 -16.12
N ARG A 77 -3.20 6.05 -16.42
CA ARG A 77 -2.81 4.82 -17.07
C ARG A 77 -2.77 3.69 -16.06
N PRO A 78 -3.10 2.47 -16.47
CA PRO A 78 -3.17 1.32 -15.57
C PRO A 78 -1.81 0.94 -14.99
N PHE A 79 -1.78 0.74 -13.69
CA PHE A 79 -0.56 0.36 -12.99
C PHE A 79 -0.75 -0.99 -12.30
N GLU A 80 0.35 -1.59 -11.88
CA GLU A 80 0.31 -2.88 -11.21
C GLU A 80 1.04 -2.80 -9.89
N ALA A 81 0.42 -3.29 -8.83
CA ALA A 81 1.06 -3.28 -7.52
C ALA A 81 1.66 -4.63 -7.21
N ARG A 82 2.99 -4.71 -7.23
CA ARG A 82 3.69 -5.94 -6.90
C ARG A 82 4.48 -5.77 -5.60
N LEU A 83 4.03 -6.47 -4.57
CA LEU A 83 4.63 -6.37 -3.25
C LEU A 83 5.46 -7.60 -2.92
N TYR A 84 6.72 -7.37 -2.56
CA TYR A 84 7.60 -8.46 -2.14
C TYR A 84 7.57 -8.60 -0.63
N LEU A 85 6.99 -9.70 -0.16
CA LEU A 85 6.95 -9.98 1.27
C LEU A 85 7.91 -11.11 1.62
N GLY A 86 8.43 -11.73 0.58
CA GLY A 86 9.35 -12.83 0.75
C GLY A 86 9.74 -13.40 -0.60
N LEU A 87 10.27 -14.61 -0.61
CA LEU A 87 10.63 -15.26 -1.87
C LEU A 87 9.46 -16.09 -2.38
N ASP A 88 8.51 -16.36 -1.50
CA ASP A 88 7.32 -17.12 -1.87
C ASP A 88 6.09 -16.23 -1.93
N VAL A 89 5.97 -15.34 -0.96
CA VAL A 89 4.81 -14.46 -0.88
C VAL A 89 4.99 -13.23 -1.76
N LEU A 90 4.42 -13.30 -2.96
CA LEU A 90 4.45 -12.18 -3.90
C LEU A 90 3.02 -11.72 -4.17
N ILE A 91 2.74 -10.47 -3.85
CA ILE A 91 1.41 -9.90 -4.07
C ILE A 91 1.37 -9.10 -5.37
N ARG A 92 0.29 -9.25 -6.12
CA ARG A 92 0.09 -8.46 -7.33
C ARG A 92 -1.39 -8.11 -7.50
N MET A 93 -1.65 -6.91 -8.00
CA MET A 93 -3.02 -6.48 -8.30
C MET A 93 -3.02 -5.31 -9.26
N GLU A 94 -4.09 -5.16 -10.02
CA GLU A 94 -4.21 -4.07 -10.98
C GLU A 94 -4.79 -2.84 -10.31
N ILE A 95 -4.12 -1.71 -10.49
CA ILE A 95 -4.53 -0.46 -9.86
C ILE A 95 -4.53 0.68 -10.87
N SER A 96 -5.19 1.77 -10.51
CA SER A 96 -5.19 2.97 -11.34
C SER A 96 -5.08 4.19 -10.44
N LEU A 97 -4.25 5.15 -10.82
CA LEU A 97 -4.04 6.32 -9.99
C LEU A 97 -5.23 7.27 -10.14
N ALA A 98 -5.99 7.42 -9.07
CA ALA A 98 -7.10 8.36 -9.04
C ALA A 98 -6.94 9.36 -7.92
N TRP A 99 -5.90 9.14 -7.12
CA TRP A 99 -5.62 9.97 -5.96
C TRP A 99 -4.17 10.37 -5.96
N ALA A 100 -3.98 11.61 -5.72
CA ALA A 100 -2.65 12.21 -5.78
C ALA A 100 -2.59 13.45 -4.90
N ARG A 101 -2.03 13.26 -3.73
CA ARG A 101 -1.84 14.34 -2.77
C ARG A 101 -0.39 14.78 -2.76
N ASP A 102 0.00 15.53 -3.80
CA ASP A 102 1.37 16.01 -3.98
C ASP A 102 2.34 14.83 -4.17
N GLY A 103 2.88 14.31 -3.08
CA GLY A 103 3.82 13.21 -3.16
C GLY A 103 3.22 11.90 -2.68
N LEU A 104 2.07 11.99 -2.04
CA LEU A 104 1.36 10.81 -1.58
C LEU A 104 0.44 10.33 -2.69
N LEU A 105 0.74 9.18 -3.24
CA LEU A 105 0.00 8.65 -4.37
C LEU A 105 -0.98 7.58 -3.94
N GLY A 106 -2.24 7.80 -4.24
CA GLY A 106 -3.27 6.85 -3.87
C GLY A 106 -3.84 6.15 -5.08
N PHE A 107 -3.51 4.88 -5.22
CA PHE A 107 -3.99 4.10 -6.34
C PHE A 107 -5.26 3.37 -5.95
N GLU A 108 -6.29 3.51 -6.76
CA GLU A 108 -7.51 2.75 -6.54
C GLU A 108 -7.35 1.38 -7.18
N CYS A 109 -7.80 0.36 -6.48
CA CYS A 109 -7.62 -1.01 -6.91
C CYS A 109 -8.71 -1.43 -7.88
N GLN A 110 -8.32 -1.70 -9.12
CA GLN A 110 -9.27 -2.08 -10.15
C GLN A 110 -9.59 -3.56 -10.06
N HIS A 111 -8.54 -4.39 -10.11
CA HIS A 111 -8.70 -5.84 -10.10
C HIS A 111 -7.87 -6.45 -8.99
N ILE A 112 -8.54 -7.01 -7.99
CA ILE A 112 -7.84 -7.68 -6.91
C ILE A 112 -8.26 -9.15 -6.87
N ASP A 113 -7.30 -10.02 -7.11
CA ASP A 113 -7.56 -11.45 -7.13
C ASP A 113 -7.51 -12.02 -5.72
N LEU A 114 -8.12 -13.20 -5.54
CA LEU A 114 -8.20 -13.83 -4.23
C LEU A 114 -6.83 -14.18 -3.69
N ASP A 115 -5.88 -14.44 -4.58
CA ASP A 115 -4.52 -14.74 -4.18
C ASP A 115 -3.88 -13.51 -3.56
N SER A 116 -4.02 -12.39 -4.25
CA SER A 116 -3.55 -11.11 -3.73
C SER A 116 -4.18 -10.83 -2.36
N ILE A 117 -5.49 -10.97 -2.29
CA ILE A 117 -6.23 -10.75 -1.05
C ILE A 117 -5.72 -11.65 0.08
N SER A 118 -5.57 -12.94 -0.21
CA SER A 118 -5.18 -13.90 0.82
C SER A 118 -3.77 -13.62 1.35
N HIS A 119 -2.86 -13.21 0.48
CA HIS A 119 -1.50 -12.89 0.91
C HIS A 119 -1.49 -11.62 1.75
N LEU A 120 -2.22 -10.61 1.30
CA LEU A 120 -2.27 -9.32 1.99
C LEU A 120 -2.92 -9.48 3.36
N ARG A 121 -4.12 -10.04 3.38
CA ARG A 121 -4.89 -10.22 4.61
C ARG A 121 -4.11 -11.04 5.63
N ARG A 122 -3.54 -12.14 5.19
CA ARG A 122 -2.90 -13.07 6.10
C ARG A 122 -1.67 -12.44 6.74
N LEU A 123 -0.95 -11.62 5.99
CA LEU A 123 0.24 -10.95 6.54
C LEU A 123 -0.16 -9.99 7.66
N VAL A 124 -1.27 -9.28 7.45
CA VAL A 124 -1.78 -8.37 8.46
C VAL A 124 -2.14 -9.14 9.73
N GLU A 125 -2.71 -10.33 9.56
CA GLU A 125 -3.05 -11.18 10.68
C GLU A 125 -1.81 -11.71 11.40
N LEU A 126 -0.77 -11.98 10.63
CA LEU A 126 0.48 -12.52 11.19
C LEU A 126 1.23 -11.45 11.99
N ASN A 127 0.94 -10.18 11.72
CA ASN A 127 1.67 -9.09 12.35
C ASN A 127 0.75 -8.22 13.21
N LEU A 128 -0.50 -8.68 13.39
CA LEU A 128 -1.48 -7.98 14.22
C LEU A 128 -1.69 -6.54 13.71
N GLY A 129 -1.86 -6.42 12.40
CA GLY A 129 -2.01 -5.11 11.78
C GLY A 129 -3.42 -4.57 11.91
N ASP A 130 -4.32 -5.37 12.47
CA ASP A 130 -5.72 -4.99 12.70
C ASP A 130 -6.52 -4.98 11.41
N GLU A 131 -7.64 -5.70 11.42
CA GLU A 131 -8.45 -5.88 10.20
C GLU A 131 -9.29 -4.64 9.90
N GLU A 132 -9.44 -3.75 10.88
CA GLU A 132 -10.26 -2.57 10.71
C GLU A 132 -9.50 -1.49 9.95
N LEU A 133 -8.18 -1.48 10.11
CA LEU A 133 -7.34 -0.53 9.37
C LEU A 133 -7.44 -0.79 7.87
N LEU A 134 -7.75 -2.03 7.52
CA LEU A 134 -7.92 -2.42 6.13
C LEU A 134 -9.26 -1.90 5.61
N GLU A 135 -10.17 -1.56 6.52
CA GLU A 135 -11.54 -1.22 6.17
C GLU A 135 -11.82 0.26 6.39
N ARG A 136 -10.78 1.07 6.30
CA ARG A 136 -10.95 2.52 6.22
C ARG A 136 -11.36 2.85 4.79
N GLU A 137 -11.14 4.08 4.36
CA GLU A 137 -11.35 4.44 2.97
C GLU A 137 -10.09 5.12 2.45
N LEU A 138 -9.91 5.14 1.12
CA LEU A 138 -8.75 5.78 0.52
C LEU A 138 -8.56 7.22 1.04
N ALA A 139 -9.65 7.98 1.10
CA ALA A 139 -9.60 9.34 1.62
C ALA A 139 -9.33 9.39 3.13
N LEU A 140 -9.32 8.22 3.77
CA LEU A 140 -9.06 8.13 5.21
C LEU A 140 -7.69 7.53 5.47
N LEU A 141 -7.05 7.04 4.41
CA LEU A 141 -5.79 6.31 4.56
C LEU A 141 -4.62 7.26 4.73
N VAL A 142 -4.25 7.46 5.99
CA VAL A 142 -3.09 8.25 6.33
C VAL A 142 -1.88 7.34 6.41
N SER A 143 -0.69 7.89 6.21
CA SER A 143 0.55 7.12 6.22
C SER A 143 0.79 6.50 7.60
N ALA A 144 1.81 5.63 7.67
CA ALA A 144 2.18 4.93 8.91
C ALA A 144 2.26 5.88 10.10
N HIS A 145 2.70 7.11 9.86
CA HIS A 145 2.69 8.12 10.90
C HIS A 145 1.63 9.18 10.57
N ASP A 146 0.99 9.70 11.59
CA ASP A 146 -0.01 10.75 11.41
C ASP A 146 0.24 11.88 12.41
N ASP A 147 0.15 13.11 11.92
CA ASP A 147 0.37 14.28 12.76
C ASP A 147 -0.01 15.54 11.98
N MET A 23 28.06 7.00 23.07
CA MET A 23 27.22 6.91 21.85
C MET A 23 25.76 6.73 22.22
N SER A 24 24.90 7.56 21.65
CA SER A 24 23.48 7.46 21.86
C SER A 24 22.73 7.60 20.54
N ASP A 25 22.01 6.56 20.16
CA ASP A 25 21.19 6.61 18.96
C ASP A 25 19.74 6.79 19.36
N GLN A 26 19.28 8.02 19.32
CA GLN A 26 17.93 8.34 19.76
C GLN A 26 16.99 8.51 18.57
N HIS A 27 17.11 7.58 17.64
CA HIS A 27 16.22 7.54 16.48
C HIS A 27 15.04 6.63 16.77
N ASP A 28 15.19 5.79 17.80
CA ASP A 28 14.21 4.76 18.14
C ASP A 28 14.21 3.66 17.09
N GLU A 29 14.37 2.42 17.54
CA GLU A 29 14.65 1.31 16.63
C GLU A 29 13.42 0.47 16.33
N ARG A 30 13.60 -0.45 15.38
CA ARG A 30 12.65 -1.52 15.11
C ARG A 30 11.40 -1.03 14.39
N ARG A 31 10.55 -1.98 14.04
CA ARG A 31 9.32 -1.69 13.32
C ARG A 31 8.24 -1.22 14.27
N ARG A 32 8.08 0.09 14.40
CA ARG A 32 7.01 0.62 15.22
C ARG A 32 5.77 0.77 14.35
N PHE A 33 4.84 -0.15 14.52
CA PHE A 33 3.64 -0.18 13.70
C PHE A 33 2.59 0.81 14.22
N HIS A 34 2.08 1.63 13.31
CA HIS A 34 0.98 2.52 13.62
C HIS A 34 -0.14 2.35 12.59
N ARG A 35 0.25 2.37 11.33
CA ARG A 35 -0.69 2.14 10.24
C ARG A 35 -0.11 1.09 9.29
N ILE A 36 -0.80 0.82 8.20
CA ILE A 36 -0.46 -0.33 7.35
C ILE A 36 0.86 -0.13 6.62
N ALA A 37 1.93 -0.63 7.22
CA ALA A 37 3.25 -0.60 6.62
C ALA A 37 4.02 -1.85 7.03
N PHE A 38 4.48 -2.61 6.05
CA PHE A 38 5.17 -3.86 6.30
C PHE A 38 6.58 -3.80 5.71
N ASP A 39 7.28 -4.92 5.75
CA ASP A 39 8.60 -5.01 5.11
C ASP A 39 8.44 -5.31 3.63
N ALA A 40 7.24 -5.15 3.13
CA ALA A 40 6.94 -5.39 1.73
C ALA A 40 7.47 -4.25 0.87
N ASP A 41 8.36 -4.58 -0.05
CA ASP A 41 8.79 -3.60 -1.03
C ASP A 41 7.82 -3.67 -2.21
N SER A 42 7.44 -2.52 -2.72
CA SER A 42 6.39 -2.46 -3.74
C SER A 42 6.95 -1.94 -5.05
N GLU A 43 6.64 -2.63 -6.14
CA GLU A 43 7.06 -2.19 -7.46
C GLU A 43 5.89 -1.67 -8.25
N ILE A 44 6.01 -0.45 -8.75
CA ILE A 44 5.04 0.09 -9.69
C ILE A 44 5.58 -0.04 -11.11
N LEU A 45 5.00 -0.95 -11.85
CA LEU A 45 5.44 -1.20 -13.21
C LEU A 45 4.31 -0.91 -14.18
N GLN A 46 4.66 -0.77 -15.45
CA GLN A 46 3.68 -0.51 -16.49
C GLN A 46 4.06 -1.27 -17.75
N GLY A 47 3.93 -2.58 -17.70
CA GLY A 47 4.28 -3.43 -18.83
C GLY A 47 5.78 -3.62 -18.99
N GLU A 48 6.45 -2.54 -19.37
CA GLU A 48 7.88 -2.62 -19.69
C GLU A 48 8.76 -2.39 -18.47
N ARG A 49 8.69 -1.20 -17.88
CA ARG A 49 9.63 -0.81 -16.85
C ARG A 49 8.98 -0.80 -15.47
N ARG A 50 9.82 -0.92 -14.45
CA ARG A 50 9.37 -1.06 -13.07
C ARG A 50 10.08 -0.05 -12.18
N TRP A 51 9.32 0.64 -11.34
CA TRP A 51 9.87 1.57 -10.37
C TRP A 51 9.28 1.30 -9.00
N GLU A 52 10.13 0.94 -8.05
CA GLU A 52 9.64 0.61 -6.72
C GLU A 52 9.32 1.88 -5.93
N VAL A 53 8.38 1.76 -5.00
CA VAL A 53 7.84 2.89 -4.29
C VAL A 53 7.75 2.60 -2.79
N LEU A 54 7.73 3.64 -1.98
CA LEU A 54 7.60 3.49 -0.54
C LEU A 54 6.16 3.27 -0.14
N LEU A 55 5.90 2.14 0.52
CA LEU A 55 4.57 1.84 1.04
C LEU A 55 4.28 2.69 2.26
N HIS A 56 3.11 3.28 2.32
CA HIS A 56 2.72 4.10 3.46
C HIS A 56 1.48 3.54 4.13
N ASP A 57 0.56 3.03 3.31
CA ASP A 57 -0.63 2.33 3.81
C ASP A 57 -1.32 1.65 2.63
N VAL A 58 -2.19 0.67 2.89
CA VAL A 58 -2.87 -0.06 1.84
C VAL A 58 -4.11 -0.78 2.39
N SER A 59 -5.17 -0.80 1.60
CA SER A 59 -6.40 -1.46 1.98
C SER A 59 -6.94 -2.32 0.84
N LEU A 60 -8.12 -2.89 1.02
CA LEU A 60 -8.77 -3.67 -0.01
C LEU A 60 -9.43 -2.74 -1.04
N HIS A 61 -9.32 -1.45 -0.77
CA HIS A 61 -9.99 -0.44 -1.59
C HIS A 61 -8.96 0.26 -2.47
N GLY A 62 -7.86 0.60 -1.84
CA GLY A 62 -6.80 1.30 -2.53
C GLY A 62 -5.51 1.29 -1.76
N ILE A 63 -4.43 1.70 -2.42
CA ILE A 63 -3.12 1.71 -1.81
C ILE A 63 -2.52 3.12 -1.82
N LEU A 64 -1.89 3.51 -0.73
CA LEU A 64 -1.27 4.82 -0.63
C LEU A 64 0.25 4.68 -0.55
N VAL A 65 0.92 5.11 -1.60
CA VAL A 65 2.36 5.01 -1.66
C VAL A 65 2.99 6.40 -1.72
N GLY A 66 4.32 6.45 -1.60
CA GLY A 66 5.01 7.72 -1.63
C GLY A 66 6.18 7.70 -2.58
N GLN A 67 6.14 8.55 -3.60
CA GLN A 67 7.23 8.67 -4.56
C GLN A 67 7.97 9.97 -4.35
N PRO A 68 9.25 10.02 -4.75
CA PRO A 68 10.08 11.22 -4.62
C PRO A 68 9.51 12.41 -5.39
N GLN A 69 9.47 12.30 -6.72
CA GLN A 69 8.92 13.37 -7.55
C GLN A 69 8.63 12.91 -8.97
N ASP A 70 9.56 12.18 -9.58
CA ASP A 70 9.47 11.81 -10.99
C ASP A 70 8.32 10.82 -11.24
N TRP A 71 7.70 10.94 -12.41
CA TRP A 71 6.57 10.09 -12.76
C TRP A 71 6.49 9.91 -14.28
N ASN A 72 5.40 9.32 -14.78
CA ASN A 72 5.27 9.04 -16.21
C ASN A 72 4.65 10.24 -16.94
N GLY A 73 3.40 10.56 -16.64
CA GLY A 73 2.79 11.72 -17.25
C GLY A 73 1.47 12.09 -16.62
N ASP A 74 0.52 11.17 -16.68
CA ASP A 74 -0.84 11.47 -16.24
C ASP A 74 -1.44 10.29 -15.46
N PRO A 75 -2.39 10.56 -14.56
CA PRO A 75 -3.00 9.54 -13.69
C PRO A 75 -4.08 8.71 -14.38
N GLN A 76 -4.37 9.01 -15.64
CA GLN A 76 -5.43 8.30 -16.35
C GLN A 76 -4.87 6.97 -16.86
N ARG A 77 -3.56 6.89 -16.93
CA ARG A 77 -2.88 5.67 -17.33
C ARG A 77 -2.74 4.72 -16.14
N PRO A 78 -3.23 3.48 -16.28
CA PRO A 78 -3.24 2.49 -15.18
C PRO A 78 -1.85 2.01 -14.80
N PHE A 79 -1.71 1.51 -13.59
CA PHE A 79 -0.42 1.09 -13.07
C PHE A 79 -0.50 -0.29 -12.44
N GLU A 80 0.65 -0.94 -12.29
CA GLU A 80 0.72 -2.26 -11.68
C GLU A 80 1.51 -2.20 -10.38
N ALA A 81 0.98 -2.76 -9.31
CA ALA A 81 1.68 -2.77 -8.04
C ALA A 81 1.93 -4.20 -7.58
N ARG A 82 3.18 -4.48 -7.25
CA ARG A 82 3.54 -5.78 -6.71
C ARG A 82 4.10 -5.62 -5.32
N LEU A 83 3.69 -6.49 -4.41
CA LEU A 83 4.11 -6.41 -3.02
C LEU A 83 4.92 -7.64 -2.63
N TYR A 84 6.16 -7.42 -2.21
CA TYR A 84 7.01 -8.51 -1.73
C TYR A 84 6.77 -8.73 -0.23
N LEU A 85 5.84 -9.61 0.10
CA LEU A 85 5.55 -9.91 1.51
C LEU A 85 6.51 -10.98 2.01
N GLY A 86 6.93 -11.83 1.09
CA GLY A 86 7.88 -12.87 1.40
C GLY A 86 8.52 -13.40 0.14
N LEU A 87 9.29 -14.46 0.26
CA LEU A 87 9.95 -15.04 -0.90
C LEU A 87 8.94 -15.77 -1.77
N ASP A 88 8.00 -16.45 -1.11
CA ASP A 88 6.96 -17.20 -1.81
C ASP A 88 5.67 -16.38 -1.90
N VAL A 89 5.63 -15.26 -1.21
CA VAL A 89 4.43 -14.44 -1.17
C VAL A 89 4.60 -13.18 -2.00
N LEU A 90 4.27 -13.28 -3.27
CA LEU A 90 4.29 -12.14 -4.17
C LEU A 90 2.87 -11.67 -4.44
N ILE A 91 2.55 -10.50 -3.93
CA ILE A 91 1.20 -9.96 -4.07
C ILE A 91 1.09 -9.11 -5.33
N ARG A 92 0.00 -9.31 -6.05
CA ARG A 92 -0.27 -8.53 -7.25
C ARG A 92 -1.58 -7.77 -7.08
N MET A 93 -1.65 -6.57 -7.63
CA MET A 93 -2.87 -5.78 -7.55
C MET A 93 -2.95 -4.78 -8.70
N GLU A 94 -4.09 -4.81 -9.38
CA GLU A 94 -4.37 -3.87 -10.47
C GLU A 94 -4.81 -2.54 -9.87
N ILE A 95 -4.12 -1.46 -10.21
CA ILE A 95 -4.41 -0.17 -9.60
C ILE A 95 -4.58 0.94 -10.64
N SER A 96 -5.52 1.82 -10.38
CA SER A 96 -5.73 3.01 -11.18
C SER A 96 -5.42 4.23 -10.34
N LEU A 97 -4.51 5.07 -10.81
CA LEU A 97 -4.10 6.23 -10.05
C LEU A 97 -5.25 7.22 -9.92
N ALA A 98 -5.82 7.31 -8.72
CA ALA A 98 -6.99 8.15 -8.47
C ALA A 98 -6.57 9.57 -8.15
N TRP A 99 -5.57 9.72 -7.30
CA TRP A 99 -5.07 11.04 -6.95
C TRP A 99 -3.59 10.99 -6.60
N ALA A 100 -2.85 11.98 -7.06
CA ALA A 100 -1.43 12.09 -6.76
C ALA A 100 -1.10 13.52 -6.36
N ARG A 101 -0.72 13.72 -5.11
CA ARG A 101 -0.42 15.04 -4.61
C ARG A 101 0.85 15.04 -3.75
N ASP A 102 1.73 16.01 -4.02
CA ASP A 102 2.99 16.18 -3.31
C ASP A 102 3.93 15.01 -3.58
N GLY A 103 3.70 13.91 -2.89
CA GLY A 103 4.46 12.71 -3.13
C GLY A 103 3.66 11.47 -2.77
N LEU A 104 2.44 11.70 -2.30
CA LEU A 104 1.56 10.62 -1.91
C LEU A 104 0.58 10.32 -3.03
N LEU A 105 0.57 9.09 -3.49
CA LEU A 105 -0.31 8.69 -4.57
C LEU A 105 -1.28 7.63 -4.09
N GLY A 106 -2.56 7.95 -4.20
CA GLY A 106 -3.59 7.01 -3.82
C GLY A 106 -4.14 6.29 -5.04
N PHE A 107 -3.81 5.01 -5.13
CA PHE A 107 -4.26 4.20 -6.24
C PHE A 107 -5.51 3.42 -5.87
N GLU A 108 -6.56 3.59 -6.65
CA GLU A 108 -7.78 2.85 -6.45
C GLU A 108 -7.63 1.48 -7.11
N CYS A 109 -7.77 0.43 -6.33
CA CYS A 109 -7.51 -0.91 -6.83
C CYS A 109 -8.69 -1.39 -7.66
N GLN A 110 -8.40 -1.80 -8.89
CA GLN A 110 -9.43 -2.22 -9.82
C GLN A 110 -9.69 -3.72 -9.69
N HIS A 111 -8.63 -4.47 -9.42
CA HIS A 111 -8.73 -5.92 -9.33
C HIS A 111 -7.83 -6.45 -8.24
N ILE A 112 -8.44 -6.95 -7.17
CA ILE A 112 -7.70 -7.59 -6.10
C ILE A 112 -8.01 -9.08 -6.11
N ASP A 113 -7.04 -9.88 -6.53
CA ASP A 113 -7.22 -11.32 -6.59
C ASP A 113 -7.50 -11.89 -5.20
N LEU A 114 -8.37 -12.89 -5.14
CA LEU A 114 -8.76 -13.50 -3.87
C LEU A 114 -7.54 -14.07 -3.16
N ASP A 115 -6.67 -14.68 -3.93
CA ASP A 115 -5.42 -15.23 -3.40
C ASP A 115 -4.54 -14.11 -2.87
N SER A 116 -4.49 -13.00 -3.60
CA SER A 116 -3.77 -11.81 -3.17
C SER A 116 -4.30 -11.32 -1.83
N ILE A 117 -5.63 -11.20 -1.72
CA ILE A 117 -6.28 -10.79 -0.49
C ILE A 117 -5.93 -11.74 0.65
N SER A 118 -6.00 -13.03 0.36
CA SER A 118 -5.75 -14.06 1.36
C SER A 118 -4.34 -13.94 1.92
N HIS A 119 -3.34 -13.85 1.03
CA HIS A 119 -1.95 -13.75 1.47
C HIS A 119 -1.71 -12.46 2.24
N LEU A 120 -2.38 -11.39 1.82
CA LEU A 120 -2.26 -10.11 2.50
C LEU A 120 -2.73 -10.23 3.95
N ARG A 121 -3.90 -10.83 4.14
CA ARG A 121 -4.44 -11.02 5.48
C ARG A 121 -3.55 -11.93 6.29
N ARG A 122 -2.86 -12.86 5.64
CA ARG A 122 -1.90 -13.73 6.31
C ARG A 122 -0.84 -12.91 7.02
N LEU A 123 -0.22 -11.99 6.30
CA LEU A 123 0.83 -11.14 6.86
C LEU A 123 0.26 -10.24 7.94
N VAL A 124 -0.91 -9.67 7.69
CA VAL A 124 -1.57 -8.81 8.66
C VAL A 124 -1.87 -9.57 9.96
N GLU A 125 -2.21 -10.84 9.80
CA GLU A 125 -2.50 -11.71 10.93
C GLU A 125 -1.23 -12.03 11.71
N LEU A 126 -0.20 -12.45 10.98
CA LEU A 126 1.07 -12.84 11.59
C LEU A 126 1.77 -11.62 12.21
N ASN A 127 1.61 -10.48 11.57
CA ASN A 127 2.28 -9.26 11.99
C ASN A 127 1.42 -8.48 13.00
N LEU A 128 0.18 -8.95 13.18
CA LEU A 128 -0.77 -8.31 14.10
C LEU A 128 -1.06 -6.86 13.67
N GLY A 129 -1.17 -6.67 12.36
CA GLY A 129 -1.28 -5.32 11.81
C GLY A 129 -2.69 -4.77 11.80
N ASP A 130 -3.63 -5.49 12.42
CA ASP A 130 -5.02 -5.04 12.54
C ASP A 130 -5.75 -5.09 11.20
N GLU A 131 -6.81 -5.89 11.13
CA GLU A 131 -7.56 -6.06 9.89
C GLU A 131 -8.50 -4.88 9.64
N GLU A 132 -8.84 -4.14 10.70
CA GLU A 132 -9.77 -3.03 10.59
C GLU A 132 -9.18 -1.91 9.73
N LEU A 133 -7.88 -1.68 9.88
CA LEU A 133 -7.18 -0.68 9.08
C LEU A 133 -7.34 -0.96 7.58
N LEU A 134 -7.45 -2.23 7.23
CA LEU A 134 -7.56 -2.64 5.83
C LEU A 134 -8.94 -2.34 5.26
N GLU A 135 -9.90 -2.09 6.15
CA GLU A 135 -11.30 -1.94 5.73
C GLU A 135 -11.78 -0.51 5.95
N ARG A 136 -10.86 0.45 5.94
CA ARG A 136 -11.23 1.85 6.02
C ARG A 136 -11.74 2.34 4.66
N GLU A 137 -10.87 3.01 3.91
CA GLU A 137 -11.20 3.46 2.55
C GLU A 137 -9.97 4.16 1.98
N LEU A 138 -9.91 4.34 0.68
CA LEU A 138 -8.78 5.05 0.07
C LEU A 138 -8.75 6.49 0.56
N ALA A 139 -9.92 7.11 0.62
CA ALA A 139 -10.06 8.45 1.16
C ALA A 139 -9.96 8.47 2.69
N LEU A 140 -9.90 7.29 3.30
CA LEU A 140 -9.74 7.18 4.75
C LEU A 140 -8.36 6.68 5.09
N LEU A 141 -7.52 6.53 4.08
CA LEU A 141 -6.17 6.01 4.28
C LEU A 141 -5.16 7.15 4.29
N VAL A 142 -4.71 7.50 5.49
CA VAL A 142 -3.66 8.48 5.66
C VAL A 142 -2.33 7.76 5.86
N SER A 143 -1.24 8.43 5.52
CA SER A 143 0.09 7.83 5.62
C SER A 143 0.43 7.47 7.07
N ALA A 144 1.56 6.77 7.25
CA ALA A 144 2.00 6.33 8.57
C ALA A 144 1.91 7.45 9.60
N HIS A 145 2.29 8.65 9.21
CA HIS A 145 2.08 9.83 10.05
C HIS A 145 0.99 10.69 9.44
N ASP A 146 0.33 11.47 10.26
CA ASP A 146 -0.70 12.38 9.79
C ASP A 146 -0.51 13.77 10.38
N ASP A 147 -0.77 14.78 9.59
CA ASP A 147 -0.65 16.16 10.04
C ASP A 147 -1.98 16.65 10.57
N MET A 23 -7.25 -2.98 28.36
CA MET A 23 -6.94 -1.63 27.84
C MET A 23 -5.59 -1.64 27.12
N SER A 24 -4.56 -2.12 27.81
CA SER A 24 -3.21 -2.21 27.27
C SER A 24 -2.64 -0.82 26.96
N ASP A 25 -1.73 -0.36 27.82
CA ASP A 25 -1.11 0.96 27.67
C ASP A 25 -0.54 1.12 26.27
N GLN A 26 -1.06 2.11 25.54
CA GLN A 26 -0.65 2.35 24.16
C GLN A 26 0.83 2.71 24.11
N HIS A 27 1.57 1.99 23.28
CA HIS A 27 3.00 2.24 23.13
C HIS A 27 3.50 1.64 21.82
N ASP A 28 3.59 2.47 20.80
CA ASP A 28 4.17 2.07 19.52
C ASP A 28 5.61 2.56 19.46
N GLU A 29 5.90 3.55 20.29
CA GLU A 29 7.22 4.17 20.39
C GLU A 29 8.31 3.10 20.57
N ARG A 30 9.53 3.45 20.12
CA ARG A 30 10.71 2.56 20.10
C ARG A 30 10.77 1.82 18.76
N ARG A 31 9.64 1.76 18.06
CA ARG A 31 9.60 1.15 16.74
C ARG A 31 8.63 1.88 15.81
N ARG A 32 7.53 2.39 16.38
CA ARG A 32 6.48 3.05 15.61
C ARG A 32 5.90 2.06 14.60
N PHE A 33 5.67 0.84 15.08
CA PHE A 33 5.27 -0.26 14.24
C PHE A 33 3.85 -0.06 13.71
N HIS A 34 3.75 0.17 12.41
CA HIS A 34 2.46 0.21 11.75
C HIS A 34 2.12 -1.19 11.28
N ARG A 35 1.07 -1.77 11.87
CA ARG A 35 0.65 -3.12 11.51
C ARG A 35 0.20 -3.17 10.05
N ILE A 36 -0.10 -2.00 9.49
CA ILE A 36 -0.29 -1.88 8.07
C ILE A 36 0.89 -1.12 7.47
N ALA A 37 1.92 -1.89 7.10
CA ALA A 37 3.15 -1.40 6.49
C ALA A 37 4.17 -2.52 6.55
N PHE A 38 4.33 -3.24 5.45
CA PHE A 38 5.05 -4.50 5.48
C PHE A 38 6.56 -4.31 5.31
N ASP A 39 6.95 -3.10 4.90
CA ASP A 39 8.36 -2.80 4.63
C ASP A 39 8.87 -3.70 3.49
N ALA A 40 7.93 -4.26 2.75
CA ALA A 40 8.22 -5.15 1.64
C ALA A 40 8.71 -4.36 0.43
N ASP A 41 9.47 -5.02 -0.43
CA ASP A 41 9.96 -4.39 -1.65
C ASP A 41 8.78 -4.16 -2.60
N SER A 42 8.52 -2.90 -2.92
CA SER A 42 7.40 -2.58 -3.76
C SER A 42 7.85 -1.94 -5.07
N GLU A 43 7.43 -2.53 -6.18
CA GLU A 43 7.65 -1.92 -7.47
C GLU A 43 6.31 -1.66 -8.15
N ILE A 44 6.09 -0.43 -8.55
CA ILE A 44 4.92 -0.11 -9.36
C ILE A 44 5.37 0.05 -10.80
N LEU A 45 4.67 -0.60 -11.70
CA LEU A 45 5.05 -0.57 -13.09
C LEU A 45 3.83 -0.42 -13.98
N GLN A 46 4.08 -0.19 -15.26
CA GLN A 46 3.03 -0.13 -16.25
C GLN A 46 3.39 -1.09 -17.39
N GLY A 47 3.96 -2.23 -16.99
CA GLY A 47 4.37 -3.24 -17.93
C GLY A 47 5.72 -2.96 -18.57
N GLU A 48 5.84 -1.79 -19.18
CA GLU A 48 7.02 -1.42 -19.96
C GLU A 48 8.14 -0.88 -19.06
N ARG A 49 7.77 -0.11 -18.06
CA ARG A 49 8.74 0.50 -17.16
C ARG A 49 8.32 0.30 -15.71
N ARG A 50 9.29 0.07 -14.84
CA ARG A 50 9.02 -0.14 -13.43
C ARG A 50 9.70 0.93 -12.58
N TRP A 51 9.07 1.29 -11.48
CA TRP A 51 9.60 2.27 -10.54
C TRP A 51 9.60 1.71 -9.13
N GLU A 52 10.73 1.83 -8.45
CA GLU A 52 10.81 1.48 -7.04
C GLU A 52 10.03 2.50 -6.22
N VAL A 53 8.89 2.08 -5.70
CA VAL A 53 8.04 2.96 -4.93
C VAL A 53 8.15 2.64 -3.45
N LEU A 54 7.92 3.62 -2.59
CA LEU A 54 7.98 3.40 -1.17
C LEU A 54 6.60 3.04 -0.62
N LEU A 55 6.47 1.82 -0.13
CA LEU A 55 5.23 1.35 0.47
C LEU A 55 4.97 2.09 1.78
N HIS A 56 3.70 2.29 2.09
CA HIS A 56 3.31 2.95 3.33
C HIS A 56 2.10 2.25 3.94
N ASP A 57 0.91 2.70 3.56
CA ASP A 57 -0.32 2.21 4.16
C ASP A 57 -1.27 1.74 3.06
N VAL A 58 -1.95 0.63 3.30
CA VAL A 58 -2.76 -0.03 2.26
C VAL A 58 -4.08 -0.57 2.83
N SER A 59 -5.05 -0.81 1.96
CA SER A 59 -6.33 -1.38 2.36
C SER A 59 -7.06 -1.99 1.17
N LEU A 60 -8.30 -2.43 1.38
CA LEU A 60 -9.09 -3.06 0.33
C LEU A 60 -9.95 -2.03 -0.38
N HIS A 61 -9.64 -0.76 -0.15
CA HIS A 61 -10.35 0.35 -0.77
C HIS A 61 -9.38 1.44 -1.19
N GLY A 62 -8.13 1.07 -1.31
CA GLY A 62 -7.13 2.01 -1.76
C GLY A 62 -5.80 1.81 -1.09
N ILE A 63 -4.77 2.39 -1.67
CA ILE A 63 -3.41 2.28 -1.16
C ILE A 63 -2.68 3.61 -1.28
N LEU A 64 -1.97 4.00 -0.22
CA LEU A 64 -1.25 5.26 -0.21
C LEU A 64 0.25 5.01 -0.14
N VAL A 65 0.95 5.38 -1.20
CA VAL A 65 2.39 5.18 -1.26
C VAL A 65 3.10 6.48 -1.64
N GLY A 66 4.43 6.44 -1.63
CA GLY A 66 5.22 7.61 -1.96
C GLY A 66 6.18 7.34 -3.09
N GLN A 67 6.12 8.17 -4.13
CA GLN A 67 6.97 7.98 -5.30
C GLN A 67 7.48 9.32 -5.82
N PRO A 68 8.80 9.52 -5.83
CA PRO A 68 9.41 10.73 -6.36
C PRO A 68 9.67 10.65 -7.87
N GLN A 69 9.18 9.59 -8.49
CA GLN A 69 9.34 9.39 -9.93
C GLN A 69 8.04 9.69 -10.66
N ASP A 70 8.10 9.74 -11.98
CA ASP A 70 6.94 10.08 -12.80
C ASP A 70 6.29 8.80 -13.33
N TRP A 71 5.49 8.93 -14.38
CA TRP A 71 4.80 7.78 -14.94
C TRP A 71 5.27 7.47 -16.35
N ASN A 72 4.81 6.34 -16.88
CA ASN A 72 5.27 5.82 -18.17
C ASN A 72 4.58 6.52 -19.34
N GLY A 73 3.31 6.22 -19.53
CA GLY A 73 2.58 6.80 -20.65
C GLY A 73 1.39 7.63 -20.20
N ASP A 74 0.41 6.98 -19.60
CA ASP A 74 -0.80 7.66 -19.19
C ASP A 74 -1.35 7.04 -17.93
N PRO A 75 -1.72 7.89 -16.95
CA PRO A 75 -2.35 7.45 -15.69
C PRO A 75 -3.68 6.72 -15.90
N GLN A 76 -4.28 6.86 -17.08
CA GLN A 76 -5.54 6.20 -17.38
C GLN A 76 -5.32 4.70 -17.59
N ARG A 77 -4.07 4.31 -17.72
CA ARG A 77 -3.72 2.91 -17.87
C ARG A 77 -3.47 2.30 -16.51
N PRO A 78 -3.78 1.00 -16.37
CA PRO A 78 -3.54 0.25 -15.13
C PRO A 78 -2.12 0.39 -14.62
N PHE A 79 -1.97 0.36 -13.31
CA PHE A 79 -0.67 0.34 -12.67
C PHE A 79 -0.55 -0.94 -11.86
N GLU A 80 0.61 -1.58 -11.91
CA GLU A 80 0.78 -2.84 -11.21
C GLU A 80 1.59 -2.64 -9.94
N ALA A 81 1.04 -3.08 -8.82
CA ALA A 81 1.72 -3.01 -7.55
C ALA A 81 2.20 -4.40 -7.15
N ARG A 82 3.51 -4.58 -7.11
CA ARG A 82 4.09 -5.87 -6.79
C ARG A 82 4.89 -5.78 -5.48
N LEU A 83 4.47 -6.56 -4.49
CA LEU A 83 5.10 -6.57 -3.17
C LEU A 83 5.88 -7.87 -2.97
N TYR A 84 7.19 -7.73 -2.77
CA TYR A 84 8.05 -8.89 -2.52
C TYR A 84 8.21 -9.13 -1.03
N LEU A 85 7.76 -10.28 -0.55
CA LEU A 85 8.03 -10.70 0.83
C LEU A 85 9.15 -11.72 0.82
N GLY A 86 9.35 -12.31 -0.34
CA GLY A 86 10.39 -13.28 -0.54
C GLY A 86 10.58 -13.54 -2.02
N LEU A 87 11.18 -14.67 -2.37
CA LEU A 87 11.33 -15.01 -3.77
C LEU A 87 10.03 -15.62 -4.29
N ASP A 88 9.35 -16.36 -3.42
CA ASP A 88 8.09 -17.01 -3.80
C ASP A 88 6.90 -16.17 -3.35
N VAL A 89 6.94 -15.68 -2.11
CA VAL A 89 5.81 -14.93 -1.57
C VAL A 89 5.73 -13.57 -2.24
N LEU A 90 4.85 -13.47 -3.23
CA LEU A 90 4.74 -12.28 -4.03
C LEU A 90 3.29 -11.83 -4.12
N ILE A 91 2.98 -10.69 -3.54
CA ILE A 91 1.63 -10.14 -3.60
C ILE A 91 1.55 -9.17 -4.75
N ARG A 92 0.86 -9.57 -5.80
CA ARG A 92 0.72 -8.72 -6.97
C ARG A 92 -0.74 -8.33 -7.15
N MET A 93 -0.99 -7.04 -7.29
CA MET A 93 -2.35 -6.52 -7.45
C MET A 93 -2.35 -5.45 -8.53
N GLU A 94 -3.49 -5.25 -9.16
CA GLU A 94 -3.60 -4.31 -10.25
C GLU A 94 -4.46 -3.13 -9.82
N ILE A 95 -3.89 -1.94 -9.83
CA ILE A 95 -4.52 -0.76 -9.28
C ILE A 95 -4.65 0.34 -10.32
N SER A 96 -5.53 1.29 -10.05
CA SER A 96 -5.68 2.46 -10.91
C SER A 96 -5.45 3.73 -10.09
N LEU A 97 -4.55 4.58 -10.56
CA LEU A 97 -4.20 5.81 -9.85
C LEU A 97 -5.40 6.75 -9.77
N ALA A 98 -5.78 7.11 -8.54
CA ALA A 98 -6.93 7.97 -8.32
C ALA A 98 -6.49 9.43 -8.17
N TRP A 99 -5.59 9.69 -7.25
CA TRP A 99 -5.10 11.04 -7.01
C TRP A 99 -3.63 11.04 -6.61
N ALA A 100 -2.90 12.05 -7.05
CA ALA A 100 -1.49 12.20 -6.71
C ALA A 100 -1.21 13.60 -6.18
N ARG A 101 -0.74 13.69 -4.94
CA ARG A 101 -0.48 14.98 -4.31
C ARG A 101 0.96 15.07 -3.81
N ASP A 102 1.79 15.79 -4.56
CA ASP A 102 3.17 16.08 -4.20
C ASP A 102 4.02 14.80 -4.19
N GLY A 103 3.98 14.08 -3.09
CA GLY A 103 4.73 12.85 -2.97
C GLY A 103 3.86 11.69 -2.51
N LEU A 104 2.62 11.98 -2.19
CA LEU A 104 1.68 10.96 -1.74
C LEU A 104 0.69 10.64 -2.84
N LEU A 105 0.66 9.38 -3.25
CA LEU A 105 -0.24 8.96 -4.31
C LEU A 105 -1.21 7.91 -3.81
N GLY A 106 -2.49 8.14 -4.06
CA GLY A 106 -3.51 7.21 -3.65
C GLY A 106 -4.08 6.46 -4.84
N PHE A 107 -3.94 5.14 -4.82
CA PHE A 107 -4.42 4.30 -5.89
C PHE A 107 -5.66 3.55 -5.46
N GLU A 108 -6.63 3.46 -6.36
CA GLU A 108 -7.81 2.64 -6.14
C GLU A 108 -7.50 1.20 -6.51
N CYS A 109 -7.78 0.30 -5.59
CA CYS A 109 -7.55 -1.12 -5.82
C CYS A 109 -8.58 -1.66 -6.81
N GLN A 110 -8.15 -1.84 -8.05
CA GLN A 110 -9.06 -2.21 -9.11
C GLN A 110 -9.26 -3.72 -9.18
N HIS A 111 -8.17 -4.44 -9.35
CA HIS A 111 -8.23 -5.89 -9.50
C HIS A 111 -7.32 -6.57 -8.49
N ILE A 112 -7.92 -7.08 -7.43
CA ILE A 112 -7.20 -7.86 -6.44
C ILE A 112 -7.72 -9.28 -6.48
N ASP A 113 -6.90 -10.21 -6.94
CA ASP A 113 -7.32 -11.60 -7.09
C ASP A 113 -7.31 -12.32 -5.75
N LEU A 114 -7.90 -13.50 -5.71
CA LEU A 114 -8.07 -14.25 -4.48
C LEU A 114 -6.74 -14.64 -3.83
N ASP A 115 -5.72 -14.89 -4.64
CA ASP A 115 -4.43 -15.28 -4.11
C ASP A 115 -3.76 -14.09 -3.45
N SER A 116 -3.98 -12.92 -4.02
CA SER A 116 -3.44 -11.68 -3.48
C SER A 116 -4.11 -11.39 -2.14
N ILE A 117 -5.43 -11.49 -2.12
CA ILE A 117 -6.21 -11.26 -0.91
C ILE A 117 -5.81 -12.24 0.20
N SER A 118 -5.61 -13.50 -0.18
CA SER A 118 -5.24 -14.54 0.78
C SER A 118 -3.91 -14.19 1.46
N HIS A 119 -2.89 -13.89 0.66
CA HIS A 119 -1.59 -13.50 1.20
C HIS A 119 -1.71 -12.22 2.03
N LEU A 120 -2.39 -11.24 1.46
CA LEU A 120 -2.49 -9.91 2.04
C LEU A 120 -3.19 -9.94 3.41
N ARG A 121 -4.41 -10.48 3.44
CA ARG A 121 -5.19 -10.44 4.67
C ARG A 121 -4.55 -11.28 5.77
N ARG A 122 -3.99 -12.42 5.40
CA ARG A 122 -3.35 -13.29 6.38
C ARG A 122 -2.09 -12.66 6.94
N LEU A 123 -1.46 -11.80 6.16
CA LEU A 123 -0.29 -11.08 6.64
C LEU A 123 -0.70 -10.10 7.74
N VAL A 124 -1.85 -9.47 7.54
CA VAL A 124 -2.42 -8.59 8.57
C VAL A 124 -2.86 -9.43 9.77
N GLU A 125 -3.44 -10.60 9.48
CA GLU A 125 -3.92 -11.51 10.51
C GLU A 125 -2.78 -12.00 11.39
N LEU A 126 -1.64 -12.31 10.77
CA LEU A 126 -0.46 -12.76 11.51
C LEU A 126 0.05 -11.68 12.47
N ASN A 127 -0.06 -10.43 12.06
CA ASN A 127 0.43 -9.32 12.87
C ASN A 127 -0.69 -8.76 13.75
N LEU A 128 -1.87 -9.38 13.66
CA LEU A 128 -3.04 -8.97 14.45
C LEU A 128 -3.37 -7.50 14.20
N GLY A 129 -3.21 -7.08 12.94
CA GLY A 129 -3.44 -5.69 12.60
C GLY A 129 -4.89 -5.26 12.74
N ASP A 130 -5.79 -6.23 12.59
CA ASP A 130 -7.24 -5.99 12.64
C ASP A 130 -7.69 -5.25 11.39
N GLU A 131 -8.93 -5.47 10.98
CA GLU A 131 -9.41 -4.93 9.72
C GLU A 131 -9.98 -3.53 9.86
N GLU A 132 -10.00 -2.96 11.07
CA GLU A 132 -10.40 -1.56 11.24
C GLU A 132 -9.52 -0.67 10.38
N LEU A 133 -8.23 -0.96 10.41
CA LEU A 133 -7.24 -0.23 9.63
C LEU A 133 -7.53 -0.40 8.14
N LEU A 134 -8.08 -1.56 7.81
CA LEU A 134 -8.34 -1.92 6.42
C LEU A 134 -9.76 -1.58 5.98
N GLU A 135 -10.55 -0.98 6.87
CA GLU A 135 -11.96 -0.72 6.57
C GLU A 135 -12.38 0.73 6.89
N ARG A 136 -11.44 1.66 6.84
CA ARG A 136 -11.79 3.07 6.98
C ARG A 136 -12.37 3.59 5.67
N GLU A 137 -11.49 4.20 4.87
CA GLU A 137 -11.79 4.64 3.50
C GLU A 137 -10.48 5.14 2.91
N LEU A 138 -10.44 5.38 1.61
CA LEU A 138 -9.22 5.91 0.99
C LEU A 138 -8.94 7.31 1.52
N ALA A 139 -9.94 8.17 1.48
CA ALA A 139 -9.84 9.52 2.03
C ALA A 139 -9.65 9.51 3.54
N LEU A 140 -9.99 8.38 4.19
CA LEU A 140 -9.82 8.26 5.63
C LEU A 140 -8.50 7.57 5.96
N LEU A 141 -7.72 7.26 4.93
CA LEU A 141 -6.48 6.54 5.11
C LEU A 141 -5.31 7.50 5.13
N VAL A 142 -4.74 7.67 6.31
CA VAL A 142 -3.57 8.52 6.47
C VAL A 142 -2.31 7.71 6.23
N SER A 143 -1.17 8.38 6.18
CA SER A 143 0.08 7.70 5.97
C SER A 143 0.83 7.53 7.28
N ALA A 144 1.91 6.75 7.23
CA ALA A 144 2.75 6.48 8.39
C ALA A 144 3.22 7.73 9.14
N HIS A 145 3.10 8.91 8.53
CA HIS A 145 3.55 10.13 9.21
C HIS A 145 2.37 10.93 9.77
N ASP A 146 1.16 10.46 9.53
CA ASP A 146 -0.03 11.18 9.99
C ASP A 146 -0.54 10.62 11.30
N ASP A 147 -0.04 11.13 12.41
CA ASP A 147 -0.52 10.73 13.72
C ASP A 147 -1.48 11.77 14.24
#